data_7JOJ
# 
_entry.id   7JOJ 
# 
_audit_conform.dict_name       mmcif_pdbx.dic 
_audit_conform.dict_version    5.380 
_audit_conform.dict_location   http://mmcif.pdb.org/dictionaries/ascii/mmcif_pdbx.dic 
# 
loop_
_database_2.database_id 
_database_2.database_code 
_database_2.pdbx_database_accession 
_database_2.pdbx_DOI 
PDB   7JOJ         pdb_00007joj 10.2210/pdb7joj/pdb 
WWPDB D_1000250934 ?            ?                   
# 
_pdbx_database_status.status_code                     REL 
_pdbx_database_status.status_code_sf                  REL 
_pdbx_database_status.status_code_mr                  ? 
_pdbx_database_status.entry_id                        7JOJ 
_pdbx_database_status.recvd_initial_deposition_date   2020-08-06 
_pdbx_database_status.SG_entry                        N 
_pdbx_database_status.deposit_site                    RCSB 
_pdbx_database_status.process_site                    RCSB 
_pdbx_database_status.status_code_cs                  ? 
_pdbx_database_status.status_code_nmr_data            ? 
_pdbx_database_status.methods_development_category    ? 
_pdbx_database_status.pdb_format_compatible           Y 
# 
loop_
_audit_author.name 
_audit_author.pdbx_ordinal 
_audit_author.identifier_ORCID 
'Simmons, C.R.'      1 0000-0002-2290-6132 
'MacCulloch, T.'     2 0000-0001-5875-3361 
'Stephanopoulos, N.' 3 0000-0001-7859-410X 
'Yan, H.'            4 0000-0001-7397-9852 
# 
_citation.abstract                  ? 
_citation.abstract_id_CAS           ? 
_citation.book_id_ISBN              ? 
_citation.book_publisher            ? 
_citation.book_publisher_city       ? 
_citation.book_title                ? 
_citation.coordinate_linkage        ? 
_citation.country                   UK 
_citation.database_id_Medline       ? 
_citation.details                   ? 
_citation.id                        primary 
_citation.journal_abbrev            'Nat Commun' 
_citation.journal_id_ASTM           ? 
_citation.journal_id_CSD            ? 
_citation.journal_id_ISSN           2041-1723 
_citation.journal_full              ? 
_citation.journal_issue             ? 
_citation.journal_volume            13 
_citation.language                  ? 
_citation.page_first                3112 
_citation.page_last                 3112 
_citation.title                     'The influence of Holliday junction sequence and dynamics on DNA crystal self-assembly.' 
_citation.year                      2022 
_citation.database_id_CSD           ? 
_citation.pdbx_database_id_DOI      10.1038/s41467-022-30779-6 
_citation.pdbx_database_id_PubMed   35662248 
_citation.unpublished_flag          ? 
# 
loop_
_citation_author.citation_id 
_citation_author.name 
_citation_author.ordinal 
_citation_author.identifier_ORCID 
primary 'Simmons, C.R.'      1  ?                   
primary 'MacCulloch, T.'     2  ?                   
primary 'Krepl, M.'          3  0000-0002-9833-4281 
primary 'Matthies, M.'       4  ?                   
primary 'Buchberger, A.'     5  ?                   
primary 'Crawford, I.'       6  ?                   
primary 'Sponer, J.'         7  0000-0001-6558-6186 
primary 'Sulc, P.'           8  0000-0003-1565-6769 
primary 'Stephanopoulos, N.' 9  0000-0001-7859-410X 
primary 'Yan, H.'            10 0000-0001-7397-9852 
# 
_cell.angle_alpha                  90.000 
_cell.angle_alpha_esd              ? 
_cell.angle_beta                   90.000 
_cell.angle_beta_esd               ? 
_cell.angle_gamma                  120.000 
_cell.angle_gamma_esd              ? 
_cell.entry_id                     7JOJ 
_cell.details                      ? 
_cell.formula_units_Z              ? 
_cell.length_a                     67.903 
_cell.length_a_esd                 ? 
_cell.length_b                     67.903 
_cell.length_b_esd                 ? 
_cell.length_c                     59.509 
_cell.length_c_esd                 ? 
_cell.volume                       ? 
_cell.volume_esd                   ? 
_cell.Z_PDB                        3 
_cell.reciprocal_angle_alpha       ? 
_cell.reciprocal_angle_beta        ? 
_cell.reciprocal_angle_gamma       ? 
_cell.reciprocal_angle_alpha_esd   ? 
_cell.reciprocal_angle_beta_esd    ? 
_cell.reciprocal_angle_gamma_esd   ? 
_cell.reciprocal_length_a          ? 
_cell.reciprocal_length_b          ? 
_cell.reciprocal_length_c          ? 
_cell.reciprocal_length_a_esd      ? 
_cell.reciprocal_length_b_esd      ? 
_cell.reciprocal_length_c_esd      ? 
_cell.pdbx_unique_axis             ? 
# 
_symmetry.entry_id                         7JOJ 
_symmetry.cell_setting                     ? 
_symmetry.Int_Tables_number                145 
_symmetry.space_group_name_Hall            ? 
_symmetry.space_group_name_H-M             'P 32' 
_symmetry.pdbx_full_space_group_name_H-M   ? 
# 
loop_
_entity.id 
_entity.type 
_entity.src_method 
_entity.pdbx_description 
_entity.formula_weight 
_entity.pdbx_number_of_molecules 
_entity.pdbx_ec 
_entity.pdbx_mutation 
_entity.pdbx_fragment 
_entity.details 
1 polymer     syn 
;DNA (5'-D(*GP*AP*GP*CP*AP*GP*AP*CP*AP*TP*GP*AP*CP*GP*TP*CP*AP*CP*TP*CP*A)-3')
;
6441.188 1 ? ? ? ? 
2 polymer     syn 
;DNA (5'-D(P*AP*CP*GP*TP*CP*A)-3')
;
1793.219 1 ? ? ? ? 
3 polymer     syn 
;DNA (5'-D(*TP*CP*TP*GP*AP*GP*TP*G)-3')
;
2457.627 1 ? ? ? ? 
4 polymer     syn 
;DNA (5'-D(P*TP*GP*TP*CP*TP*GP*C)-3')
;
2104.396 1 ? ? ? ? 
5 non-polymer syn 'CACODYLATE ION'                                                                136.989  1 ? ? ? ? 
# 
loop_
_entity_poly.entity_id 
_entity_poly.type 
_entity_poly.nstd_linkage 
_entity_poly.nstd_monomer 
_entity_poly.pdbx_seq_one_letter_code 
_entity_poly.pdbx_seq_one_letter_code_can 
_entity_poly.pdbx_strand_id 
_entity_poly.pdbx_target_identifier 
1 polydeoxyribonucleotide no no 
;(DG)(DA)(DG)(DC)(DA)(DG)(DA)(DC)(DA)(DT)(DG)(DA)(DC)(DG)(DT)(DC)(DA)(DC)(DT)(DC)
(DA)
;
GAGCAGACATGACGTCACTCA A ? 
2 polydeoxyribonucleotide no no '(DA)(DC)(DG)(DT)(DC)(DA)'                                                              ACGTCA B ? 
3 polydeoxyribonucleotide no no '(DT)(DC)(DT)(DG)(DA)(DG)(DT)(DG)'                                                      TCTGAGTG C 
? 
4 polydeoxyribonucleotide no no '(DT)(DG)(DT)(DC)(DT)(DG)(DC)'                                                          TGTCTGC D 
? 
# 
loop_
_entity_poly_seq.entity_id 
_entity_poly_seq.num 
_entity_poly_seq.mon_id 
_entity_poly_seq.hetero 
1 1  DG n 
1 2  DA n 
1 3  DG n 
1 4  DC n 
1 5  DA n 
1 6  DG n 
1 7  DA n 
1 8  DC n 
1 9  DA n 
1 10 DT n 
1 11 DG n 
1 12 DA n 
1 13 DC n 
1 14 DG n 
1 15 DT n 
1 16 DC n 
1 17 DA n 
1 18 DC n 
1 19 DT n 
1 20 DC n 
1 21 DA n 
2 1  DA n 
2 2  DC n 
2 3  DG n 
2 4  DT n 
2 5  DC n 
2 6  DA n 
3 1  DT n 
3 2  DC n 
3 3  DT n 
3 4  DG n 
3 5  DA n 
3 6  DG n 
3 7  DT n 
3 8  DG n 
4 1  DT n 
4 2  DG n 
4 3  DT n 
4 4  DC n 
4 5  DT n 
4 6  DG n 
4 7  DC n 
# 
loop_
_pdbx_entity_src_syn.entity_id 
_pdbx_entity_src_syn.pdbx_src_id 
_pdbx_entity_src_syn.pdbx_alt_source_flag 
_pdbx_entity_src_syn.pdbx_beg_seq_num 
_pdbx_entity_src_syn.pdbx_end_seq_num 
_pdbx_entity_src_syn.organism_scientific 
_pdbx_entity_src_syn.organism_common_name 
_pdbx_entity_src_syn.ncbi_taxonomy_id 
_pdbx_entity_src_syn.details 
1 1 sample 1 21 'synthetic construct' ? 32630 ? 
2 1 sample 1 6  'synthetic construct' ? 32630 ? 
3 1 sample 1 8  'synthetic construct' ? 32630 ? 
4 1 sample 1 7  'synthetic construct' ? 32630 ? 
# 
loop_
_struct_ref.id 
_struct_ref.db_name 
_struct_ref.db_code 
_struct_ref.pdbx_db_accession 
_struct_ref.pdbx_db_isoform 
_struct_ref.entity_id 
_struct_ref.pdbx_seq_one_letter_code 
_struct_ref.pdbx_align_begin 
1 PDB 7JOJ 7JOJ ? 1 ? 1 
2 PDB 7JOJ 7JOJ ? 2 ? 1 
3 PDB 7JOJ 7JOJ ? 3 ? 1 
4 PDB 7JOJ 7JOJ ? 4 ? 1 
# 
loop_
_struct_ref_seq.align_id 
_struct_ref_seq.ref_id 
_struct_ref_seq.pdbx_PDB_id_code 
_struct_ref_seq.pdbx_strand_id 
_struct_ref_seq.seq_align_beg 
_struct_ref_seq.pdbx_seq_align_beg_ins_code 
_struct_ref_seq.seq_align_end 
_struct_ref_seq.pdbx_seq_align_end_ins_code 
_struct_ref_seq.pdbx_db_accession 
_struct_ref_seq.db_align_beg 
_struct_ref_seq.pdbx_db_align_beg_ins_code 
_struct_ref_seq.db_align_end 
_struct_ref_seq.pdbx_db_align_end_ins_code 
_struct_ref_seq.pdbx_auth_seq_align_beg 
_struct_ref_seq.pdbx_auth_seq_align_end 
1 1 7JOJ A 1 ? 21 ? 7JOJ 1  ? 21 ? 1  21 
2 2 7JOJ B 1 ? 6  ? 7JOJ 0  ? 5  ? 0  5  
3 3 7JOJ C 1 ? 8  ? 7JOJ 1  ? 8  ? 1  8  
4 4 7JOJ D 1 ? 7  ? 7JOJ 10 ? 16 ? 10 16 
# 
loop_
_chem_comp.id 
_chem_comp.type 
_chem_comp.mon_nstd_flag 
_chem_comp.name 
_chem_comp.pdbx_synonyms 
_chem_comp.formula 
_chem_comp.formula_weight 
CAC non-polymer   . 'CACODYLATE ION'                     dimethylarsinate 'C2 H6 As O2 -1'  136.989 
DA  'DNA linking' y "2'-DEOXYADENOSINE-5'-MONOPHOSPHATE" ?                'C10 H14 N5 O6 P' 331.222 
DC  'DNA linking' y "2'-DEOXYCYTIDINE-5'-MONOPHOSPHATE"  ?                'C9 H14 N3 O7 P'  307.197 
DG  'DNA linking' y "2'-DEOXYGUANOSINE-5'-MONOPHOSPHATE" ?                'C10 H14 N5 O7 P' 347.221 
DT  'DNA linking' y "THYMIDINE-5'-MONOPHOSPHATE"         ?                'C10 H15 N2 O8 P' 322.208 
# 
_exptl.absorpt_coefficient_mu     ? 
_exptl.absorpt_correction_T_max   ? 
_exptl.absorpt_correction_T_min   ? 
_exptl.absorpt_correction_type    ? 
_exptl.absorpt_process_details    ? 
_exptl.entry_id                   7JOJ 
_exptl.crystals_number            1 
_exptl.details                    ? 
_exptl.method                     'X-RAY DIFFRACTION' 
_exptl.method_details             ? 
# 
_exptl_crystal.colour                      ? 
_exptl_crystal.density_diffrn              ? 
_exptl_crystal.density_Matthews            6.19 
_exptl_crystal.density_method              ? 
_exptl_crystal.density_percent_sol         80.13 
_exptl_crystal.description                 ? 
_exptl_crystal.F_000                       ? 
_exptl_crystal.id                          1 
_exptl_crystal.preparation                 ? 
_exptl_crystal.size_max                    ? 
_exptl_crystal.size_mid                    ? 
_exptl_crystal.size_min                    ? 
_exptl_crystal.size_rad                    ? 
_exptl_crystal.colour_lustre               ? 
_exptl_crystal.colour_modifier             ? 
_exptl_crystal.colour_primary              ? 
_exptl_crystal.density_meas                ? 
_exptl_crystal.density_meas_esd            ? 
_exptl_crystal.density_meas_gt             ? 
_exptl_crystal.density_meas_lt             ? 
_exptl_crystal.density_meas_temp           ? 
_exptl_crystal.density_meas_temp_esd       ? 
_exptl_crystal.density_meas_temp_gt        ? 
_exptl_crystal.density_meas_temp_lt        ? 
_exptl_crystal.pdbx_crystal_image_url      ? 
_exptl_crystal.pdbx_crystal_image_format   ? 
_exptl_crystal.pdbx_mosaicity              ? 
_exptl_crystal.pdbx_mosaicity_esd          ? 
# 
_exptl_crystal_grow.apparatus       ? 
_exptl_crystal_grow.atmosphere      ? 
_exptl_crystal_grow.crystal_id      1 
_exptl_crystal_grow.details         ? 
_exptl_crystal_grow.method          'VAPOR DIFFUSION, SITTING DROP' 
_exptl_crystal_grow.method_ref      ? 
_exptl_crystal_grow.pH              ? 
_exptl_crystal_grow.pressure        ? 
_exptl_crystal_grow.pressure_esd    ? 
_exptl_crystal_grow.seeding         ? 
_exptl_crystal_grow.seeding_ref     ? 
_exptl_crystal_grow.temp            298 
_exptl_crystal_grow.temp_details    'temperature gradient generated from 60 to 25 C at 0.3 degrees per hour' 
_exptl_crystal_grow.temp_esd        ? 
_exptl_crystal_grow.time            ? 
_exptl_crystal_grow.pdbx_details    
;0.5 mL of 0.05 M Cacodylate pH 6.5 with 1.0 mM spermine, 2.0 mM CoH18N6, 30 mM CaCl2, and 2.0 M LiCl was added to the reservoir with 2 uL added to the drop containing 4 uL of DNA stock
;
_exptl_crystal_grow.pdbx_pH_range   ? 
# 
_diffrn.ambient_environment              ? 
_diffrn.ambient_temp                     100 
_diffrn.ambient_temp_details             ? 
_diffrn.ambient_temp_esd                 ? 
_diffrn.crystal_id                       1 
_diffrn.crystal_support                  ? 
_diffrn.crystal_treatment                ? 
_diffrn.details                          ? 
_diffrn.id                               1 
_diffrn.ambient_pressure                 ? 
_diffrn.ambient_pressure_esd             ? 
_diffrn.ambient_pressure_gt              ? 
_diffrn.ambient_pressure_lt              ? 
_diffrn.ambient_temp_gt                  ? 
_diffrn.ambient_temp_lt                  ? 
_diffrn.pdbx_serial_crystal_experiment   N 
# 
_diffrn_detector.details                      ? 
_diffrn_detector.detector                     PIXEL 
_diffrn_detector.diffrn_id                    1 
_diffrn_detector.type                         'DECTRIS EIGER X 9M' 
_diffrn_detector.area_resol_mean              ? 
_diffrn_detector.dtime                        ? 
_diffrn_detector.pdbx_frames_total            ? 
_diffrn_detector.pdbx_collection_time_total   ? 
_diffrn_detector.pdbx_collection_date         2017-07-15 
_diffrn_detector.pdbx_frequency               ? 
# 
_diffrn_radiation.collimation                      ? 
_diffrn_radiation.diffrn_id                        1 
_diffrn_radiation.filter_edge                      ? 
_diffrn_radiation.inhomogeneity                    ? 
_diffrn_radiation.monochromator                    ? 
_diffrn_radiation.polarisn_norm                    ? 
_diffrn_radiation.polarisn_ratio                   ? 
_diffrn_radiation.probe                            ? 
_diffrn_radiation.type                             ? 
_diffrn_radiation.xray_symbol                      ? 
_diffrn_radiation.wavelength_id                    1 
_diffrn_radiation.pdbx_monochromatic_or_laue_m_l   M 
_diffrn_radiation.pdbx_wavelength_list             ? 
_diffrn_radiation.pdbx_wavelength                  ? 
_diffrn_radiation.pdbx_diffrn_protocol             'SINGLE WAVELENGTH' 
_diffrn_radiation.pdbx_analyzer                    ? 
_diffrn_radiation.pdbx_scattering_type             x-ray 
# 
_diffrn_radiation_wavelength.id           1 
_diffrn_radiation_wavelength.wavelength   0.92 
_diffrn_radiation_wavelength.wt           1.0 
# 
_diffrn_source.current                     ? 
_diffrn_source.details                     ? 
_diffrn_source.diffrn_id                   1 
_diffrn_source.power                       ? 
_diffrn_source.size                        ? 
_diffrn_source.source                      SYNCHROTRON 
_diffrn_source.target                      ? 
_diffrn_source.type                        'NSLS-II BEAMLINE 17-ID-1' 
_diffrn_source.voltage                     ? 
_diffrn_source.take-off_angle              ? 
_diffrn_source.pdbx_wavelength_list        0.92 
_diffrn_source.pdbx_wavelength             ? 
_diffrn_source.pdbx_synchrotron_beamline   17-ID-1 
_diffrn_source.pdbx_synchrotron_site       NSLS-II 
# 
_reflns.B_iso_Wilson_estimate            71.030 
_reflns.entry_id                         7JOJ 
_reflns.data_reduction_details           ? 
_reflns.data_reduction_method            ? 
_reflns.d_resolution_high                3.100 
_reflns.d_resolution_low                 50.000 
_reflns.details                          ? 
_reflns.limit_h_max                      ? 
_reflns.limit_h_min                      ? 
_reflns.limit_k_max                      ? 
_reflns.limit_k_min                      ? 
_reflns.limit_l_max                      ? 
_reflns.limit_l_min                      ? 
_reflns.number_all                       ? 
_reflns.number_obs                       4995 
_reflns.observed_criterion               ? 
_reflns.observed_criterion_F_max         ? 
_reflns.observed_criterion_F_min         ? 
_reflns.observed_criterion_I_max         ? 
_reflns.observed_criterion_I_min         ? 
_reflns.observed_criterion_sigma_F       ? 
_reflns.observed_criterion_sigma_I       ? 
_reflns.percent_possible_obs             90.300 
_reflns.R_free_details                   ? 
_reflns.Rmerge_F_all                     ? 
_reflns.Rmerge_F_obs                     ? 
_reflns.Friedel_coverage                 ? 
_reflns.number_gt                        ? 
_reflns.threshold_expression             ? 
_reflns.pdbx_redundancy                  8.600 
_reflns.pdbx_Rmerge_I_obs                0.153 
_reflns.pdbx_Rmerge_I_all                ? 
_reflns.pdbx_Rsym_value                  ? 
_reflns.pdbx_netI_over_av_sigmaI         ? 
_reflns.pdbx_netI_over_sigmaI            4.600 
_reflns.pdbx_res_netI_over_av_sigmaI_2   ? 
_reflns.pdbx_res_netI_over_sigmaI_2      ? 
_reflns.pdbx_chi_squared                 1.343 
_reflns.pdbx_scaling_rejects             ? 
_reflns.pdbx_d_res_high_opt              ? 
_reflns.pdbx_d_res_low_opt               ? 
_reflns.pdbx_d_res_opt_method            ? 
_reflns.phase_calculation_details        ? 
_reflns.pdbx_Rrim_I_all                  0.163 
_reflns.pdbx_Rpim_I_all                  0.054 
_reflns.pdbx_d_opt                       ? 
_reflns.pdbx_number_measured_all         43008 
_reflns.pdbx_diffrn_id                   1 
_reflns.pdbx_ordinal                     1 
_reflns.pdbx_CC_half                     ? 
_reflns.pdbx_CC_star                     ? 
_reflns.pdbx_R_split                     ? 
# 
loop_
_reflns_shell.d_res_high 
_reflns_shell.d_res_low 
_reflns_shell.meanI_over_sigI_all 
_reflns_shell.meanI_over_sigI_obs 
_reflns_shell.number_measured_all 
_reflns_shell.number_measured_obs 
_reflns_shell.number_possible 
_reflns_shell.number_unique_all 
_reflns_shell.number_unique_obs 
_reflns_shell.percent_possible_all 
_reflns_shell.percent_possible_obs 
_reflns_shell.Rmerge_F_all 
_reflns_shell.Rmerge_F_obs 
_reflns_shell.Rmerge_I_all 
_reflns_shell.Rmerge_I_obs 
_reflns_shell.meanI_over_sigI_gt 
_reflns_shell.meanI_over_uI_all 
_reflns_shell.meanI_over_uI_gt 
_reflns_shell.number_measured_gt 
_reflns_shell.number_unique_gt 
_reflns_shell.percent_possible_gt 
_reflns_shell.Rmerge_F_gt 
_reflns_shell.Rmerge_I_gt 
_reflns_shell.pdbx_redundancy 
_reflns_shell.pdbx_Rsym_value 
_reflns_shell.pdbx_chi_squared 
_reflns_shell.pdbx_netI_over_sigmaI_all 
_reflns_shell.pdbx_netI_over_sigmaI_obs 
_reflns_shell.pdbx_Rrim_I_all 
_reflns_shell.pdbx_Rpim_I_all 
_reflns_shell.pdbx_rejects 
_reflns_shell.pdbx_ordinal 
_reflns_shell.pdbx_diffrn_id 
_reflns_shell.pdbx_CC_half 
_reflns_shell.pdbx_CC_star 
_reflns_shell.pdbx_R_split 
3.100 3.150  ? ? ? ? ? ? 167 63.500  ? ? ? ? 0.548 ? ? ? ? ? ? ? ? 6.100  ? 0.387 ? ? 0.585 0.200 ? 1  1 0.962 ? ? 
3.150 3.210  ? ? ? ? ? ? 203 69.000  ? ? ? ? 0.279 ? ? ? ? ? ? ? ? 5.700  ? 0.593 ? ? 0.300 0.107 ? 2  1 0.982 ? ? 
3.210 3.270  ? ? ? ? ? ? 175 69.200  ? ? ? ? 0.258 ? ? ? ? ? ? ? ? 5.800  ? 0.872 ? ? 0.276 0.096 ? 3  1 0.987 ? ? 
3.270 3.340  ? ? ? ? ? ? 206 72.800  ? ? ? ? 0.223 ? ? ? ? ? ? ? ? 5.200  ? 1.079 ? ? 0.240 0.088 ? 4  1 0.988 ? ? 
3.340 3.410  ? ? ? ? ? ? 223 81.700  ? ? ? ? 0.216 ? ? ? ? ? ? ? ? 6.000  ? 0.976 ? ? 0.232 0.083 ? 5  1 0.994 ? ? 
3.410 3.490  ? ? ? ? ? ? 222 79.600  ? ? ? ? 0.334 ? ? ? ? ? ? ? ? 6.000  ? 0.486 ? ? 0.360 0.130 ? 6  1 0.984 ? ? 
3.490 3.580  ? ? ? ? ? ? 241 86.400  ? ? ? ? 0.388 ? ? ? ? ? ? ? ? 6.700  ? 0.537 ? ? 0.415 0.146 ? 7  1 0.978 ? ? 
3.580 3.680  ? ? ? ? ? ? 242 89.300  ? ? ? ? 0.387 ? ? ? ? ? ? ? ? 7.300  ? 0.443 ? ? 0.410 0.135 ? 8  1 0.977 ? ? 
3.680 3.780  ? ? ? ? ? ? 287 95.700  ? ? ? ? 0.411 ? ? ? ? ? ? ? ? 8.300  ? 0.427 ? ? 0.434 0.137 ? 9  1 0.977 ? ? 
3.780 3.910  ? ? ? ? ? ? 270 98.500  ? ? ? ? 0.444 ? ? ? ? ? ? ? ? 8.200  ? 0.445 ? ? 0.468 0.148 ? 10 1 0.968 ? ? 
3.910 4.040  ? ? ? ? ? ? 260 100.000 ? ? ? ? 0.397 ? ? ? ? ? ? ? ? 9.100  ? 0.471 ? ? 0.418 0.129 ? 11 1 0.976 ? ? 
4.040 4.210  ? ? ? ? ? ? 285 100.000 ? ? ? ? 0.343 ? ? ? ? ? ? ? ? 10.000 ? 0.547 ? ? 0.360 0.110 ? 12 1 0.976 ? ? 
4.210 4.400  ? ? ? ? ? ? 268 100.000 ? ? ? ? 0.330 ? ? ? ? ? ? ? ? 10.000 ? 0.552 ? ? 0.347 0.106 ? 13 1 0.977 ? ? 
4.400 4.630  ? ? ? ? ? ? 274 100.000 ? ? ? ? 0.323 ? ? ? ? ? ? ? ? 10.300 ? 0.538 ? ? 0.339 0.103 ? 14 1 0.986 ? ? 
4.630 4.920  ? ? ? ? ? ? 280 100.000 ? ? ? ? 0.252 ? ? ? ? ? ? ? ? 10.800 ? 0.655 ? ? 0.264 0.079 ? 15 1 0.989 ? ? 
4.920 5.300  ? ? ? ? ? ? 285 100.000 ? ? ? ? 0.204 ? ? ? ? ? ? ? ? 10.600 ? 0.900 ? ? 0.214 0.065 ? 16 1 0.990 ? ? 
5.300 5.830  ? ? ? ? ? ? 262 99.600  ? ? ? ? 0.153 ? ? ? ? ? ? ? ? 10.200 ? 1.361 ? ? 0.161 0.050 ? 17 1 0.991 ? ? 
5.830 6.670  ? ? ? ? ? ? 282 100.000 ? ? ? ? 0.132 ? ? ? ? ? ? ? ? 9.300  ? 1.983 ? ? 0.140 0.045 ? 18 1 0.989 ? ? 
6.670 8.400  ? ? ? ? ? ? 286 100.000 ? ? ? ? 0.087 ? ? ? ? ? ? ? ? 10.500 ? 2.016 ? ? 0.092 0.028 ? 19 1 0.997 ? ? 
8.400 50.000 ? ? ? ? ? ? 277 100.000 ? ? ? ? 0.101 ? ? ? ? ? ? ? ? 11.100 ? 7.527 ? ? 0.108 0.036 ? 20 1 0.948 ? ? 
# 
_refine.aniso_B[1][1]                            ? 
_refine.aniso_B[1][2]                            ? 
_refine.aniso_B[1][3]                            ? 
_refine.aniso_B[2][2]                            ? 
_refine.aniso_B[2][3]                            ? 
_refine.aniso_B[3][3]                            ? 
_refine.B_iso_max                                173.340 
_refine.B_iso_mean                               76.1475 
_refine.B_iso_min                                29.770 
_refine.correlation_coeff_Fo_to_Fc               ? 
_refine.correlation_coeff_Fo_to_Fc_free          ? 
_refine.details                                  ? 
_refine.diff_density_max                         ? 
_refine.diff_density_max_esd                     ? 
_refine.diff_density_min                         ? 
_refine.diff_density_min_esd                     ? 
_refine.diff_density_rms                         ? 
_refine.diff_density_rms_esd                     ? 
_refine.entry_id                                 7JOJ 
_refine.pdbx_refine_id                           'X-RAY DIFFRACTION' 
_refine.ls_abs_structure_details                 ? 
_refine.ls_abs_structure_Flack                   ? 
_refine.ls_abs_structure_Flack_esd               ? 
_refine.ls_abs_structure_Rogers                  ? 
_refine.ls_abs_structure_Rogers_esd              ? 
_refine.ls_d_res_high                            3.1080 
_refine.ls_d_res_low                             33.9520 
_refine.ls_extinction_coef                       ? 
_refine.ls_extinction_coef_esd                   ? 
_refine.ls_extinction_expression                 ? 
_refine.ls_extinction_method                     ? 
_refine.ls_goodness_of_fit_all                   ? 
_refine.ls_goodness_of_fit_all_esd               ? 
_refine.ls_goodness_of_fit_obs                   ? 
_refine.ls_goodness_of_fit_obs_esd               ? 
_refine.ls_hydrogen_treatment                    ? 
_refine.ls_matrix_type                           ? 
_refine.ls_number_constraints                    ? 
_refine.ls_number_parameters                     ? 
_refine.ls_number_reflns_all                     ? 
_refine.ls_number_reflns_obs                     4921 
_refine.ls_number_reflns_R_free                  243 
_refine.ls_number_reflns_R_work                  4678 
_refine.ls_number_restraints                     ? 
_refine.ls_percent_reflns_obs                    89.2300 
_refine.ls_percent_reflns_R_free                 4.9400 
_refine.ls_R_factor_all                          ? 
_refine.ls_R_factor_obs                          0.1945 
_refine.ls_R_factor_R_free                       0.2230 
_refine.ls_R_factor_R_free_error                 ? 
_refine.ls_R_factor_R_free_error_details         ? 
_refine.ls_R_factor_R_work                       0.1931 
_refine.ls_R_Fsqd_factor_obs                     ? 
_refine.ls_R_I_factor_obs                        ? 
_refine.ls_redundancy_reflns_all                 ? 
_refine.ls_redundancy_reflns_obs                 ? 
_refine.ls_restrained_S_all                      ? 
_refine.ls_restrained_S_obs                      ? 
_refine.ls_shift_over_esd_max                    ? 
_refine.ls_shift_over_esd_mean                   ? 
_refine.ls_structure_factor_coef                 ? 
_refine.ls_weighting_details                     ? 
_refine.ls_weighting_scheme                      ? 
_refine.ls_wR_factor_all                         ? 
_refine.ls_wR_factor_obs                         ? 
_refine.ls_wR_factor_R_free                      ? 
_refine.ls_wR_factor_R_work                      ? 
_refine.occupancy_max                            ? 
_refine.occupancy_min                            ? 
_refine.solvent_model_details                    'FLAT BULK SOLVENT MODEL' 
_refine.solvent_model_param_bsol                 ? 
_refine.solvent_model_param_ksol                 ? 
_refine.pdbx_R_complete                          ? 
_refine.ls_R_factor_gt                           ? 
_refine.ls_goodness_of_fit_gt                    ? 
_refine.ls_goodness_of_fit_ref                   ? 
_refine.ls_shift_over_su_max                     ? 
_refine.ls_shift_over_su_max_lt                  ? 
_refine.ls_shift_over_su_mean                    ? 
_refine.ls_shift_over_su_mean_lt                 ? 
_refine.pdbx_ls_sigma_I                          ? 
_refine.pdbx_ls_sigma_F                          2.020 
_refine.pdbx_ls_sigma_Fsqd                       ? 
_refine.pdbx_data_cutoff_high_absF               ? 
_refine.pdbx_data_cutoff_high_rms_absF           ? 
_refine.pdbx_data_cutoff_low_absF                ? 
_refine.pdbx_isotropic_thermal_model             ? 
_refine.pdbx_ls_cross_valid_method               THROUGHOUT 
_refine.pdbx_method_to_determine_struct          'MOLECULAR REPLACEMENT' 
_refine.pdbx_starting_model                      5VY6 
_refine.pdbx_stereochemistry_target_values       ML 
_refine.pdbx_R_Free_selection_details            ? 
_refine.pdbx_stereochem_target_val_spec_case     ? 
_refine.pdbx_overall_ESU_R                       ? 
_refine.pdbx_overall_ESU_R_Free                  ? 
_refine.pdbx_solvent_vdw_probe_radii             1.1100 
_refine.pdbx_solvent_ion_probe_radii             ? 
_refine.pdbx_solvent_shrinkage_radii             0.9000 
_refine.pdbx_real_space_R                        ? 
_refine.pdbx_density_correlation                 ? 
_refine.pdbx_pd_number_of_powder_patterns        ? 
_refine.pdbx_pd_number_of_points                 ? 
_refine.pdbx_pd_meas_number_of_points            ? 
_refine.pdbx_pd_proc_ls_prof_R_factor            ? 
_refine.pdbx_pd_proc_ls_prof_wR_factor           ? 
_refine.pdbx_pd_Marquardt_correlation_coeff      ? 
_refine.pdbx_pd_Fsqrd_R_factor                   ? 
_refine.pdbx_pd_ls_matrix_band_width             ? 
_refine.pdbx_overall_phase_error                 24.5900 
_refine.pdbx_overall_SU_R_free_Cruickshank_DPI   ? 
_refine.pdbx_overall_SU_R_free_Blow_DPI          ? 
_refine.pdbx_overall_SU_R_Blow_DPI               ? 
_refine.pdbx_TLS_residual_ADP_flag               ? 
_refine.pdbx_diffrn_id                           1 
_refine.overall_SU_B                             ? 
_refine.overall_SU_ML                            0.1000 
_refine.overall_SU_R_Cruickshank_DPI             ? 
_refine.overall_SU_R_free                        ? 
_refine.overall_FOM_free_R_set                   ? 
_refine.overall_FOM_work_R_set                   ? 
_refine.pdbx_average_fsc_overall                 ? 
_refine.pdbx_average_fsc_work                    ? 
_refine.pdbx_average_fsc_free                    ? 
# 
_refine_hist.pdbx_refine_id                   'X-RAY DIFFRACTION' 
_refine_hist.cycle_id                         final 
_refine_hist.details                          ? 
_refine_hist.d_res_high                       3.1080 
_refine_hist.d_res_low                        33.9520 
_refine_hist.number_atoms_solvent             0 
_refine_hist.number_atoms_total               856 
_refine_hist.number_reflns_all                ? 
_refine_hist.number_reflns_obs                ? 
_refine_hist.number_reflns_R_free             ? 
_refine_hist.number_reflns_R_work             ? 
_refine_hist.R_factor_all                     ? 
_refine_hist.R_factor_obs                     ? 
_refine_hist.R_factor_R_free                  ? 
_refine_hist.R_factor_R_work                  ? 
_refine_hist.pdbx_number_residues_total       42 
_refine_hist.pdbx_B_iso_mean_ligand           173.34 
_refine_hist.pdbx_B_iso_mean_solvent          ? 
_refine_hist.pdbx_number_atoms_protein        0 
_refine_hist.pdbx_number_atoms_nucleic_acid   855 
_refine_hist.pdbx_number_atoms_ligand         1 
_refine_hist.pdbx_number_atoms_lipid          ? 
_refine_hist.pdbx_number_atoms_carb           ? 
_refine_hist.pdbx_pseudo_atom_details         ? 
# 
loop_
_refine_ls_restr.pdbx_refine_id 
_refine_ls_restr.criterion 
_refine_ls_restr.dev_ideal 
_refine_ls_restr.dev_ideal_target 
_refine_ls_restr.number 
_refine_ls_restr.rejects 
_refine_ls_restr.type 
_refine_ls_restr.weight 
_refine_ls_restr.pdbx_restraint_function 
'X-RAY DIFFRACTION' ? 0.007  ? 956  ? f_bond_d           ? ? 
'X-RAY DIFFRACTION' ? 0.735  ? 1467 ? f_angle_d          ? ? 
'X-RAY DIFFRACTION' ? 0.036  ? 166  ? f_chiral_restr     ? ? 
'X-RAY DIFFRACTION' ? 0.004  ? 42   ? f_plane_restr      ? ? 
'X-RAY DIFFRACTION' ? 34.269 ? 406  ? f_dihedral_angle_d ? ? 
# 
loop_
_refine_ls_shell.pdbx_refine_id 
_refine_ls_shell.d_res_high 
_refine_ls_shell.d_res_low 
_refine_ls_shell.number_reflns_all 
_refine_ls_shell.number_reflns_obs 
_refine_ls_shell.number_reflns_R_free 
_refine_ls_shell.number_reflns_R_work 
_refine_ls_shell.percent_reflns_obs 
_refine_ls_shell.percent_reflns_R_free 
_refine_ls_shell.R_factor_all 
_refine_ls_shell.R_factor_obs 
_refine_ls_shell.R_factor_R_free 
_refine_ls_shell.R_factor_R_free_error 
_refine_ls_shell.R_factor_R_work 
_refine_ls_shell.redundancy_reflns_all 
_refine_ls_shell.redundancy_reflns_obs 
_refine_ls_shell.wR_factor_all 
_refine_ls_shell.wR_factor_obs 
_refine_ls_shell.wR_factor_R_free 
_refine_ls_shell.wR_factor_R_work 
_refine_ls_shell.pdbx_R_complete 
_refine_ls_shell.pdbx_total_number_of_bins_used 
_refine_ls_shell.pdbx_phase_error 
_refine_ls_shell.pdbx_fsc_work 
_refine_ls_shell.pdbx_fsc_free 
'X-RAY DIFFRACTION' 3.108  3.9143 . . 104 2072 79.0000  . . . 0.2961 0.0000 0.2899 . . . . . . . . . . . 
'X-RAY DIFFRACTION' 3.9143 33.952 . . 139 2606 100.0000 . . . 0.1948 0.0000 0.1602 . . . . . . . . . . . 
# 
_struct.entry_id                     7JOJ 
_struct.title                        
'Self-assembly of a 3D DNA crystal lattice (4x6 duplex version) containing the J28 immobile Holliday junction' 
_struct.pdbx_model_details           ? 
_struct.pdbx_formula_weight          ? 
_struct.pdbx_formula_weight_method   ? 
_struct.pdbx_model_type_details      ? 
_struct.pdbx_CASP_flag               N 
# 
_struct_keywords.entry_id        7JOJ 
_struct_keywords.text            
'Structural DNA nanotechnology, immobile Holliday junctions, 3D DNA self-assembly, designer DNA crystals, DNA' 
_struct_keywords.pdbx_keywords   DNA 
# 
loop_
_struct_asym.id 
_struct_asym.pdbx_blank_PDB_chainid_flag 
_struct_asym.pdbx_modified 
_struct_asym.entity_id 
_struct_asym.details 
A N N 1 ? 
B N N 2 ? 
C N N 3 ? 
D N N 4 ? 
E N N 5 ? 
# 
loop_
_struct_conn.id 
_struct_conn.conn_type_id 
_struct_conn.pdbx_leaving_atom_flag 
_struct_conn.pdbx_PDB_id 
_struct_conn.ptnr1_label_asym_id 
_struct_conn.ptnr1_label_comp_id 
_struct_conn.ptnr1_label_seq_id 
_struct_conn.ptnr1_label_atom_id 
_struct_conn.pdbx_ptnr1_label_alt_id 
_struct_conn.pdbx_ptnr1_PDB_ins_code 
_struct_conn.pdbx_ptnr1_standard_comp_id 
_struct_conn.ptnr1_symmetry 
_struct_conn.ptnr2_label_asym_id 
_struct_conn.ptnr2_label_comp_id 
_struct_conn.ptnr2_label_seq_id 
_struct_conn.ptnr2_label_atom_id 
_struct_conn.pdbx_ptnr2_label_alt_id 
_struct_conn.pdbx_ptnr2_PDB_ins_code 
_struct_conn.ptnr1_auth_asym_id 
_struct_conn.ptnr1_auth_comp_id 
_struct_conn.ptnr1_auth_seq_id 
_struct_conn.ptnr2_auth_asym_id 
_struct_conn.ptnr2_auth_comp_id 
_struct_conn.ptnr2_auth_seq_id 
_struct_conn.ptnr2_symmetry 
_struct_conn.pdbx_ptnr3_label_atom_id 
_struct_conn.pdbx_ptnr3_label_seq_id 
_struct_conn.pdbx_ptnr3_label_comp_id 
_struct_conn.pdbx_ptnr3_label_asym_id 
_struct_conn.pdbx_ptnr3_label_alt_id 
_struct_conn.pdbx_ptnr3_PDB_ins_code 
_struct_conn.details 
_struct_conn.pdbx_dist_value 
_struct_conn.pdbx_value_order 
_struct_conn.pdbx_role 
hydrog1  hydrog ? ? A DG 3  N1 ? ? ? 1_555 D DC 7 N3 ? ? A DG 3  D DC 16 1_555 ? ? ? ? ? ? WATSON-CRICK ? ? ? 
hydrog2  hydrog ? ? A DG 3  N2 ? ? ? 1_555 D DC 7 O2 ? ? A DG 3  D DC 16 1_555 ? ? ? ? ? ? WATSON-CRICK ? ? ? 
hydrog3  hydrog ? ? A DG 3  O6 ? ? ? 1_555 D DC 7 N4 ? ? A DG 3  D DC 16 1_555 ? ? ? ? ? ? WATSON-CRICK ? ? ? 
hydrog4  hydrog ? ? A DC 4  N3 ? ? ? 1_555 D DG 6 N1 ? ? A DC 4  D DG 15 1_555 ? ? ? ? ? ? WATSON-CRICK ? ? ? 
hydrog5  hydrog ? ? A DC 4  N4 ? ? ? 1_555 D DG 6 O6 ? ? A DC 4  D DG 15 1_555 ? ? ? ? ? ? WATSON-CRICK ? ? ? 
hydrog6  hydrog ? ? A DC 4  O2 ? ? ? 1_555 D DG 6 N2 ? ? A DC 4  D DG 15 1_555 ? ? ? ? ? ? WATSON-CRICK ? ? ? 
hydrog7  hydrog ? ? A DA 5  N1 ? ? ? 1_555 D DT 5 N3 ? ? A DA 5  D DT 14 1_555 ? ? ? ? ? ? WATSON-CRICK ? ? ? 
hydrog8  hydrog ? ? A DA 5  N6 ? ? ? 1_555 D DT 5 O4 ? ? A DA 5  D DT 14 1_555 ? ? ? ? ? ? WATSON-CRICK ? ? ? 
hydrog9  hydrog ? ? A DG 6  N1 ? ? ? 1_555 D DC 4 N3 ? ? A DG 6  D DC 13 1_555 ? ? ? ? ? ? WATSON-CRICK ? ? ? 
hydrog10 hydrog ? ? A DG 6  N2 ? ? ? 1_555 D DC 4 O2 ? ? A DG 6  D DC 13 1_555 ? ? ? ? ? ? WATSON-CRICK ? ? ? 
hydrog11 hydrog ? ? A DG 6  O6 ? ? ? 1_555 D DC 4 N4 ? ? A DG 6  D DC 13 1_555 ? ? ? ? ? ? WATSON-CRICK ? ? ? 
hydrog12 hydrog ? ? A DA 7  N1 ? ? ? 1_555 D DT 3 N3 ? ? A DA 7  D DT 12 1_555 ? ? ? ? ? ? WATSON-CRICK ? ? ? 
hydrog13 hydrog ? ? A DA 7  N6 ? ? ? 1_555 D DT 3 O4 ? ? A DA 7  D DT 12 1_555 ? ? ? ? ? ? WATSON-CRICK ? ? ? 
hydrog14 hydrog ? ? A DC 8  N3 ? ? ? 1_555 D DG 2 N1 ? ? A DC 8  D DG 11 1_555 ? ? ? ? ? ? WATSON-CRICK ? ? ? 
hydrog15 hydrog ? ? A DC 8  N4 ? ? ? 1_555 D DG 2 O6 ? ? A DC 8  D DG 11 1_555 ? ? ? ? ? ? WATSON-CRICK ? ? ? 
hydrog16 hydrog ? ? A DC 8  O2 ? ? ? 1_555 D DG 2 N2 ? ? A DC 8  D DG 11 1_555 ? ? ? ? ? ? WATSON-CRICK ? ? ? 
hydrog17 hydrog ? ? A DA 9  N1 ? ? ? 1_555 D DT 1 N3 ? ? A DA 9  D DT 10 1_555 ? ? ? ? ? ? WATSON-CRICK ? ? ? 
hydrog18 hydrog ? ? A DA 9  N6 ? ? ? 1_555 D DT 1 O4 ? ? A DA 9  D DT 10 1_555 ? ? ? ? ? ? WATSON-CRICK ? ? ? 
hydrog19 hydrog ? ? A DT 10 N3 ? ? ? 1_555 B DA 6 N1 ? ? A DT 10 B DA 5  1_555 ? ? ? ? ? ? 'DT-DA PAIR' ? ? ? 
hydrog20 hydrog ? ? A DG 11 N1 ? ? ? 1_555 B DC 5 N3 ? ? A DG 11 B DC 4  1_555 ? ? ? ? ? ? WATSON-CRICK ? ? ? 
hydrog21 hydrog ? ? A DG 11 N2 ? ? ? 1_555 B DC 5 O2 ? ? A DG 11 B DC 4  1_555 ? ? ? ? ? ? WATSON-CRICK ? ? ? 
hydrog22 hydrog ? ? A DG 11 O6 ? ? ? 1_555 B DC 5 N4 ? ? A DG 11 B DC 4  1_555 ? ? ? ? ? ? WATSON-CRICK ? ? ? 
hydrog23 hydrog ? ? A DA 12 N1 ? ? ? 1_555 B DT 4 N3 ? ? A DA 12 B DT 3  1_555 ? ? ? ? ? ? WATSON-CRICK ? ? ? 
hydrog24 hydrog ? ? A DA 12 N6 ? ? ? 1_555 B DT 4 O4 ? ? A DA 12 B DT 3  1_555 ? ? ? ? ? ? WATSON-CRICK ? ? ? 
hydrog25 hydrog ? ? A DC 13 N3 ? ? ? 1_555 B DG 3 N1 ? ? A DC 13 B DG 2  1_555 ? ? ? ? ? ? WATSON-CRICK ? ? ? 
hydrog26 hydrog ? ? A DC 13 N4 ? ? ? 1_555 B DG 3 O6 ? ? A DC 13 B DG 2  1_555 ? ? ? ? ? ? WATSON-CRICK ? ? ? 
hydrog27 hydrog ? ? A DC 13 O2 ? ? ? 1_555 B DG 3 N2 ? ? A DC 13 B DG 2  1_555 ? ? ? ? ? ? WATSON-CRICK ? ? ? 
hydrog28 hydrog ? ? A DG 14 N1 ? ? ? 1_555 B DC 2 N3 ? ? A DG 14 B DC 1  1_555 ? ? ? ? ? ? WATSON-CRICK ? ? ? 
hydrog29 hydrog ? ? A DG 14 N2 ? ? ? 1_555 B DC 2 O2 ? ? A DG 14 B DC 1  1_555 ? ? ? ? ? ? WATSON-CRICK ? ? ? 
hydrog30 hydrog ? ? A DG 14 O6 ? ? ? 1_555 B DC 2 N4 ? ? A DG 14 B DC 1  1_555 ? ? ? ? ? ? WATSON-CRICK ? ? ? 
hydrog31 hydrog ? ? A DT 15 N3 ? ? ? 1_555 B DA 1 N1 ? ? A DT 15 B DA 0  1_555 ? ? ? ? ? ? WATSON-CRICK ? ? ? 
hydrog32 hydrog ? ? A DT 15 O4 ? ? ? 1_555 B DA 1 N6 ? ? A DT 15 B DA 0  1_555 ? ? ? ? ? ? WATSON-CRICK ? ? ? 
hydrog33 hydrog ? ? A DC 16 N3 ? ? ? 1_555 C DG 8 N1 ? ? A DC 16 C DG 8  1_555 ? ? ? ? ? ? WATSON-CRICK ? ? ? 
hydrog34 hydrog ? ? A DC 16 N4 ? ? ? 1_555 C DG 8 O6 ? ? A DC 16 C DG 8  1_555 ? ? ? ? ? ? WATSON-CRICK ? ? ? 
hydrog35 hydrog ? ? A DC 16 O2 ? ? ? 1_555 C DG 8 N2 ? ? A DC 16 C DG 8  1_555 ? ? ? ? ? ? WATSON-CRICK ? ? ? 
hydrog36 hydrog ? ? A DA 17 N1 ? ? ? 1_555 C DT 7 N3 ? ? A DA 17 C DT 7  1_555 ? ? ? ? ? ? WATSON-CRICK ? ? ? 
hydrog37 hydrog ? ? A DA 17 N6 ? ? ? 1_555 C DT 7 O4 ? ? A DA 17 C DT 7  1_555 ? ? ? ? ? ? WATSON-CRICK ? ? ? 
hydrog38 hydrog ? ? A DC 18 N3 ? ? ? 1_555 C DG 6 N1 ? ? A DC 18 C DG 6  1_555 ? ? ? ? ? ? WATSON-CRICK ? ? ? 
hydrog39 hydrog ? ? A DC 18 N4 ? ? ? 1_555 C DG 6 O6 ? ? A DC 18 C DG 6  1_555 ? ? ? ? ? ? WATSON-CRICK ? ? ? 
hydrog40 hydrog ? ? A DC 18 O2 ? ? ? 1_555 C DG 6 N2 ? ? A DC 18 C DG 6  1_555 ? ? ? ? ? ? WATSON-CRICK ? ? ? 
hydrog41 hydrog ? ? A DT 19 N3 ? ? ? 1_555 C DA 5 N1 ? ? A DT 19 C DA 5  1_555 ? ? ? ? ? ? WATSON-CRICK ? ? ? 
hydrog42 hydrog ? ? A DT 19 O4 ? ? ? 1_555 C DA 5 N6 ? ? A DT 19 C DA 5  1_555 ? ? ? ? ? ? WATSON-CRICK ? ? ? 
hydrog43 hydrog ? ? A DC 20 N3 ? ? ? 1_555 C DG 4 N1 ? ? A DC 20 C DG 4  1_555 ? ? ? ? ? ? WATSON-CRICK ? ? ? 
hydrog44 hydrog ? ? A DC 20 N4 ? ? ? 1_555 C DG 4 O6 ? ? A DC 20 C DG 4  1_555 ? ? ? ? ? ? WATSON-CRICK ? ? ? 
hydrog45 hydrog ? ? A DC 20 O2 ? ? ? 1_555 C DG 4 N2 ? ? A DC 20 C DG 4  1_555 ? ? ? ? ? ? WATSON-CRICK ? ? ? 
hydrog46 hydrog ? ? A DA 21 N1 ? ? ? 1_555 C DT 3 N3 ? ? A DA 21 C DT 3  1_555 ? ? ? ? ? ? WATSON-CRICK ? ? ? 
hydrog47 hydrog ? ? A DA 21 N6 ? ? ? 1_555 C DT 3 O4 ? ? A DA 21 C DT 3  1_555 ? ? ? ? ? ? WATSON-CRICK ? ? ? 
# 
_struct_conn_type.id          hydrog 
_struct_conn_type.criteria    ? 
_struct_conn_type.reference   ? 
# 
_atom_sites.entry_id                    7JOJ 
_atom_sites.Cartn_transf_matrix[1][1]   ? 
_atom_sites.Cartn_transf_matrix[1][2]   ? 
_atom_sites.Cartn_transf_matrix[1][3]   ? 
_atom_sites.Cartn_transf_matrix[2][1]   ? 
_atom_sites.Cartn_transf_matrix[2][2]   ? 
_atom_sites.Cartn_transf_matrix[2][3]   ? 
_atom_sites.Cartn_transf_matrix[3][1]   ? 
_atom_sites.Cartn_transf_matrix[3][2]   ? 
_atom_sites.Cartn_transf_matrix[3][3]   ? 
_atom_sites.Cartn_transf_vector[1]      ? 
_atom_sites.Cartn_transf_vector[2]      ? 
_atom_sites.Cartn_transf_vector[3]      ? 
_atom_sites.fract_transf_matrix[1][1]   0.00146756 
_atom_sites.fract_transf_matrix[1][2]   0.01671863 
_atom_sites.fract_transf_matrix[1][3]   -0.00274213 
_atom_sites.fract_transf_matrix[2][1]   -0.01136945 
_atom_sites.fract_transf_matrix[2][2]   0.01074118 
_atom_sites.fract_transf_matrix[2][3]   0.00667327 
_atom_sites.fract_transf_matrix[3][1]   0.00946254 
_atom_sites.fract_transf_matrix[3][2]   0.00143481 
_atom_sites.fract_transf_matrix[3][3]   0.01381217 
_atom_sites.fract_transf_vector[1]      1.087448 
_atom_sites.fract_transf_vector[2]      1.129085 
_atom_sites.fract_transf_vector[3]      0.035847 
_atom_sites.solution_primary            ? 
_atom_sites.solution_secondary          ? 
_atom_sites.solution_hydrogens          ? 
_atom_sites.special_details             ? 
# 
loop_
_atom_type.symbol 
AS 
C  
N  
O  
P  
# 
loop_
_atom_site.group_PDB 
_atom_site.id 
_atom_site.type_symbol 
_atom_site.label_atom_id 
_atom_site.label_alt_id 
_atom_site.label_comp_id 
_atom_site.label_asym_id 
_atom_site.label_entity_id 
_atom_site.label_seq_id 
_atom_site.pdbx_PDB_ins_code 
_atom_site.Cartn_x 
_atom_site.Cartn_y 
_atom_site.Cartn_z 
_atom_site.occupancy 
_atom_site.B_iso_or_equiv 
_atom_site.pdbx_formal_charge 
_atom_site.auth_seq_id 
_atom_site.auth_comp_id 
_atom_site.auth_asym_id 
_atom_site.auth_atom_id 
_atom_site.pdbx_PDB_model_num 
ATOM   1   O  "O5'" . DG  A 1 1  ? 19.148  19.691  -22.156 1.00 119.95 ? 1   DG  A "O5'" 1 
ATOM   2   C  "C5'" . DG  A 1 1  ? 18.470  20.942  -22.178 1.00 114.16 ? 1   DG  A "C5'" 1 
ATOM   3   C  "C4'" . DG  A 1 1  ? 19.217  21.980  -21.358 1.00 110.65 ? 1   DG  A "C4'" 1 
ATOM   4   O  "O4'" . DG  A 1 1  ? 18.428  23.175  -21.287 1.00 97.67  ? 1   DG  A "O4'" 1 
ATOM   5   C  "C3'" . DG  A 1 1  ? 19.466  21.588  -19.910 1.00 115.18 ? 1   DG  A "C3'" 1 
ATOM   6   O  "O3'" . DG  A 1 1  ? 20.731  20.938  -19.800 1.00 126.80 ? 1   DG  A "O3'" 1 
ATOM   7   C  "C2'" . DG  A 1 1  ? 19.454  22.929  -19.155 1.00 96.97  ? 1   DG  A "C2'" 1 
ATOM   8   C  "C1'" . DG  A 1 1  ? 18.781  23.899  -20.134 1.00 90.14  ? 1   DG  A "C1'" 1 
ATOM   9   N  N9    . DG  A 1 1  ? 17.577  24.562  -19.623 1.00 82.61  ? 1   DG  A N9    1 
ATOM   10  C  C8    . DG  A 1 1  ? 16.360  24.651  -20.258 1.00 82.99  ? 1   DG  A C8    1 
ATOM   11  N  N7    . DG  A 1 1  ? 15.468  25.323  -19.588 1.00 75.88  ? 1   DG  A N7    1 
ATOM   12  C  C5    . DG  A 1 1  ? 16.133  25.713  -18.435 1.00 78.11  ? 1   DG  A C5    1 
ATOM   13  C  C6    . DG  A 1 1  ? 15.669  26.469  -17.333 1.00 78.30  ? 1   DG  A C6    1 
ATOM   14  O  O6    . DG  A 1 1  ? 14.544  26.958  -17.156 1.00 69.73  ? 1   DG  A O6    1 
ATOM   15  N  N1    . DG  A 1 1  ? 16.666  26.641  -16.370 1.00 81.00  ? 1   DG  A N1    1 
ATOM   16  C  C2    . DG  A 1 1  ? 17.948  26.141  -16.467 1.00 83.55  ? 1   DG  A C2    1 
ATOM   17  N  N2    . DG  A 1 1  ? 18.772  26.408  -15.440 1.00 84.53  ? 1   DG  A N2    1 
ATOM   18  N  N3    . DG  A 1 1  ? 18.394  25.433  -17.498 1.00 79.99  ? 1   DG  A N3    1 
ATOM   19  C  C4    . DG  A 1 1  ? 17.436  25.257  -18.441 1.00 79.21  ? 1   DG  A C4    1 
ATOM   20  P  P     . DA  A 1 2  ? 20.878  19.584  -18.947 1.00 130.57 ? 2   DA  A P     1 
ATOM   21  O  OP1   . DA  A 1 2  ? 22.193  18.989  -19.279 1.00 120.75 ? 2   DA  A OP1   1 
ATOM   22  O  OP2   . DA  A 1 2  ? 19.643  18.785  -19.136 1.00 121.21 ? 2   DA  A OP2   1 
ATOM   23  O  "O5'" . DA  A 1 2  ? 20.919  20.095  -17.435 1.00 104.99 ? 2   DA  A "O5'" 1 
ATOM   24  C  "C5'" . DA  A 1 2  ? 21.922  21.013  -17.030 1.00 103.63 ? 2   DA  A "C5'" 1 
ATOM   25  C  "C4'" . DA  A 1 2  ? 21.548  21.677  -15.719 1.00 105.49 ? 2   DA  A "C4'" 1 
ATOM   26  O  "O4'" . DA  A 1 2  ? 20.378  22.519  -15.913 1.00 95.77  ? 2   DA  A "O4'" 1 
ATOM   27  C  "C3'" . DA  A 1 2  ? 21.183  20.713  -14.587 1.00 111.50 ? 2   DA  A "C3'" 1 
ATOM   28  O  "O3'" . DA  A 1 2  ? 21.693  21.200  -13.351 1.00 114.34 ? 2   DA  A "O3'" 1 
ATOM   29  C  "C2'" . DA  A 1 2  ? 19.661  20.741  -14.606 1.00 104.31 ? 2   DA  A "C2'" 1 
ATOM   30  C  "C1'" . DA  A 1 2  ? 19.420  22.200  -14.930 1.00 93.27  ? 2   DA  A "C1'" 1 
ATOM   31  N  N9    . DA  A 1 2  ? 18.092  22.463  -15.464 1.00 89.35  ? 2   DA  A N9    1 
ATOM   32  C  C8    . DA  A 1 2  ? 17.558  21.978  -16.623 1.00 88.38  ? 2   DA  A C8    1 
ATOM   33  N  N7    . DA  A 1 2  ? 16.332  22.384  -16.850 1.00 84.43  ? 2   DA  A N7    1 
ATOM   34  C  C5    . DA  A 1 2  ? 16.042  23.187  -15.762 1.00 80.39  ? 2   DA  A C5    1 
ATOM   35  C  C6    . DA  A 1 2  ? 14.895  23.919  -15.404 1.00 79.79  ? 2   DA  A C6    1 
ATOM   36  N  N6    . DA  A 1 2  ? 13.784  23.954  -16.148 1.00 72.72  ? 2   DA  A N6    1 
ATOM   37  N  N1    . DA  A 1 2  ? 14.936  24.617  -14.248 1.00 83.53  ? 2   DA  A N1    1 
ATOM   38  C  C2    . DA  A 1 2  ? 16.054  24.577  -13.508 1.00 84.87  ? 2   DA  A C2    1 
ATOM   39  N  N3    . DA  A 1 2  ? 17.192  23.925  -13.743 1.00 80.55  ? 2   DA  A N3    1 
ATOM   40  C  C4    . DA  A 1 2  ? 17.119  23.243  -14.896 1.00 82.00  ? 2   DA  A C4    1 
ATOM   41  P  P     . DG  A 1 3  ? 21.807  20.223  -12.081 1.00 108.78 ? 3   DG  A P     1 
ATOM   42  O  OP1   . DG  A 1 3  ? 23.232  20.170  -11.691 1.00 129.27 ? 3   DG  A OP1   1 
ATOM   43  O  OP2   . DG  A 1 3  ? 21.079  18.976  -12.397 1.00 106.34 ? 3   DG  A OP2   1 
ATOM   44  O  "O5'" . DG  A 1 3  ? 20.990  20.980  -10.942 1.00 91.27  ? 3   DG  A "O5'" 1 
ATOM   45  C  "C5'" . DG  A 1 3  ? 19.663  21.376  -11.183 1.00 89.93  ? 3   DG  A "C5'" 1 
ATOM   46  C  "C4'" . DG  A 1 3  ? 19.123  22.149  -10.008 1.00 101.35 ? 3   DG  A "C4'" 1 
ATOM   47  O  "O4'" . DG  A 1 3  ? 17.915  22.833  -10.400 1.00 99.95  ? 3   DG  A "O4'" 1 
ATOM   48  C  "C3'" . DG  A 1 3  ? 18.704  21.304  -8.830  1.00 108.26 ? 3   DG  A "C3'" 1 
ATOM   49  O  "O3'" . DG  A 1 3  ? 18.625  22.132  -7.683  1.00 120.56 ? 3   DG  A "O3'" 1 
ATOM   50  C  "C2'" . DG  A 1 3  ? 17.323  20.827  -9.279  1.00 99.88  ? 3   DG  A "C2'" 1 
ATOM   51  C  "C1'" . DG  A 1 3  ? 16.789  22.064  -10.014 1.00 94.17  ? 3   DG  A "C1'" 1 
ATOM   52  N  N9    . DG  A 1 3  ? 16.021  21.764  -11.221 1.00 86.49  ? 3   DG  A N9    1 
ATOM   53  C  C8    . DG  A 1 3  ? 16.441  21.037  -12.311 1.00 87.28  ? 3   DG  A C8    1 
ATOM   54  N  N7    . DG  A 1 3  ? 15.544  20.949  -13.255 1.00 80.11  ? 3   DG  A N7    1 
ATOM   55  C  C5    . DG  A 1 3  ? 14.464  21.674  -12.763 1.00 80.26  ? 3   DG  A C5    1 
ATOM   56  C  C6    . DG  A 1 3  ? 13.200  21.933  -13.340 1.00 81.99  ? 3   DG  A C6    1 
ATOM   57  O  O6    . DG  A 1 3  ? 12.769  21.567  -14.441 1.00 85.79  ? 3   DG  A O6    1 
ATOM   58  N  N1    . DG  A 1 3  ? 12.399  22.710  -12.507 1.00 76.03  ? 3   DG  A N1    1 
ATOM   59  C  C2    . DG  A 1 3  ? 12.768  23.178  -11.272 1.00 76.70  ? 3   DG  A C2    1 
ATOM   60  N  N2    . DG  A 1 3  ? 11.857  23.911  -10.612 1.00 79.04  ? 3   DG  A N2    1 
ATOM   61  N  N3    . DG  A 1 3  ? 13.951  22.942  -10.717 1.00 81.05  ? 3   DG  A N3    1 
ATOM   62  C  C4    . DG  A 1 3  ? 14.744  22.185  -11.516 1.00 80.84  ? 3   DG  A C4    1 
ATOM   63  P  P     . DC  A 1 4  ? 18.327  21.505  -6.239  1.00 126.22 ? 4   DC  A P     1 
ATOM   64  O  OP1   . DC  A 1 4  ? 18.826  22.465  -5.226  1.00 122.19 ? 4   DC  A OP1   1 
ATOM   65  O  OP2   . DC  A 1 4  ? 18.815  20.106  -6.258  1.00 117.28 ? 4   DC  A OP2   1 
ATOM   66  O  "O5'" . DC  A 1 4  ? 16.733  21.493  -6.158  1.00 110.12 ? 4   DC  A "O5'" 1 
ATOM   67  C  "C5'" . DC  A 1 4  ? 16.007  22.689  -6.421  1.00 109.79 ? 4   DC  A "C5'" 1 
ATOM   68  C  "C4'" . DC  A 1 4  ? 14.520  22.471  -6.214  1.00 104.03 ? 4   DC  A "C4'" 1 
ATOM   69  O  "O4'" . DC  A 1 4  ? 13.880  22.143  -7.481  1.00 104.21 ? 4   DC  A "O4'" 1 
ATOM   70  C  "C3'" . DC  A 1 4  ? 14.172  21.332  -5.262  1.00 104.91 ? 4   DC  A "C3'" 1 
ATOM   71  O  "O3'" . DC  A 1 4  ? 13.080  21.716  -4.456  1.00 106.43 ? 4   DC  A "O3'" 1 
ATOM   72  C  "C2'" . DC  A 1 4  ? 13.795  20.199  -6.215  1.00 102.20 ? 4   DC  A "C2'" 1 
ATOM   73  C  "C1'" . DC  A 1 4  ? 13.101  20.977  -7.319  1.00 95.65  ? 4   DC  A "C1'" 1 
ATOM   74  N  N1    . DC  A 1 4  ? 13.035  20.252  -8.637  1.00 89.49  ? 4   DC  A N1    1 
ATOM   75  C  C2    . DC  A 1 4  ? 11.881  20.354  -9.437  1.00 83.63  ? 4   DC  A C2    1 
ATOM   76  O  O2    . DC  A 1 4  ? 10.932  21.045  -9.044  1.00 81.18  ? 4   DC  A O2    1 
ATOM   77  N  N3    . DC  A 1 4  ? 11.841  19.692  -10.625 1.00 81.51  ? 4   DC  A N3    1 
ATOM   78  C  C4    . DC  A 1 4  ? 12.888  18.959  -11.016 1.00 83.09  ? 4   DC  A C4    1 
ATOM   79  N  N4    . DC  A 1 4  ? 12.806  18.329  -12.193 1.00 79.92  ? 4   DC  A N4    1 
ATOM   80  C  C5    . DC  A 1 4  ? 14.068  18.845  -10.217 1.00 82.48  ? 4   DC  A C5    1 
ATOM   81  C  C6    . DC  A 1 4  ? 14.095  19.498  -9.048  1.00 83.93  ? 4   DC  A C6    1 
ATOM   82  P  P     . DA  A 1 5  ? 12.976  21.205  -2.939  1.00 113.43 ? 5   DA  A P     1 
ATOM   83  O  OP1   . DA  A 1 5  ? 13.769  22.116  -2.084  1.00 113.75 ? 5   DA  A OP1   1 
ATOM   84  O  OP2   . DA  A 1 5  ? 13.276  19.755  -2.947  1.00 101.35 ? 5   DA  A OP2   1 
ATOM   85  O  "O5'" . DA  A 1 5  ? 11.432  21.411  -2.590  1.00 101.57 ? 5   DA  A "O5'" 1 
ATOM   86  C  "C5'" . DA  A 1 5  ? 10.805  22.642  -2.903  1.00 94.03  ? 5   DA  A "C5'" 1 
ATOM   87  C  "C4'" . DA  A 1 5  ? 9.423   22.414  -3.488  1.00 94.81  ? 5   DA  A "C4'" 1 
ATOM   88  O  "O4'" . DA  A 1 5  ? 9.525   21.774  -4.786  1.00 90.70  ? 5   DA  A "O4'" 1 
ATOM   89  C  "C3'" . DA  A 1 5  ? 8.510   21.525  -2.665  1.00 94.66  ? 5   DA  A "C3'" 1 
ATOM   90  O  "O3'" . DA  A 1 5  ? 7.199   22.010  -2.770  1.00 97.75  ? 5   DA  A "O3'" 1 
ATOM   91  C  "C2'" . DA  A 1 5  ? 8.659   20.161  -3.344  1.00 94.57  ? 5   DA  A "C2'" 1 
ATOM   92  C  "C1'" . DA  A 1 5  ? 8.763   20.583  -4.795  1.00 82.66  ? 5   DA  A "C1'" 1 
ATOM   93  N  N9    . DA  A 1 5  ? 9.460   19.641  -5.653  1.00 80.27  ? 5   DA  A N9    1 
ATOM   94  C  C8    . DA  A 1 5  ? 10.719  19.148  -5.478  1.00 83.83  ? 5   DA  A C8    1 
ATOM   95  N  N7    . DA  A 1 5  ? 11.114  18.349  -6.441  1.00 84.58  ? 5   DA  A N7    1 
ATOM   96  C  C5    . DA  A 1 5  ? 10.044  18.332  -7.319  1.00 81.40  ? 5   DA  A C5    1 
ATOM   97  C  C6    . DA  A 1 5  ? 9.831   17.672  -8.551  1.00 80.59  ? 5   DA  A C6    1 
ATOM   98  N  N6    . DA  A 1 5  ? 10.735  16.868  -9.116  1.00 81.63  ? 5   DA  A N6    1 
ATOM   99  N  N1    . DA  A 1 5  ? 8.648   17.870  -9.175  1.00 83.60  ? 5   DA  A N1    1 
ATOM   100 C  C2    . DA  A 1 5  ? 7.746   18.678  -8.598  1.00 90.24  ? 5   DA  A C2    1 
ATOM   101 N  N3    . DA  A 1 5  ? 7.833   19.352  -7.445  1.00 88.49  ? 5   DA  A N3    1 
ATOM   102 C  C4    . DA  A 1 5  ? 9.019   19.133  -6.854  1.00 84.59  ? 5   DA  A C4    1 
ATOM   103 P  P     . DG  A 1 6  ? 6.141   21.690  -1.616  1.00 110.07 ? 6   DG  A P     1 
ATOM   104 O  OP1   . DG  A 1 6  ? 4.982   22.594  -1.783  1.00 105.85 ? 6   DG  A OP1   1 
ATOM   105 O  OP2   . DG  A 1 6  ? 6.898   21.668  -0.342  1.00 99.03  ? 6   DG  A OP2   1 
ATOM   106 O  "O5'" . DG  A 1 6  ? 5.691   20.198  -1.948  1.00 102.38 ? 6   DG  A "O5'" 1 
ATOM   107 C  "C5'" . DG  A 1 6  ? 4.327   19.868  -1.944  1.00 100.79 ? 6   DG  A "C5'" 1 
ATOM   108 C  "C4'" . DG  A 1 6  ? 3.830   19.596  -3.349  1.00 100.70 ? 6   DG  A "C4'" 1 
ATOM   109 O  "O4'" . DG  A 1 6  ? 4.943   19.268  -4.223  1.00 90.38  ? 6   DG  A "O4'" 1 
ATOM   110 C  "C3'" . DG  A 1 6  ? 2.850   18.433  -3.441  1.00 104.51 ? 6   DG  A "C3'" 1 
ATOM   111 O  "O3'" . DG  A 1 6  ? 1.677   18.841  -4.095  1.00 106.82 ? 6   DG  A "O3'" 1 
ATOM   112 C  "C2'" . DG  A 1 6  ? 3.606   17.359  -4.229  1.00 95.90  ? 6   DG  A "C2'" 1 
ATOM   113 C  "C1'" . DG  A 1 6  ? 4.591   18.177  -5.041  1.00 85.42  ? 6   DG  A "C1'" 1 
ATOM   114 N  N9    . DG  A 1 6  ? 5.813   17.452  -5.378  1.00 82.77  ? 6   DG  A N9    1 
ATOM   115 C  C8    . DG  A 1 6  ? 6.965   17.402  -4.632  1.00 83.81  ? 6   DG  A C8    1 
ATOM   116 N  N7    . DG  A 1 6  ? 7.908   16.687  -5.176  1.00 79.87  ? 6   DG  A N7    1 
ATOM   117 C  C5    . DG  A 1 6  ? 7.349   16.229  -6.362  1.00 80.44  ? 6   DG  A C5    1 
ATOM   118 C  C6    . DG  A 1 6  ? 7.907   15.407  -7.367  1.00 75.12  ? 6   DG  A C6    1 
ATOM   119 O  O6    . DG  A 1 6  ? 9.037   14.912  -7.401  1.00 75.57  ? 6   DG  A O6    1 
ATOM   120 N  N1    . DG  A 1 6  ? 7.012   15.179  -8.409  1.00 77.87  ? 6   DG  A N1    1 
ATOM   121 C  C2    . DG  A 1 6  ? 5.730   15.683  -8.471  1.00 83.12  ? 6   DG  A C2    1 
ATOM   122 N  N2    . DG  A 1 6  ? 5.007   15.354  -9.558  1.00 84.15  ? 6   DG  A N2    1 
ATOM   123 N  N3    . DG  A 1 6  ? 5.191   16.460  -7.529  1.00 81.29  ? 6   DG  A N3    1 
ATOM   124 C  C4    . DG  A 1 6  ? 6.058   16.690  -6.506  1.00 83.70  ? 6   DG  A C4    1 
ATOM   125 P  P     . DA  A 1 7  ? 0.325   18.016  -3.862  1.00 116.77 ? 7   DA  A P     1 
ATOM   126 O  OP1   . DA  A 1 7  ? -0.821  18.867  -4.256  1.00 120.21 ? 7   DA  A OP1   1 
ATOM   127 O  OP2   . DA  A 1 7  ? 0.402   17.450  -2.496  1.00 117.06 ? 7   DA  A OP2   1 
ATOM   128 O  "O5'" . DA  A 1 7  ? 0.455   16.815  -4.896  1.00 97.05  ? 7   DA  A "O5'" 1 
ATOM   129 C  "C5'" . DA  A 1 7  ? 0.772   17.094  -6.243  1.00 97.18  ? 7   DA  A "C5'" 1 
ATOM   130 C  "C4'" . DA  A 1 7  ? 0.476   15.894  -7.104  1.00 99.23  ? 7   DA  A "C4'" 1 
ATOM   131 O  "O4'" . DA  A 1 7  ? 1.716   15.253  -7.491  1.00 95.75  ? 7   DA  A "O4'" 1 
ATOM   132 C  "C3'" . DA  A 1 7  ? -0.354  14.821  -6.421  1.00 95.82  ? 7   DA  A "C3'" 1 
ATOM   133 O  "O3'" . DA  A 1 7  ? -1.163  14.185  -7.383  1.00 103.78 ? 7   DA  A "O3'" 1 
ATOM   134 C  "C2'" . DA  A 1 7  ? 0.711   13.882  -5.854  1.00 92.17  ? 7   DA  A "C2'" 1 
ATOM   135 C  "C1'" . DA  A 1 7  ? 1.796   13.959  -6.923  1.00 92.69  ? 7   DA  A "C1'" 1 
ATOM   136 N  N9    . DA  A 1 7  ? 3.152   13.780  -6.409  1.00 88.80  ? 7   DA  A N9    1 
ATOM   137 C  C8    . DA  A 1 7  ? 3.668   14.274  -5.243  1.00 82.27  ? 7   DA  A C8    1 
ATOM   138 N  N7    . DA  A 1 7  ? 4.930   13.967  -5.049  1.00 75.26  ? 7   DA  A N7    1 
ATOM   139 C  C5    . DA  A 1 7  ? 5.266   13.224  -6.168  1.00 79.06  ? 7   DA  A C5    1 
ATOM   140 C  C6    . DA  A 1 7  ? 6.464   12.600  -6.570  1.00 74.63  ? 7   DA  A C6    1 
ATOM   141 N  N6    . DA  A 1 7  ? 7.585   12.639  -5.848  1.00 70.62  ? 7   DA  A N6    1 
ATOM   142 N  N1    . DA  A 1 7  ? 6.461   11.935  -7.748  1.00 70.64  ? 7   DA  A N1    1 
ATOM   143 C  C2    . DA  A 1 7  ? 5.330   11.903  -8.465  1.00 77.14  ? 7   DA  A C2    1 
ATOM   144 N  N3    . DA  A 1 7  ? 4.146   12.451  -8.192  1.00 79.77  ? 7   DA  A N3    1 
ATOM   145 C  C4    . DA  A 1 7  ? 4.182   13.103  -7.019  1.00 83.43  ? 7   DA  A C4    1 
ATOM   146 P  P     . DC  A 1 8  ? -2.337  13.191  -6.935  1.00 112.03 ? 8   DC  A P     1 
ATOM   147 O  OP1   . DC  A 1 8  ? -3.553  13.565  -7.691  1.00 112.60 ? 8   DC  A OP1   1 
ATOM   148 O  OP2   . DC  A 1 8  ? -2.364  13.139  -5.453  1.00 102.36 ? 8   DC  A OP2   1 
ATOM   149 O  "O5'" . DC  A 1 8  ? -1.834  11.789  -7.491  1.00 96.23  ? 8   DC  A "O5'" 1 
ATOM   150 C  "C5'" . DC  A 1 8  ? -1.132  11.747  -8.720  1.00 90.24  ? 8   DC  A "C5'" 1 
ATOM   151 C  "C4'" . DC  A 1 8  ? -0.286  10.500  -8.792  1.00 94.68  ? 8   DC  A "C4'" 1 
ATOM   152 O  "O4'" . DC  A 1 8  ? 1.010   10.762  -8.217  1.00 90.71  ? 8   DC  A "O4'" 1 
ATOM   153 C  "C3'" . DC  A 1 8  ? -0.856  9.304   -8.020  1.00 96.41  ? 8   DC  A "C3'" 1 
ATOM   154 O  "O3'" . DC  A 1 8  ? -1.242  8.278   -8.932  1.00 104.62 ? 8   DC  A "O3'" 1 
ATOM   155 C  "C2'" . DC  A 1 8  ? 0.289   8.860   -7.097  1.00 86.76  ? 8   DC  A "C2'" 1 
ATOM   156 C  "C1'" . DC  A 1 8  ? 1.499   9.562   -7.689  1.00 84.65  ? 8   DC  A "C1'" 1 
ATOM   157 N  N1    . DC  A 1 8  ? 2.539   9.870   -6.677  1.00 79.67  ? 8   DC  A N1    1 
ATOM   158 C  C2    . DC  A 1 8  ? 3.827   9.350   -6.830  1.00 74.34  ? 8   DC  A C2    1 
ATOM   159 O  O2    . DC  A 1 8  ? 4.079   8.657   -7.824  1.00 77.53  ? 8   DC  A O2    1 
ATOM   160 N  N3    . DC  A 1 8  ? 4.762   9.630   -5.891  1.00 64.19  ? 8   DC  A N3    1 
ATOM   161 C  C4    . DC  A 1 8  ? 4.442   10.382  -4.837  1.00 65.20  ? 8   DC  A C4    1 
ATOM   162 N  N4    . DC  A 1 8  ? 5.390   10.636  -3.939  1.00 67.47  ? 8   DC  A N4    1 
ATOM   163 C  C5    . DC  A 1 8  ? 3.134   10.914  -4.661  1.00 72.59  ? 8   DC  A C5    1 
ATOM   164 C  C6    . DC  A 1 8  ? 2.222   10.631  -5.593  1.00 77.93  ? 8   DC  A C6    1 
ATOM   165 P  P     . DA  A 1 9  ? -1.477  6.767   -8.434  1.00 110.70 ? 9   DA  A P     1 
ATOM   166 O  OP1   . DA  A 1 9  ? -2.366  6.134   -9.432  1.00 119.30 ? 9   DA  A OP1   1 
ATOM   167 O  OP2   . DA  A 1 9  ? -1.875  6.752   -7.006  1.00 91.73  ? 9   DA  A OP2   1 
ATOM   168 O  "O5'" . DA  A 1 9  ? -0.035  6.104   -8.583  1.00 87.98  ? 9   DA  A "O5'" 1 
ATOM   169 C  "C5'" . DA  A 1 9  ? 0.650   6.204   -9.821  1.00 85.72  ? 9   DA  A "C5'" 1 
ATOM   170 C  "C4'" . DA  A 1 9  ? 1.737   5.155   -9.916  1.00 89.10  ? 9   DA  A "C4'" 1 
ATOM   171 O  "O4'" . DA  A 1 9  ? 2.881   5.575   -9.133  1.00 84.59  ? 9   DA  A "O4'" 1 
ATOM   172 C  "C3'" . DA  A 1 9  ? 1.343   3.776   -9.399  1.00 84.13  ? 9   DA  A "C3'" 1 
ATOM   173 O  "O3'" . DA  A 1 9  ? 1.924   2.773   -10.215 1.00 94.64  ? 9   DA  A "O3'" 1 
ATOM   174 C  "C2'" . DA  A 1 9  ? 1.915   3.758   -7.984  1.00 83.16  ? 9   DA  A "C2'" 1 
ATOM   175 C  "C1'" . DA  A 1 9  ? 3.154   4.634   -8.118  1.00 76.90  ? 9   DA  A "C1'" 1 
ATOM   176 N  N9    . DA  A 1 9  ? 3.465   5.364   -6.895  1.00 71.78  ? 9   DA  A N9    1 
ATOM   177 C  C8    . DA  A 1 9  ? 2.674   6.282   -6.261  1.00 72.17  ? 9   DA  A C8    1 
ATOM   178 N  N7    . DA  A 1 9  ? 3.209   6.777   -5.169  1.00 64.11  ? 9   DA  A N7    1 
ATOM   179 C  C5    . DA  A 1 9  ? 4.431   6.142   -5.083  1.00 61.88  ? 9   DA  A C5    1 
ATOM   180 C  C6    . DA  A 1 9  ? 5.474   6.231   -4.149  1.00 61.35  ? 9   DA  A C6    1 
ATOM   181 N  N6    . DA  A 1 9  ? 5.434   7.039   -3.085  1.00 59.82  ? 9   DA  A N6    1 
ATOM   182 N  N1    . DA  A 1 9  ? 6.564   5.459   -4.354  1.00 59.20  ? 9   DA  A N1    1 
ATOM   183 C  C2    . DA  A 1 9  ? 6.594   4.653   -5.424  1.00 60.20  ? 9   DA  A C2    1 
ATOM   184 N  N3    . DA  A 1 9  ? 5.672   4.485   -6.371  1.00 62.60  ? 9   DA  A N3    1 
ATOM   185 C  C4    . DA  A 1 9  ? 4.607   5.265   -6.139  1.00 64.41  ? 9   DA  A C4    1 
ATOM   186 P  P     . DT  A 1 10 ? 1.833   1.225   -9.794  1.00 110.35 ? 10  DT  A P     1 
ATOM   187 O  OP1   . DT  A 1 10 ? 1.962   0.416   -11.028 1.00 104.17 ? 10  DT  A OP1   1 
ATOM   188 O  OP2   . DT  A 1 10 ? 0.673   1.041   -8.891  1.00 95.07  ? 10  DT  A OP2   1 
ATOM   189 O  "O5'" . DT  A 1 10 ? 3.151   0.999   -8.938  1.00 90.27  ? 10  DT  A "O5'" 1 
ATOM   190 C  "C5'" . DT  A 1 10 ? 4.400   0.900   -9.586  1.00 84.15  ? 10  DT  A "C5'" 1 
ATOM   191 C  "C4'" . DT  A 1 10 ? 5.309   0.021   -8.769  1.00 80.65  ? 10  DT  A "C4'" 1 
ATOM   192 O  "O4'" . DT  A 1 10 ? 5.814   0.786   -7.640  1.00 76.63  ? 10  DT  A "O4'" 1 
ATOM   193 C  "C3'" . DT  A 1 10 ? 4.608   -1.202  -8.176  1.00 75.19  ? 10  DT  A "C3'" 1 
ATOM   194 O  "O3'" . DT  A 1 10 ? 5.424   -2.347  -8.302  1.00 79.04  ? 10  DT  A "O3'" 1 
ATOM   195 C  "C2'" . DT  A 1 10 ? 4.410   -0.814  -6.716  1.00 76.65  ? 10  DT  A "C2'" 1 
ATOM   196 C  "C1'" . DT  A 1 10 ? 5.637   0.040   -6.466  1.00 69.92  ? 10  DT  A "C1'" 1 
ATOM   197 N  N1    . DT  A 1 10 ? 5.483   0.969   -5.312  1.00 60.37  ? 10  DT  A N1    1 
ATOM   198 C  C2    . DT  A 1 10 ? 6.493   1.057   -4.392  1.00 58.29  ? 10  DT  A C2    1 
ATOM   199 O  O2    . DT  A 1 10 ? 7.526   0.424   -4.483  1.00 65.72  ? 10  DT  A O2    1 
ATOM   200 N  N3    . DT  A 1 10 ? 6.256   1.919   -3.359  1.00 53.76  ? 10  DT  A N3    1 
ATOM   201 C  C4    . DT  A 1 10 ? 5.123   2.682   -3.155  1.00 59.16  ? 10  DT  A C4    1 
ATOM   202 O  O4    . DT  A 1 10 ? 4.998   3.433   -2.193  1.00 57.70  ? 10  DT  A O4    1 
ATOM   203 C  C5    . DT  A 1 10 ? 4.096   2.540   -4.151  1.00 60.54  ? 10  DT  A C5    1 
ATOM   204 C  C7    . DT  A 1 10 ? 2.825   3.324   -4.032  1.00 58.98  ? 10  DT  A C7    1 
ATOM   205 C  C6    . DT  A 1 10 ? 4.319   1.696   -5.172  1.00 60.37  ? 10  DT  A C6    1 
ATOM   206 P  P     . DG  A 1 11 ? 4.809   -3.803  -8.016  1.00 89.96  ? 11  DG  A P     1 
ATOM   207 O  OP1   . DG  A 1 11 ? 5.147   -4.664  -9.174  1.00 83.95  ? 11  DG  A OP1   1 
ATOM   208 O  OP2   . DG  A 1 11 ? 3.404   -3.640  -7.571  1.00 77.63  ? 11  DG  A OP2   1 
ATOM   209 O  "O5'" . DG  A 1 11 ? 5.637   -4.313  -6.758  1.00 72.46  ? 11  DG  A "O5'" 1 
ATOM   210 C  "C5'" . DG  A 1 11 ? 7.043   -4.345  -6.824  1.00 70.23  ? 11  DG  A "C5'" 1 
ATOM   211 C  "C4'" . DG  A 1 11 ? 7.635   -4.511  -5.442  1.00 75.51  ? 11  DG  A "C4'" 1 
ATOM   212 O  "O4'" . DG  A 1 11 ? 7.328   -3.340  -4.642  1.00 78.93  ? 11  DG  A "O4'" 1 
ATOM   213 C  "C3'" . DG  A 1 11 ? 7.103   -5.704  -4.646  1.00 73.71  ? 11  DG  A "C3'" 1 
ATOM   214 O  "O3'" . DG  A 1 11 ? 8.151   -6.240  -3.863  1.00 69.11  ? 11  DG  A "O3'" 1 
ATOM   215 C  "C2'" . DG  A 1 11 ? 6.032   -5.062  -3.769  1.00 71.67  ? 11  DG  A "C2'" 1 
ATOM   216 C  "C1'" . DG  A 1 11 ? 6.714   -3.749  -3.441  1.00 70.41  ? 11  DG  A "C1'" 1 
ATOM   217 N  N9    . DG  A 1 11 ? 5.816   -2.692  -3.005  1.00 62.16  ? 11  DG  A N9    1 
ATOM   218 C  C8    . DG  A 1 11 ? 4.672   -2.258  -3.623  1.00 62.88  ? 11  DG  A C8    1 
ATOM   219 N  N7    . DG  A 1 11 ? 4.090   -1.271  -2.998  1.00 60.09  ? 11  DG  A N7    1 
ATOM   220 C  C5    . DG  A 1 11 ? 4.909   -1.039  -1.901  1.00 61.15  ? 11  DG  A C5    1 
ATOM   221 C  C6    . DG  A 1 11 ? 4.793   -0.089  -0.864  1.00 58.62  ? 11  DG  A C6    1 
ATOM   222 O  O6    . DG  A 1 11 ? 3.914   0.763   -0.702  1.00 63.76  ? 11  DG  A O6    1 
ATOM   223 N  N1    . DG  A 1 11 ? 5.840   -0.193  0.049   1.00 50.84  ? 11  DG  A N1    1 
ATOM   224 C  C2    . DG  A 1 11 ? 6.868   -1.100  -0.035  1.00 53.12  ? 11  DG  A C2    1 
ATOM   225 N  N2    . DG  A 1 11 ? 7.792   -1.059  0.936   1.00 62.44  ? 11  DG  A N2    1 
ATOM   226 N  N3    . DG  A 1 11 ? 6.985   -1.991  -1.003  1.00 58.02  ? 11  DG  A N3    1 
ATOM   227 C  C4    . DG  A 1 11 ? 5.974   -1.902  -1.896  1.00 61.17  ? 11  DG  A C4    1 
ATOM   228 P  P     . DA  A 1 12 ? 8.053   -7.736  -3.295  1.00 81.24  ? 12  DA  A P     1 
ATOM   229 O  OP1   . DA  A 1 12 ? 9.253   -8.451  -3.790  1.00 66.23  ? 12  DA  A OP1   1 
ATOM   230 O  OP2   . DA  A 1 12 ? 6.690   -8.252  -3.568  1.00 71.37  ? 12  DA  A OP2   1 
ATOM   231 O  "O5'" . DA  A 1 12 ? 8.193   -7.544  -1.716  1.00 83.41  ? 12  DA  A "O5'" 1 
ATOM   232 C  "C5'" . DA  A 1 12 ? 9.406   -7.039  -1.181  1.00 80.67  ? 12  DA  A "C5'" 1 
ATOM   233 C  "C4'" . DA  A 1 12 ? 9.206   -6.538  0.237   1.00 71.57  ? 12  DA  A "C4'" 1 
ATOM   234 O  "O4'" . DA  A 1 12 ? 8.322   -5.387  0.231   1.00 71.94  ? 12  DA  A "O4'" 1 
ATOM   235 C  "C3'" . DA  A 1 12 ? 8.582   -7.548  1.199   1.00 67.06  ? 12  DA  A "C3'" 1 
ATOM   236 O  "O3'" . DA  A 1 12 ? 9.285   -7.518  2.430   1.00 76.58  ? 12  DA  A "O3'" 1 
ATOM   237 C  "C2'" . DA  A 1 12 ? 7.149   -7.043  1.356   1.00 59.06  ? 12  DA  A "C2'" 1 
ATOM   238 C  "C1'" . DA  A 1 12 ? 7.356   -5.546  1.237   1.00 60.90  ? 12  DA  A "C1'" 1 
ATOM   239 N  N9    . DA  A 1 12 ? 6.161   -4.815  0.841   1.00 60.56  ? 12  DA  A N9    1 
ATOM   240 C  C8    . DA  A 1 12 ? 5.416   -5.005  -0.288  1.00 61.52  ? 12  DA  A C8    1 
ATOM   241 N  N7    . DA  A 1 12 ? 4.393   -4.191  -0.389  1.00 55.38  ? 12  DA  A N7    1 
ATOM   242 C  C5    . DA  A 1 12 ? 4.477   -3.412  0.750   1.00 60.24  ? 12  DA  A C5    1 
ATOM   243 C  C6    . DA  A 1 12 ? 3.681   -2.358  1.234   1.00 59.13  ? 12  DA  A C6    1 
ATOM   244 N  N6    . DA  A 1 12 ? 2.608   -1.906  0.587   1.00 55.45  ? 12  DA  A N6    1 
ATOM   245 N  N1    . DA  A 1 12 ? 4.035   -1.787  2.410   1.00 52.80  ? 12  DA  A N1    1 
ATOM   246 C  C2    . DA  A 1 12 ? 5.121   -2.252  3.046   1.00 56.14  ? 12  DA  A C2    1 
ATOM   247 N  N3    . DA  A 1 12 ? 5.947   -3.242  2.687   1.00 52.88  ? 12  DA  A N3    1 
ATOM   248 C  C4    . DA  A 1 12 ? 5.564   -3.780  1.519   1.00 58.64  ? 12  DA  A C4    1 
ATOM   249 P  P     . DC  A 1 13 ? 9.503   -8.871  3.266   1.00 76.23  ? 13  DC  A P     1 
ATOM   250 O  OP1   . DC  A 1 13 ? 10.960  -9.079  3.433   1.00 70.01  ? 13  DC  A OP1   1 
ATOM   251 O  OP2   . DC  A 1 13 ? 8.656   -9.911  2.637   1.00 70.73  ? 13  DC  A OP2   1 
ATOM   252 O  "O5'" . DC  A 1 13 ? 8.831   -8.551  4.672   1.00 63.86  ? 13  DC  A "O5'" 1 
ATOM   253 C  "C5'" . DC  A 1 13 ? 7.426   -8.537  4.778   1.00 58.68  ? 13  DC  A "C5'" 1 
ATOM   254 C  "C4'" . DC  A 1 13 ? 6.955   -7.305  5.519   1.00 58.03  ? 13  DC  A "C4'" 1 
ATOM   255 O  "O4'" . DC  A 1 13 ? 6.322   -6.416  4.590   1.00 60.02  ? 13  DC  A "O4'" 1 
ATOM   256 C  "C3'" . DC  A 1 13 ? 5.912   -7.585  6.582   1.00 64.92  ? 13  DC  A "C3'" 1 
ATOM   257 O  "O3'" . DC  A 1 13 ? 6.545   -7.699  7.838   1.00 73.36  ? 13  DC  A "O3'" 1 
ATOM   258 C  "C2'" . DC  A 1 13 ? 4.977   -6.372  6.540   1.00 56.88  ? 13  DC  A "C2'" 1 
ATOM   259 C  "C1'" . DC  A 1 13 ? 5.352   -5.643  5.253   1.00 56.65  ? 13  DC  A "C1'" 1 
ATOM   260 N  N1    . DC  A 1 13 ? 4.210   -5.446  4.319   1.00 56.02  ? 13  DC  A N1    1 
ATOM   261 C  C2    . DC  A 1 13 ? 3.225   -4.497  4.605   1.00 56.44  ? 13  DC  A C2    1 
ATOM   262 O  O2    . DC  A 1 13 ? 3.304   -3.841  5.648   1.00 62.67  ? 13  DC  A O2    1 
ATOM   263 N  N3    . DC  A 1 13 ? 2.205   -4.330  3.728   1.00 51.76  ? 13  DC  A N3    1 
ATOM   264 C  C4    . DC  A 1 13 ? 2.160   -5.055  2.615   1.00 56.05  ? 13  DC  A C4    1 
ATOM   265 N  N4    . DC  A 1 13 ? 1.139   -4.860  1.779   1.00 61.51  ? 13  DC  A N4    1 
ATOM   266 C  C5    . DC  A 1 13 ? 3.156   -6.019  2.306   1.00 59.20  ? 13  DC  A C5    1 
ATOM   267 C  C6    . DC  A 1 13 ? 4.153   -6.177  3.175   1.00 61.27  ? 13  DC  A C6    1 
ATOM   268 P  P     . DG  A 1 14 ? 5.916   -8.648  8.966   1.00 87.61  ? 14  DG  A P     1 
ATOM   269 O  OP1   . DG  A 1 14 ? 6.927   -8.754  10.042  1.00 87.15  ? 14  DG  A OP1   1 
ATOM   270 O  OP2   . DG  A 1 14 ? 5.404   -9.870  8.303   1.00 80.78  ? 14  DG  A OP2   1 
ATOM   271 O  "O5'" . DG  A 1 14 ? 4.669   -7.811  9.505   1.00 59.52  ? 14  DG  A "O5'" 1 
ATOM   272 C  "C5'" . DG  A 1 14 ? 4.891   -6.566  10.140  1.00 66.50  ? 14  DG  A "C5'" 1 
ATOM   273 C  "C4'" . DG  A 1 14 ? 3.599   -5.789  10.253  1.00 71.70  ? 14  DG  A "C4'" 1 
ATOM   274 O  "O4'" . DG  A 1 14 ? 3.108   -5.485  8.934   1.00 71.33  ? 14  DG  A "O4'" 1 
ATOM   275 C  "C3'" . DG  A 1 14 ? 2.468   -6.533  10.962  1.00 73.14  ? 14  DG  A "C3'" 1 
ATOM   276 O  "O3'" . DG  A 1 14 ? 2.191   -5.916  12.208  1.00 75.18  ? 14  DG  A "O3'" 1 
ATOM   277 C  "C2'" . DG  A 1 14 ? 1.269   -6.436  10.003  1.00 69.35  ? 14  DG  A "C2'" 1 
ATOM   278 C  "C1'" . DG  A 1 14 ? 1.711   -5.395  8.983   1.00 63.10  ? 14  DG  A "C1'" 1 
ATOM   279 N  N9    . DG  A 1 14 ? 1.190   -5.655  7.648   1.00 55.11  ? 14  DG  A N9    1 
ATOM   280 C  C8    . DG  A 1 14 ? 1.686   -6.546  6.731   1.00 58.70  ? 14  DG  A C8    1 
ATOM   281 N  N7    . DG  A 1 14 ? 1.013   -6.573  5.618   1.00 53.79  ? 14  DG  A N7    1 
ATOM   282 C  C5    . DG  A 1 14 ? 0.006   -5.644  5.815   1.00 46.95  ? 14  DG  A C5    1 
ATOM   283 C  C6    . DG  A 1 14 ? -1.024  -5.247  4.954   1.00 44.84  ? 14  DG  A C6    1 
ATOM   284 O  O6    . DG  A 1 14 ? -1.252  -5.651  3.816   1.00 50.93  ? 14  DG  A O6    1 
ATOM   285 N  N1    . DG  A 1 14 ? -1.836  -4.278  5.530   1.00 47.63  ? 14  DG  A N1    1 
ATOM   286 C  C2    . DG  A 1 14 ? -1.664  -3.759  6.788   1.00 49.53  ? 14  DG  A C2    1 
ATOM   287 N  N2    . DG  A 1 14 ? -2.545  -2.831  7.182   1.00 49.16  ? 14  DG  A N2    1 
ATOM   288 N  N3    . DG  A 1 14 ? -0.694  -4.128  7.610   1.00 50.53  ? 14  DG  A N3    1 
ATOM   289 C  C4    . DG  A 1 14 ? 0.100   -5.070  7.056   1.00 49.63  ? 14  DG  A C4    1 
ATOM   290 P  P     . DT  A 1 15 ? 1.223   -6.636  13.267  1.00 87.52  ? 15  DT  A P     1 
ATOM   291 O  OP1   . DT  A 1 15 ? 1.585   -6.111  14.602  1.00 96.50  ? 15  DT  A OP1   1 
ATOM   292 O  OP2   . DT  A 1 15 ? 1.259   -8.097  13.012  1.00 71.00  ? 15  DT  A OP2   1 
ATOM   293 O  "O5'" . DT  A 1 15 ? -0.230  -6.102  12.873  1.00 66.11  ? 15  DT  A "O5'" 1 
ATOM   294 C  "C5'" . DT  A 1 15 ? -0.436  -4.720  12.654  1.00 65.45  ? 15  DT  A "C5'" 1 
ATOM   295 C  "C4'" . DT  A 1 15 ? -1.826  -4.472  12.100  1.00 73.98  ? 15  DT  A "C4'" 1 
ATOM   296 O  "O4'" . DT  A 1 15 ? -1.859  -4.788  10.696  1.00 69.28  ? 15  DT  A "O4'" 1 
ATOM   297 C  "C3'" . DT  A 1 15 ? -2.932  -5.309  12.743  1.00 71.01  ? 15  DT  A "C3'" 1 
ATOM   298 O  "O3'" . DT  A 1 15 ? -3.794  -4.462  13.480  1.00 76.25  ? 15  DT  A "O3'" 1 
ATOM   299 C  "C2'" . DT  A 1 15 ? -3.655  -5.975  11.557  1.00 71.08  ? 15  DT  A "C2'" 1 
ATOM   300 C  "C1'" . DT  A 1 15 ? -3.163  -5.171  10.362  1.00 63.41  ? 15  DT  A "C1'" 1 
ATOM   301 N  N1    . DT  A 1 15 ? -3.109  -5.947  9.078   1.00 58.20  ? 15  DT  A N1    1 
ATOM   302 C  C2    . DT  A 1 15 ? -4.056  -5.719  8.098   1.00 53.94  ? 15  DT  A C2    1 
ATOM   303 O  O2    . DT  A 1 15 ? -4.969  -4.921  8.222   1.00 49.10  ? 15  DT  A O2    1 
ATOM   304 N  N3    . DT  A 1 15 ? -3.899  -6.483  6.965   1.00 50.35  ? 15  DT  A N3    1 
ATOM   305 C  C4    . DT  A 1 15 ? -2.907  -7.415  6.718   1.00 51.21  ? 15  DT  A C4    1 
ATOM   306 O  O4    . DT  A 1 15 ? -2.843  -8.050  5.673   1.00 49.36  ? 15  DT  A O4    1 
ATOM   307 C  C5    . DT  A 1 15 ? -1.951  -7.595  7.777   1.00 57.25  ? 15  DT  A C5    1 
ATOM   308 C  C7    . DT  A 1 15 ? -0.837  -8.586  7.615   1.00 56.30  ? 15  DT  A C7    1 
ATOM   309 C  C6    . DT  A 1 15 ? -2.094  -6.862  8.891   1.00 56.37  ? 15  DT  A C6    1 
ATOM   310 P  P     . DC  A 1 16 ? -4.960  -5.083  14.393  1.00 94.20  ? 16  DC  A P     1 
ATOM   311 O  OP1   . DC  A 1 16 ? -5.108  -4.193  15.565  1.00 96.06  ? 16  DC  A OP1   1 
ATOM   312 O  OP2   . DC  A 1 16 ? -4.701  -6.533  14.576  1.00 83.39  ? 16  DC  A OP2   1 
ATOM   313 O  "O5'" . DC  A 1 16 ? -6.257  -4.917  13.488  1.00 74.04  ? 16  DC  A "O5'" 1 
ATOM   314 C  "C5'" . DC  A 1 16 ? -6.378  -3.777  12.652  1.00 76.20  ? 16  DC  A "C5'" 1 
ATOM   315 C  "C4'" . DC  A 1 16 ? -7.643  -3.867  11.830  1.00 80.61  ? 16  DC  A "C4'" 1 
ATOM   316 O  "O4'" . DC  A 1 16 ? -7.356  -4.482  10.545  1.00 75.91  ? 16  DC  A "O4'" 1 
ATOM   317 C  "C3'" . DC  A 1 16 ? -8.734  -4.711  12.473  1.00 81.19  ? 16  DC  A "C3'" 1 
ATOM   318 O  "O3'" . DC  A 1 16 ? -9.960  -4.039  12.399  1.00 88.07  ? 16  DC  A "O3'" 1 
ATOM   319 C  "C2'" . DC  A 1 16 ? -8.742  -5.991  11.644  1.00 72.98  ? 16  DC  A "C2'" 1 
ATOM   320 C  "C1'" . DC  A 1 16 ? -8.301  -5.494  10.283  1.00 64.45  ? 16  DC  A "C1'" 1 
ATOM   321 N  N1    . DC  A 1 16 ? -7.630  -6.545  9.475   1.00 62.40  ? 16  DC  A N1    1 
ATOM   322 C  C2    . DC  A 1 16 ? -8.134  -6.903  8.214   1.00 54.76  ? 16  DC  A C2    1 
ATOM   323 O  O2    . DC  A 1 16 ? -9.140  -6.332  7.786   1.00 53.16  ? 16  DC  A O2    1 
ATOM   324 N  N3    . DC  A 1 16 ? -7.495  -7.868  7.503   1.00 47.91  ? 16  DC  A N3    1 
ATOM   325 C  C4    . DC  A 1 16 ? -6.407  -8.456  8.013   1.00 56.17  ? 16  DC  A C4    1 
ATOM   326 N  N4    . DC  A 1 16 ? -5.806  -9.400  7.290   1.00 61.13  ? 16  DC  A N4    1 
ATOM   327 C  C5    . DC  A 1 16 ? -5.890  -8.108  9.292   1.00 64.73  ? 16  DC  A C5    1 
ATOM   328 C  C6    . DC  A 1 16 ? -6.526  -7.158  9.979   1.00 64.45  ? 16  DC  A C6    1 
ATOM   329 P  P     . DA  A 1 17 ? -11.102 -4.353  13.477  1.00 103.89 ? 17  DA  A P     1 
ATOM   330 O  OP1   . DA  A 1 17 ? -11.384 -3.094  14.202  1.00 101.95 ? 17  DA  A OP1   1 
ATOM   331 O  OP2   . DA  A 1 17 ? -10.727 -5.589  14.207  1.00 85.69  ? 17  DA  A OP2   1 
ATOM   332 O  "O5'" . DA  A 1 17 ? -12.357 -4.690  12.573  1.00 92.56  ? 17  DA  A "O5'" 1 
ATOM   333 C  "C5'" . DA  A 1 17 ? -12.561 -3.958  11.387  1.00 87.38  ? 17  DA  A "C5'" 1 
ATOM   334 C  "C4'" . DA  A 1 17 ? -13.512 -4.693  10.472  1.00 87.74  ? 17  DA  A "C4'" 1 
ATOM   335 O  "O4'" . DA  A 1 17 ? -12.778 -5.644  9.659   1.00 77.27  ? 17  DA  A "O4'" 1 
ATOM   336 C  "C3'" . DA  A 1 17 ? -14.585 -5.497  11.186  1.00 82.33  ? 17  DA  A "C3'" 1 
ATOM   337 O  "O3'" . DA  A 1 17 ? -15.785 -5.418  10.446  1.00 79.26  ? 17  DA  A "O3'" 1 
ATOM   338 C  "C2'" . DA  A 1 17 ? -14.002 -6.913  11.197  1.00 73.69  ? 17  DA  A "C2'" 1 
ATOM   339 C  "C1'" . DA  A 1 17 ? -13.277 -6.947  9.866   1.00 67.09  ? 17  DA  A "C1'" 1 
ATOM   340 N  N9    . DA  A 1 17 ? -12.142 -7.852  9.825   1.00 62.19  ? 17  DA  A N9    1 
ATOM   341 C  C8    . DA  A 1 17 ? -11.159 -7.989  10.758  1.00 62.89  ? 17  DA  A C8    1 
ATOM   342 N  N7    . DA  A 1 17 ? -10.239 -8.867  10.432  1.00 56.32  ? 17  DA  A N7    1 
ATOM   343 C  C5    . DA  A 1 17 ? -10.643 -9.321  9.190   1.00 57.50  ? 17  DA  A C5    1 
ATOM   344 C  C6    . DA  A 1 17 ? -10.101 -10.268 8.300   1.00 61.75  ? 17  DA  A C6    1 
ATOM   345 N  N6    . DA  A 1 17 ? -8.978  -10.948 8.545   1.00 63.48  ? 17  DA  A N6    1 
ATOM   346 N  N1    . DA  A 1 17 ? -10.763 -10.492 7.145   1.00 59.48  ? 17  DA  A N1    1 
ATOM   347 C  C2    . DA  A 1 17 ? -11.887 -9.805  6.906   1.00 65.85  ? 17  DA  A C2    1 
ATOM   348 N  N3    . DA  A 1 17 ? -12.495 -8.900  7.669   1.00 64.16  ? 17  DA  A N3    1 
ATOM   349 C  C4    . DA  A 1 17 ? -11.811 -8.698  8.801   1.00 60.47  ? 17  DA  A C4    1 
ATOM   350 P  P     . DC  A 1 18 ? -17.077 -6.232  10.923  1.00 84.62  ? 18  DC  A P     1 
ATOM   351 O  OP1   . DC  A 1 18 ? -18.257 -5.672  10.221  1.00 80.91  ? 18  DC  A OP1   1 
ATOM   352 O  OP2   . DC  A 1 18 ? -17.050 -6.264  12.403  1.00 84.50  ? 18  DC  A OP2   1 
ATOM   353 O  "O5'" . DC  A 1 18 ? -16.798 -7.702  10.376  1.00 63.77  ? 18  DC  A "O5'" 1 
ATOM   354 C  "C5'" . DC  A 1 18 ? -17.836 -8.421  9.795   1.00 71.22  ? 18  DC  A "C5'" 1 
ATOM   355 C  "C4'" . DC  A 1 18 ? -17.359 -9.135  8.557   1.00 73.05  ? 18  DC  A "C4'" 1 
ATOM   356 O  "O4'" . DC  A 1 18 ? -15.924 -9.354  8.641   1.00 69.21  ? 18  DC  A "O4'" 1 
ATOM   357 C  "C3'" . DC  A 1 18 ? -17.992 -10.512 8.363   1.00 82.78  ? 18  DC  A "C3'" 1 
ATOM   358 O  "O3'" . DC  A 1 18 ? -18.557 -10.626 7.073   1.00 92.97  ? 18  DC  A "O3'" 1 
ATOM   359 C  "C2'" . DC  A 1 18 ? -16.834 -11.483 8.560   1.00 78.20  ? 18  DC  A "C2'" 1 
ATOM   360 C  "C1'" . DC  A 1 18 ? -15.638 -10.645 8.164   1.00 68.54  ? 18  DC  A "C1'" 1 
ATOM   361 N  N1    . DC  A 1 18 ? -14.394 -11.120 8.792   1.00 60.94  ? 18  DC  A N1    1 
ATOM   362 C  C2    . DC  A 1 18 ? -13.616 -12.088 8.145   1.00 62.33  ? 18  DC  A C2    1 
ATOM   363 O  O2    . DC  A 1 18 ? -13.973 -12.501 7.039   1.00 62.40  ? 18  DC  A O2    1 
ATOM   364 N  N3    . DC  A 1 18 ? -12.480 -12.522 8.744   1.00 54.87  ? 18  DC  A N3    1 
ATOM   365 C  C4    . DC  A 1 18 ? -12.134 -12.046 9.938   1.00 57.93  ? 18  DC  A C4    1 
ATOM   366 N  N4    . DC  A 1 18 ? -11.010 -12.503 10.495  1.00 60.32  ? 18  DC  A N4    1 
ATOM   367 C  C5    . DC  A 1 18 ? -12.926 -11.076 10.618  1.00 63.00  ? 18  DC  A C5    1 
ATOM   368 C  C6    . DC  A 1 18 ? -14.039 -10.650 10.016  1.00 61.29  ? 18  DC  A C6    1 
ATOM   369 P  P     . DT  A 1 19 ? -19.610 -11.802 6.772   1.00 113.32 ? 19  DT  A P     1 
ATOM   370 O  OP1   . DT  A 1 19 ? -20.864 -11.161 6.313   1.00 105.66 ? 19  DT  A OP1   1 
ATOM   371 O  OP2   . DT  A 1 19 ? -19.625 -12.710 7.943   1.00 92.92  ? 19  DT  A OP2   1 
ATOM   372 O  "O5'" . DT  A 1 19 ? -18.938 -12.611 5.571   1.00 85.53  ? 19  DT  A "O5'" 1 
ATOM   373 C  "C5'" . DT  A 1 19 ? -17.584 -12.974 5.664   1.00 72.06  ? 19  DT  A "C5'" 1 
ATOM   374 C  "C4'" . DT  A 1 19 ? -17.259 -14.078 4.701   1.00 73.81  ? 19  DT  A "C4'" 1 
ATOM   375 O  "O4'" . DT  A 1 19 ? -15.980 -14.654 5.060   1.00 83.59  ? 19  DT  A "O4'" 1 
ATOM   376 C  "C3'" . DT  A 1 19 ? -18.206 -15.246 4.743   1.00 79.59  ? 19  DT  A "C3'" 1 
ATOM   377 O  "O3'" . DT  A 1 19 ? -18.009 -16.007 3.562   1.00 86.20  ? 19  DT  A "O3'" 1 
ATOM   378 C  "C2'" . DT  A 1 19 ? -17.696 -15.978 5.987   1.00 82.73  ? 19  DT  A "C2'" 1 
ATOM   379 C  "C1'" . DT  A 1 19 ? -16.186 -15.859 5.781   1.00 80.16  ? 19  DT  A "C1'" 1 
ATOM   380 N  N1    . DT  A 1 19 ? -15.352 -15.791 7.039   1.00 71.19  ? 19  DT  A N1    1 
ATOM   381 C  C2    . DT  A 1 19 ? -14.141 -16.456 7.073   1.00 71.63  ? 19  DT  A C2    1 
ATOM   382 O  O2    . DT  A 1 19 ? -13.720 -17.129 6.144   1.00 72.14  ? 19  DT  A O2    1 
ATOM   383 N  N3    . DT  A 1 19 ? -13.440 -16.312 8.243   1.00 62.07  ? 19  DT  A N3    1 
ATOM   384 C  C4    . DT  A 1 19 ? -13.808 -15.584 9.354   1.00 60.30  ? 19  DT  A C4    1 
ATOM   385 O  O4    . DT  A 1 19 ? -13.107 -15.518 10.357  1.00 56.72  ? 19  DT  A O4    1 
ATOM   386 C  C5    . DT  A 1 19 ? -15.074 -14.906 9.256   1.00 61.36  ? 19  DT  A C5    1 
ATOM   387 C  C7    . DT  A 1 19 ? -15.567 -14.090 10.412  1.00 54.81  ? 19  DT  A C7    1 
ATOM   388 C  C6    . DT  A 1 19 ? -15.779 -15.030 8.113   1.00 63.56  ? 19  DT  A C6    1 
ATOM   389 P  P     . DC  A 1 20 ? -19.085 -17.095 3.083   1.00 82.92  ? 20  DC  A P     1 
ATOM   390 O  OP1   . DC  A 1 20 ? -19.168 -17.033 1.608   1.00 81.46  ? 20  DC  A OP1   1 
ATOM   391 O  OP2   . DC  A 1 20 ? -20.301 -16.920 3.905   1.00 78.59  ? 20  DC  A OP2   1 
ATOM   392 O  "O5'" . DC  A 1 20 ? -18.377 -18.475 3.442   1.00 88.67  ? 20  DC  A "O5'" 1 
ATOM   393 C  "C5'" . DC  A 1 20 ? -17.094 -18.763 2.893   1.00 88.44  ? 20  DC  A "C5'" 1 
ATOM   394 C  "C4'" . DC  A 1 20 ? -16.545 -20.058 3.455   1.00 92.18  ? 20  DC  A "C4'" 1 
ATOM   395 O  "O4'" . DC  A 1 20 ? -15.808 -19.792 4.681   1.00 90.31  ? 20  DC  A "O4'" 1 
ATOM   396 C  "C3'" . DC  A 1 20 ? -17.604 -21.096 3.828   1.00 94.87  ? 20  DC  A "C3'" 1 
ATOM   397 O  "O3'" . DC  A 1 20 ? -17.100 -22.394 3.577   1.00 100.74 ? 20  DC  A "O3'" 1 
ATOM   398 C  "C2'" . DC  A 1 20 ? -17.770 -20.860 5.323   1.00 91.84  ? 20  DC  A "C2'" 1 
ATOM   399 C  "C1'" . DC  A 1 20 ? -16.323 -20.610 5.707   1.00 89.43  ? 20  DC  A "C1'" 1 
ATOM   400 N  N1    . DC  A 1 20 ? -16.149 -19.914 7.005   1.00 79.47  ? 20  DC  A N1    1 
ATOM   401 C  C2    . DC  A 1 20 ? -14.975 -20.114 7.735   1.00 72.96  ? 20  DC  A C2    1 
ATOM   402 O  O2    . DC  A 1 20 ? -14.105 -20.866 7.274   1.00 70.38  ? 20  DC  A O2    1 
ATOM   403 N  N3    . DC  A 1 20 ? -14.824 -19.474 8.921   1.00 69.08  ? 20  DC  A N3    1 
ATOM   404 C  C4    . DC  A 1 20 ? -15.792 -18.670 9.376   1.00 69.55  ? 20  DC  A C4    1 
ATOM   405 N  N4    . DC  A 1 20 ? -15.600 -18.058 10.549  1.00 69.82  ? 20  DC  A N4    1 
ATOM   406 C  C5    . DC  A 1 20 ? -16.999 -18.458 8.643   1.00 70.46  ? 20  DC  A C5    1 
ATOM   407 C  C6    . DC  A 1 20 ? -17.135 -19.095 7.475   1.00 74.56  ? 20  DC  A C6    1 
ATOM   408 P  P     . DA  A 1 21 ? -17.286 -23.076 2.136   1.00 109.52 ? 21  DA  A P     1 
ATOM   409 O  OP1   . DA  A 1 21 ? -16.777 -22.134 1.117   1.00 108.47 ? 21  DA  A OP1   1 
ATOM   410 O  OP2   . DA  A 1 21 ? -18.677 -23.579 2.067   1.00 101.55 ? 21  DA  A OP2   1 
ATOM   411 O  "O5'" . DA  A 1 21 ? -16.292 -24.327 2.178   1.00 106.51 ? 21  DA  A "O5'" 1 
ATOM   412 C  "C5'" . DA  A 1 21 ? -14.889 -24.111 2.321   1.00 105.46 ? 21  DA  A "C5'" 1 
ATOM   413 C  "C4'" . DA  A 1 21 ? -14.249 -25.188 3.188   1.00 112.99 ? 21  DA  A "C4'" 1 
ATOM   414 O  "O4'" . DA  A 1 21 ? -14.248 -24.769 4.579   1.00 106.57 ? 21  DA  A "O4'" 1 
ATOM   415 C  "C3'" . DA  A 1 21 ? -14.942 -26.545 3.163   1.00 115.59 ? 21  DA  A "C3'" 1 
ATOM   416 O  "O3'" . DA  A 1 21 ? -13.978 -27.581 3.299   1.00 117.71 ? 21  DA  A "O3'" 1 
ATOM   417 C  "C2'" . DA  A 1 21 ? -15.868 -26.474 4.377   1.00 107.27 ? 21  DA  A "C2'" 1 
ATOM   418 C  "C1'" . DA  A 1 21 ? -15.040 -25.650 5.358   1.00 98.44  ? 21  DA  A "C1'" 1 
ATOM   419 N  N9    . DA  A 1 21 ? -15.846 -24.839 6.263   1.00 90.17  ? 21  DA  A N9    1 
ATOM   420 C  C8    . DA  A 1 21 ? -17.127 -24.405 6.064   1.00 89.85  ? 21  DA  A C8    1 
ATOM   421 N  N7    . DA  A 1 21 ? -17.597 -23.671 7.046   1.00 87.56  ? 21  DA  A N7    1 
ATOM   422 C  C5    . DA  A 1 21 ? -16.547 -23.612 7.949   1.00 84.59  ? 21  DA  A C5    1 
ATOM   423 C  C6    . DA  A 1 21 ? -16.402 -22.981 9.202   1.00 77.87  ? 21  DA  A C6    1 
ATOM   424 N  N6    . DA  A 1 21 ? -17.371 -22.258 9.779   1.00 73.89  ? 21  DA  A N6    1 
ATOM   425 N  N1    . DA  A 1 21 ? -15.218 -23.125 9.841   1.00 78.93  ? 21  DA  A N1    1 
ATOM   426 C  C2    . DA  A 1 21 ? -14.253 -23.849 9.256   1.00 80.69  ? 21  DA  A C2    1 
ATOM   427 N  N3    . DA  A 1 21 ? -14.272 -24.486 8.086   1.00 81.96  ? 21  DA  A N3    1 
ATOM   428 C  C4    . DA  A 1 21 ? -15.457 -24.325 7.477   1.00 87.42  ? 21  DA  A C4    1 
ATOM   429 P  P     . DA  B 2 1  ? -7.690  -4.317  -3.222  1.00 72.63  ? 0   DA  B P     1 
ATOM   430 O  OP1   . DA  B 2 1  ? -8.186  -4.388  -4.605  1.00 74.05  ? 0   DA  B OP1   1 
ATOM   431 O  OP2   . DA  B 2 1  ? -6.356  -3.758  -2.926  1.00 90.56  ? 0   DA  B OP2   1 
ATOM   432 O  "O5'" . DA  B 2 1  ? -8.774  -3.496  -2.383  1.00 67.70  ? 0   DA  B "O5'" 1 
ATOM   433 C  "C5'" . DA  B 2 1  ? -9.983  -4.122  -1.956  1.00 54.31  ? 0   DA  B "C5'" 1 
ATOM   434 C  "C4'" . DA  B 2 1  ? -10.262 -3.819  -0.497  1.00 51.55  ? 0   DA  B "C4'" 1 
ATOM   435 O  "O4'" . DA  B 2 1  ? -10.091 -5.013  0.289   1.00 54.53  ? 0   DA  B "O4'" 1 
ATOM   436 C  "C3'" . DA  B 2 1  ? -9.324  -2.810  0.113   1.00 59.38  ? 0   DA  B "C3'" 1 
ATOM   437 O  "O3'" . DA  B 2 1  ? -9.831  -1.514  -0.119  1.00 68.79  ? 0   DA  B "O3'" 1 
ATOM   438 C  "C2'" . DA  B 2 1  ? -9.348  -3.177  1.595   1.00 52.75  ? 0   DA  B "C2'" 1 
ATOM   439 C  "C1'" . DA  B 2 1  ? -9.542  -4.694  1.553   1.00 55.76  ? 0   DA  B "C1'" 1 
ATOM   440 N  N9    . DA  B 2 1  ? -8.318  -5.475  1.719   1.00 50.33  ? 0   DA  B N9    1 
ATOM   441 C  C8    . DA  B 2 1  ? -7.760  -6.315  0.803   1.00 47.67  ? 0   DA  B C8    1 
ATOM   442 N  N7    . DA  B 2 1  ? -6.672  -6.910  1.220   1.00 44.62  ? 0   DA  B N7    1 
ATOM   443 C  C5    . DA  B 2 1  ? -6.506  -6.434  2.502   1.00 46.52  ? 0   DA  B C5    1 
ATOM   444 C  C6    . DA  B 2 1  ? -5.532  -6.685  3.479   1.00 47.70  ? 0   DA  B C6    1 
ATOM   445 N  N6    . DA  B 2 1  ? -4.505  -7.514  3.290   1.00 48.68  ? 0   DA  B N6    1 
ATOM   446 N  N1    . DA  B 2 1  ? -5.655  -6.051  4.663   1.00 51.14  ? 0   DA  B N1    1 
ATOM   447 C  C2    . DA  B 2 1  ? -6.694  -5.224  4.842   1.00 52.78  ? 0   DA  B C2    1 
ATOM   448 N  N3    . DA  B 2 1  ? -7.671  -4.907  3.994   1.00 48.78  ? 0   DA  B N3    1 
ATOM   449 C  C4    . DA  B 2 1  ? -7.516  -5.553  2.833   1.00 49.63  ? 0   DA  B C4    1 
ATOM   450 P  P     . DC  B 2 2  ? -8.819  -0.326  -0.475  1.00 61.50  ? 1   DC  B P     1 
ATOM   451 O  OP1   . DC  B 2 2  ? -9.613  0.804   -1.013  1.00 58.80  ? 1   DC  B OP1   1 
ATOM   452 O  OP2   . DC  B 2 2  ? -7.728  -0.914  -1.284  1.00 49.20  ? 1   DC  B OP2   1 
ATOM   453 O  "O5'" . DC  B 2 2  ? -8.236  0.065   0.958   1.00 48.65  ? 1   DC  B "O5'" 1 
ATOM   454 C  "C5'" . DC  B 2 2  ? -9.144  0.330   2.012   1.00 54.60  ? 1   DC  B "C5'" 1 
ATOM   455 C  "C4'" . DC  B 2 2  ? -8.432  0.335   3.339   1.00 54.37  ? 1   DC  B "C4'" 1 
ATOM   456 O  "O4'" . DC  B 2 2  ? -8.015  -1.000  3.659   1.00 53.20  ? 1   DC  B "O4'" 1 
ATOM   457 C  "C3'" . DC  B 2 2  ? -7.175  1.165   3.358   1.00 51.11  ? 1   DC  B "C3'" 1 
ATOM   458 O  "O3'" . DC  B 2 2  ? -7.513  2.485   3.728   1.00 57.79  ? 1   DC  B "O3'" 1 
ATOM   459 C  "C2'" . DC  B 2 2  ? -6.336  0.482   4.432   1.00 51.17  ? 1   DC  B "C2'" 1 
ATOM   460 C  "C1'" . DC  B 2 2  ? -6.821  -0.965  4.399   1.00 44.16  ? 1   DC  B "C1'" 1 
ATOM   461 N  N1    . DC  B 2 2  ? -5.876  -1.892  3.764   1.00 46.43  ? 1   DC  B N1    1 
ATOM   462 C  C2    . DC  B 2 2  ? -4.781  -2.366  4.487   1.00 47.93  ? 1   DC  B C2    1 
ATOM   463 O  O2    . DC  B 2 2  ? -4.625  -1.982  5.651   1.00 46.43  ? 1   DC  B O2    1 
ATOM   464 N  N3    . DC  B 2 2  ? -3.925  -3.230  3.889   1.00 43.47  ? 1   DC  B N3    1 
ATOM   465 C  C4    . DC  B 2 2  ? -4.145  -3.617  2.631   1.00 49.95  ? 1   DC  B C4    1 
ATOM   466 N  N4    . DC  B 2 2  ? -3.283  -4.472  2.078   1.00 53.03  ? 1   DC  B N4    1 
ATOM   467 C  C5    . DC  B 2 2  ? -5.261  -3.143  1.884   1.00 55.42  ? 1   DC  B C5    1 
ATOM   468 C  C6    . DC  B 2 2  ? -6.092  -2.292  2.486   1.00 50.70  ? 1   DC  B C6    1 
ATOM   469 P  P     . DG  B 2 3  ? -6.624  3.722   3.231   1.00 72.88  ? 2   DG  B P     1 
ATOM   470 O  OP1   . DG  B 2 3  ? -7.363  4.947   3.615   1.00 67.46  ? 2   DG  B OP1   1 
ATOM   471 O  OP2   . DG  B 2 3  ? -6.230  3.503   1.822   1.00 71.99  ? 2   DG  B OP2   1 
ATOM   472 O  "O5'" . DG  B 2 3  ? -5.316  3.609   4.131   1.00 64.54  ? 2   DG  B "O5'" 1 
ATOM   473 C  "C5'" . DG  B 2 3  ? -5.442  3.679   5.541   1.00 66.71  ? 2   DG  B "C5'" 1 
ATOM   474 C  "C4'" . DG  B 2 3  ? -4.188  3.168   6.205   1.00 67.50  ? 2   DG  B "C4'" 1 
ATOM   475 O  "O4'" . DG  B 2 3  ? -3.994  1.798   5.851   1.00 59.39  ? 2   DG  B "O4'" 1 
ATOM   476 C  "C3'" . DG  B 2 3  ? -2.921  3.856   5.760   1.00 73.65  ? 2   DG  B "C3'" 1 
ATOM   477 O  "O3'" . DG  B 2 3  ? -2.726  5.002   6.574   1.00 86.03  ? 2   DG  B "O3'" 1 
ATOM   478 C  "C2'" . DG  B 2 3  ? -1.843  2.784   5.988   1.00 64.02  ? 2   DG  B "C2'" 1 
ATOM   479 C  "C1'" . DG  B 2 3  ? -2.630  1.472   5.963   1.00 52.22  ? 2   DG  B "C1'" 1 
ATOM   480 N  N9    . DG  B 2 3  ? -2.306  0.589   4.852   1.00 48.56  ? 2   DG  B N9    1 
ATOM   481 C  C8    . DG  B 2 3  ? -3.034  0.423   3.701   1.00 54.21  ? 2   DG  B C8    1 
ATOM   482 N  N7    . DG  B 2 3  ? -2.528  -0.460  2.890   1.00 52.37  ? 2   DG  B N7    1 
ATOM   483 C  C5    . DG  B 2 3  ? -1.399  -0.914  3.549   1.00 44.36  ? 2   DG  B C5    1 
ATOM   484 C  C6    . DG  B 2 3  ? -0.452  -1.872  3.155   1.00 45.56  ? 2   DG  B C6    1 
ATOM   485 O  O6    . DG  B 2 3  ? -0.424  -2.527  2.110   1.00 43.29  ? 2   DG  B O6    1 
ATOM   486 N  N1    . DG  B 2 3  ? 0.541   -2.040  4.109   1.00 48.60  ? 2   DG  B N1    1 
ATOM   487 C  C2    . DG  B 2 3  ? 0.603   -1.364  5.304   1.00 49.55  ? 2   DG  B C2    1 
ATOM   488 N  N2    . DG  B 2 3  ? 1.637   -1.658  6.102   1.00 54.06  ? 2   DG  B N2    1 
ATOM   489 N  N3    . DG  B 2 3  ? -0.283  -0.455  5.686   1.00 43.67  ? 2   DG  B N3    1 
ATOM   490 C  C4    . DG  B 2 3  ? -1.252  -0.284  4.763   1.00 43.00  ? 2   DG  B C4    1 
ATOM   491 P  P     . DT  B 2 4  ? -1.306  5.743   6.636   1.00 102.43 ? 3   DT  B P     1 
ATOM   492 O  OP1   . DT  B 2 4  ? -1.570  7.099   7.170   1.00 101.52 ? 3   DT  B OP1   1 
ATOM   493 O  OP2   . DT  B 2 4  ? -0.594  5.582   5.347   1.00 81.63  ? 3   DT  B OP2   1 
ATOM   494 O  "O5'" . DT  B 2 4  ? -0.502  4.909   7.731   1.00 80.56  ? 3   DT  B "O5'" 1 
ATOM   495 C  "C5'" . DT  B 2 4  ? 0.760   5.346   8.130   1.00 76.27  ? 3   DT  B "C5'" 1 
ATOM   496 C  "C4'" . DT  B 2 4  ? 1.786   4.245   8.003   1.00 64.65  ? 3   DT  B "C4'" 1 
ATOM   497 O  "O4'" . DT  B 2 4  ? 1.407   3.304   6.968   1.00 57.84  ? 3   DT  B "O4'" 1 
ATOM   498 C  "C3'" . DT  B 2 4  ? 3.180   4.734   7.626   1.00 63.18  ? 3   DT  B "C3'" 1 
ATOM   499 O  "O3'" . DT  B 2 4  ? 4.086   4.399   8.650   1.00 60.22  ? 3   DT  B "O3'" 1 
ATOM   500 C  "C2'" . DT  B 2 4  ? 3.494   3.988   6.322   1.00 62.89  ? 3   DT  B "C2'" 1 
ATOM   501 C  "C1'" . DT  B 2 4  ? 2.591   2.782   6.435   1.00 50.21  ? 3   DT  B "C1'" 1 
ATOM   502 N  N1    . DT  B 2 4  ? 2.292   2.121   5.140   1.00 42.99  ? 3   DT  B N1    1 
ATOM   503 C  C2    . DT  B 2 4  ? 3.141   1.148   4.660   1.00 51.06  ? 3   DT  B C2    1 
ATOM   504 O  O2    . DT  B 2 4  ? 4.151   0.800   5.239   1.00 57.58  ? 3   DT  B O2    1 
ATOM   505 N  N3    . DT  B 2 4  ? 2.758   0.602   3.456   1.00 50.55  ? 3   DT  B N3    1 
ATOM   506 C  C4    . DT  B 2 4  ? 1.639   0.920   2.720   1.00 46.97  ? 3   DT  B C4    1 
ATOM   507 O  O4    . DT  B 2 4  ? 1.374   0.386   1.657   1.00 47.47  ? 3   DT  B O4    1 
ATOM   508 C  C5    . DT  B 2 4  ? 0.802   1.939   3.285   1.00 49.79  ? 3   DT  B C5    1 
ATOM   509 C  C7    . DT  B 2 4  ? -0.439  2.366   2.568   1.00 54.62  ? 3   DT  B C7    1 
ATOM   510 C  C6    . DT  B 2 4  ? 1.165   2.483   4.451   1.00 50.58  ? 3   DT  B C6    1 
ATOM   511 P  P     . DC  B 2 5  ? 5.371   5.321   8.919   1.00 68.93  ? 4   DC  B P     1 
ATOM   512 O  OP1   . DC  B 2 5  ? 5.523   5.398   10.388  1.00 63.57  ? 4   DC  B OP1   1 
ATOM   513 O  OP2   . DC  B 2 5  ? 5.247   6.548   8.099   1.00 65.82  ? 4   DC  B OP2   1 
ATOM   514 O  "O5'" . DC  B 2 5  ? 6.573   4.471   8.303   1.00 58.86  ? 4   DC  B "O5'" 1 
ATOM   515 C  "C5'" . DC  B 2 5  ? 6.390   3.086   8.084   1.00 55.61  ? 4   DC  B "C5'" 1 
ATOM   516 C  "C4'" . DC  B 2 5  ? 7.649   2.455   7.538   1.00 47.39  ? 4   DC  B "C4'" 1 
ATOM   517 O  "O4'" . DC  B 2 5  ? 7.349   1.774   6.295   1.00 51.88  ? 4   DC  B "O4'" 1 
ATOM   518 C  "C3'" . DC  B 2 5  ? 8.760   3.424   7.212   1.00 49.88  ? 4   DC  B "C3'" 1 
ATOM   519 O  "O3'" . DC  B 2 5  ? 10.003  2.768   7.349   1.00 57.73  ? 4   DC  B "O3'" 1 
ATOM   520 C  "C2'" . DC  B 2 5  ? 8.465   3.772   5.756   1.00 50.87  ? 4   DC  B "C2'" 1 
ATOM   521 C  "C1'" . DC  B 2 5  ? 7.961   2.440   5.209   1.00 48.82  ? 4   DC  B "C1'" 1 
ATOM   522 N  N1    . DC  B 2 5  ? 6.940   2.581   4.117   1.00 46.31  ? 4   DC  B N1    1 
ATOM   523 C  C2    . DC  B 2 5  ? 6.968   1.725   3.005   1.00 49.10  ? 4   DC  B C2    1 
ATOM   524 O  O2    . DC  B 2 5  ? 7.849   0.854   2.928   1.00 49.82  ? 4   DC  B O2    1 
ATOM   525 N  N3    . DC  B 2 5  ? 6.028   1.881   2.038   1.00 43.61  ? 4   DC  B N3    1 
ATOM   526 C  C4    . DC  B 2 5  ? 5.094   2.824   2.160   1.00 47.05  ? 4   DC  B C4    1 
ATOM   527 N  N4    . DC  B 2 5  ? 4.184   2.942   1.186   1.00 48.73  ? 4   DC  B N4    1 
ATOM   528 C  C5    . DC  B 2 5  ? 5.053   3.692   3.281   1.00 46.98  ? 4   DC  B C5    1 
ATOM   529 C  C6    . DC  B 2 5  ? 5.985   3.537   4.223   1.00 44.13  ? 4   DC  B C6    1 
ATOM   530 P  P     . DA  B 2 6  ? 11.332  3.609   7.670   1.00 60.65  ? 5   DA  B P     1 
ATOM   531 O  OP1   . DA  B 2 6  ? 11.857  3.199   8.990   1.00 75.33  ? 5   DA  B OP1   1 
ATOM   532 O  OP2   . DA  B 2 6  ? 11.061  5.032   7.372   1.00 42.49  ? 5   DA  B OP2   1 
ATOM   533 O  "O5'" . DA  B 2 6  ? 12.344  3.126   6.553   1.00 50.52  ? 5   DA  B "O5'" 1 
ATOM   534 C  "C5'" . DA  B 2 6  ? 12.436  3.861   5.374   1.00 52.99  ? 5   DA  B "C5'" 1 
ATOM   535 C  "C4'" . DA  B 2 6  ? 12.938  3.001   4.243   1.00 46.54  ? 5   DA  B "C4'" 1 
ATOM   536 O  "O4'" . DA  B 2 6  ? 11.849  2.183   3.756   1.00 52.28  ? 5   DA  B "O4'" 1 
ATOM   537 C  "C3'" . DA  B 2 6  ? 13.401  3.800   3.046   1.00 48.73  ? 5   DA  B "C3'" 1 
ATOM   538 O  "O3'" . DA  B 2 6  ? 14.752  3.975   3.111   1.00 41.75  ? 5   DA  B "O3'" 1 
ATOM   539 C  "C2'" . DA  B 2 6  ? 13.017  2.916   1.883   1.00 54.09  ? 5   DA  B "C2'" 1 
ATOM   540 C  "C1'" . DA  B 2 6  ? 11.686  2.394   2.362   1.00 58.93  ? 5   DA  B "C1'" 1 
ATOM   541 N  N9    . DA  B 2 6  ? 10.565  3.322   2.152   1.00 49.24  ? 5   DA  B N9    1 
ATOM   542 C  C8    . DA  B 2 6  ? 10.180  4.340   2.972   1.00 50.07  ? 5   DA  B C8    1 
ATOM   543 N  N7    . DA  B 2 6  ? 9.126   4.991   2.555   1.00 54.22  ? 5   DA  B N7    1 
ATOM   544 C  C5    . DA  B 2 6  ? 8.783   4.354   1.380   1.00 47.27  ? 5   DA  B C5    1 
ATOM   545 C  C6    . DA  B 2 6  ? 7.744   4.575   0.465   1.00 44.43  ? 5   DA  B C6    1 
ATOM   546 N  N6    . DA  B 2 6  ? 6.837   5.547   0.612   1.00 47.92  ? 5   DA  B N6    1 
ATOM   547 N  N1    . DA  B 2 6  ? 7.677   3.769   -0.609  1.00 43.54  ? 5   DA  B N1    1 
ATOM   548 C  C2    . DA  B 2 6  ? 8.588   2.800   -0.741  1.00 48.50  ? 5   DA  B C2    1 
ATOM   549 N  N3    . DA  B 2 6  ? 9.612   2.495   0.057   1.00 48.40  ? 5   DA  B N3    1 
ATOM   550 C  C4    . DA  B 2 6  ? 9.654   3.320   1.111   1.00 46.46  ? 5   DA  B C4    1 
ATOM   551 O  "O5'" . DT  C 3 1  ? -25.553 -23.329 18.260  1.00 113.25 ? 1   DT  C "O5'" 1 
ATOM   552 C  "C5'" . DT  C 3 1  ? -24.508 -22.369 18.136  1.00 106.09 ? 1   DT  C "C5'" 1 
ATOM   553 C  "C4'" . DT  C 3 1  ? -23.178 -22.960 18.566  1.00 98.35  ? 1   DT  C "C4'" 1 
ATOM   554 O  "O4'" . DT  C 3 1  ? -23.000 -24.241 17.937  1.00 93.20  ? 1   DT  C "O4'" 1 
ATOM   555 C  "C3'" . DT  C 3 1  ? -21.961 -22.162 18.142  1.00 101.00 ? 1   DT  C "C3'" 1 
ATOM   556 O  "O3'" . DT  C 3 1  ? -21.708 -21.089 19.088  1.00 113.78 ? 1   DT  C "O3'" 1 
ATOM   557 C  "C2'" . DT  C 3 1  ? -20.858 -23.220 18.116  1.00 92.02  ? 1   DT  C "C2'" 1 
ATOM   558 C  "C1'" . DT  C 3 1  ? -21.620 -24.508 17.794  1.00 87.92  ? 1   DT  C "C1'" 1 
ATOM   559 N  N1    . DT  C 3 1  ? -21.379 -25.017 16.426  1.00 88.73  ? 1   DT  C N1    1 
ATOM   560 C  C2    . DT  C 3 1  ? -20.210 -25.687 16.161  1.00 94.56  ? 1   DT  C C2    1 
ATOM   561 O  O2    . DT  C 3 1  ? -19.345 -25.876 17.000  1.00 95.24  ? 1   DT  C O2    1 
ATOM   562 N  N3    . DT  C 3 1  ? -20.083 -26.132 14.870  1.00 91.13  ? 1   DT  C N3    1 
ATOM   563 C  C4    . DT  C 3 1  ? -20.996 -25.979 13.841  1.00 84.78  ? 1   DT  C C4    1 
ATOM   564 O  O4    . DT  C 3 1  ? -20.792 -26.414 12.714  1.00 82.67  ? 1   DT  C O4    1 
ATOM   565 C  C5    . DT  C 3 1  ? -22.203 -25.268 14.190  1.00 84.95  ? 1   DT  C C5    1 
ATOM   566 C  C7    . DT  C 3 1  ? -23.265 -25.040 13.157  1.00 85.97  ? 1   DT  C C7    1 
ATOM   567 C  C6    . DT  C 3 1  ? -22.337 -24.828 15.451  1.00 86.91  ? 1   DT  C C6    1 
ATOM   568 P  P     . DC  C 3 2  ? -20.682 -21.243 20.323  1.00 118.79 ? 2   DC  C P     1 
ATOM   569 O  OP1   . DC  C 3 2  ? -20.932 -22.518 21.031  1.00 113.18 ? 2   DC  C OP1   1 
ATOM   570 O  OP2   . DC  C 3 2  ? -20.760 -19.979 21.087  1.00 108.28 ? 2   DC  C OP2   1 
ATOM   571 O  "O5'" . DC  C 3 2  ? -19.237 -21.292 19.643  1.00 91.17  ? 2   DC  C "O5'" 1 
ATOM   572 C  "C5'" . DC  C 3 2  ? -18.083 -21.229 20.442  1.00 83.77  ? 2   DC  C "C5'" 1 
ATOM   573 C  "C4'" . DC  C 3 2  ? -17.028 -22.187 19.928  1.00 95.98  ? 2   DC  C "C4'" 1 
ATOM   574 O  "O4'" . DC  C 3 2  ? -17.528 -22.920 18.775  1.00 89.20  ? 2   DC  C "O4'" 1 
ATOM   575 C  "C3'" . DC  C 3 2  ? -15.724 -21.530 19.474  1.00 100.23 ? 2   DC  C "C3'" 1 
ATOM   576 O  "O3'" . DC  C 3 2  ? -14.631 -22.258 20.003  1.00 106.56 ? 2   DC  C "O3'" 1 
ATOM   577 C  "C2'" . DC  C 3 2  ? -15.789 -21.642 17.947  1.00 96.46  ? 2   DC  C "C2'" 1 
ATOM   578 C  "C1'" . DC  C 3 2  ? -16.511 -22.964 17.803  1.00 88.85  ? 2   DC  C "C1'" 1 
ATOM   579 N  N1    . DC  C 3 2  ? -17.131 -23.204 16.458  1.00 93.36  ? 2   DC  C N1    1 
ATOM   580 C  C2    . DC  C 3 2  ? -16.566 -24.159 15.603  1.00 94.29  ? 2   DC  C C2    1 
ATOM   581 O  O2    . DC  C 3 2  ? -15.551 -24.769 15.967  1.00 96.78  ? 2   DC  C O2    1 
ATOM   582 N  N3    . DC  C 3 2  ? -17.144 -24.385 14.393  1.00 84.25  ? 2   DC  C N3    1 
ATOM   583 C  C4    . DC  C 3 2  ? -18.238 -23.708 14.038  1.00 82.83  ? 2   DC  C C4    1 
ATOM   584 N  N4    . DC  C 3 2  ? -18.770 -23.967 12.840  1.00 79.50  ? 2   DC  C N4    1 
ATOM   585 C  C5    . DC  C 3 2  ? -18.834 -22.737 14.898  1.00 83.99  ? 2   DC  C C5    1 
ATOM   586 C  C6    . DC  C 3 2  ? -18.253 -22.519 16.086  1.00 89.00  ? 2   DC  C C6    1 
ATOM   587 P  P     . DT  C 3 3  ? -13.149 -21.651 19.936  1.00 117.40 ? 3   DT  C P     1 
ATOM   588 O  OP1   . DT  C 3 3  ? -12.278 -22.481 20.797  1.00 108.29 ? 3   DT  C OP1   1 
ATOM   589 O  OP2   . DT  C 3 3  ? -13.249 -20.190 20.159  1.00 111.13 ? 3   DT  C OP2   1 
ATOM   590 O  "O5'" . DT  C 3 3  ? -12.704 -21.920 18.429  1.00 105.78 ? 3   DT  C "O5'" 1 
ATOM   591 C  "C5'" . DT  C 3 3  ? -12.596 -23.250 17.949  1.00 99.58  ? 3   DT  C "C5'" 1 
ATOM   592 C  "C4'" . DT  C 3 3  ? -11.472 -23.355 16.935  1.00 104.31 ? 3   DT  C "C4'" 1 
ATOM   593 O  "O4'" . DT  C 3 3  ? -12.022 -23.501 15.601  1.00 103.16 ? 3   DT  C "O4'" 1 
ATOM   594 C  "C3'" . DT  C 3 3  ? -10.556 -22.144 16.865  1.00 96.77  ? 3   DT  C "C3'" 1 
ATOM   595 O  "O3'" . DT  C 3 3  ? -9.276  -22.554 16.451  1.00 92.13  ? 3   DT  C "O3'" 1 
ATOM   596 C  "C2'" . DT  C 3 3  ? -11.235 -21.281 15.805  1.00 91.55  ? 3   DT  C "C2'" 1 
ATOM   597 C  "C1'" . DT  C 3 3  ? -11.765 -22.336 14.838  1.00 90.05  ? 3   DT  C "C1'" 1 
ATOM   598 N  N1    . DT  C 3 3  ? -13.034 -21.940 14.156  1.00 81.63  ? 3   DT  C N1    1 
ATOM   599 C  C2    . DT  C 3 3  ? -13.399 -22.587 13.002  1.00 78.20  ? 3   DT  C C2    1 
ATOM   600 O  O2    . DT  C 3 3  ? -12.727 -23.467 12.496  1.00 79.96  ? 3   DT  C O2    1 
ATOM   601 N  N3    . DT  C 3 3  ? -14.586 -22.164 12.458  1.00 76.17  ? 3   DT  C N3    1 
ATOM   602 C  C4    . DT  C 3 3  ? -15.427 -21.179 12.946  1.00 78.61  ? 3   DT  C C4    1 
ATOM   603 O  O4    . DT  C 3 3  ? -16.476 -20.870 12.383  1.00 75.23  ? 3   DT  C O4    1 
ATOM   604 C  C5    . DT  C 3 3  ? -14.986 -20.540 14.165  1.00 77.99  ? 3   DT  C C5    1 
ATOM   605 C  C7    . DT  C 3 3  ? -15.813 -19.457 14.791  1.00 73.33  ? 3   DT  C C7    1 
ATOM   606 C  C6    . DT  C 3 3  ? -13.826 -20.949 14.706  1.00 78.72  ? 3   DT  C C6    1 
ATOM   607 P  P     . DG  C 3 4  ? -7.985  -21.665 16.794  1.00 109.74 ? 4   DG  C P     1 
ATOM   608 O  OP1   . DG  C 3 4  ? -7.269  -22.316 17.912  1.00 112.67 ? 4   DG  C OP1   1 
ATOM   609 O  OP2   . DG  C 3 4  ? -8.407  -20.251 16.921  1.00 100.82 ? 4   DG  C OP2   1 
ATOM   610 O  "O5'" . DG  C 3 4  ? -7.086  -21.841 15.492  1.00 102.55 ? 4   DG  C "O5'" 1 
ATOM   611 C  "C5'" . DG  C 3 4  ? -6.880  -23.145 14.971  1.00 96.69  ? 4   DG  C "C5'" 1 
ATOM   612 C  "C4'" . DG  C 3 4  ? -6.798  -23.116 13.459  1.00 93.10  ? 4   DG  C "C4'" 1 
ATOM   613 O  "O4'" . DG  C 3 4  ? -8.063  -22.661 12.906  1.00 88.14  ? 4   DG  C "O4'" 1 
ATOM   614 C  "C3'" . DG  C 3 4  ? -5.731  -22.189 12.896  1.00 89.27  ? 4   DG  C "C3'" 1 
ATOM   615 O  "O3'" . DG  C 3 4  ? -5.165  -22.782 11.749  1.00 95.70  ? 4   DG  C "O3'" 1 
ATOM   616 C  "C2'" . DG  C 3 4  ? -6.523  -20.930 12.549  1.00 84.74  ? 4   DG  C "C2'" 1 
ATOM   617 C  "C1'" . DG  C 3 4  ? -7.853  -21.518 12.103  1.00 82.53  ? 4   DG  C "C1'" 1 
ATOM   618 N  N9    . DG  C 3 4  ? -8.985  -20.616 12.290  1.00 75.19  ? 4   DG  C N9    1 
ATOM   619 C  C8    . DG  C 3 4  ? -9.156  -19.700 13.298  1.00 76.27  ? 4   DG  C C8    1 
ATOM   620 N  N7    . DG  C 3 4  ? -10.273 -19.032 13.211  1.00 72.85  ? 4   DG  C N7    1 
ATOM   621 C  C5    . DG  C 3 4  ? -10.884 -19.543 12.073  1.00 70.53  ? 4   DG  C C5    1 
ATOM   622 C  C6    . DG  C 3 4  ? -12.123 -19.211 11.477  1.00 65.39  ? 4   DG  C C6    1 
ATOM   623 O  O6    . DG  C 3 4  ? -12.952 -18.371 11.852  1.00 63.58  ? 4   DG  C O6    1 
ATOM   624 N  N1    . DG  C 3 4  ? -12.364 -19.968 10.333  1.00 59.18  ? 4   DG  C N1    1 
ATOM   625 C  C2    . DG  C 3 4  ? -11.515 -20.926 9.831   1.00 63.03  ? 4   DG  C C2    1 
ATOM   626 N  N2    . DG  C 3 4  ? -11.911 -21.558 8.718   1.00 61.57  ? 4   DG  C N2    1 
ATOM   627 N  N3    . DG  C 3 4  ? -10.352 -21.246 10.383  1.00 67.09  ? 4   DG  C N3    1 
ATOM   628 C  C4    . DG  C 3 4  ? -10.103 -20.518 11.496  1.00 71.76  ? 4   DG  C C4    1 
ATOM   629 P  P     . DA  C 3 5  ? -3.792  -22.224 11.129  1.00 107.25 ? 5   DA  C P     1 
ATOM   630 O  OP1   . DA  C 3 5  ? -2.800  -23.320 11.213  1.00 98.88  ? 5   DA  C OP1   1 
ATOM   631 O  OP2   . DA  C 3 5  ? -3.492  -20.910 11.743  1.00 94.12  ? 5   DA  C OP2   1 
ATOM   632 O  "O5'" . DA  C 3 5  ? -4.160  -21.999 9.593   1.00 95.91  ? 5   DA  C "O5'" 1 
ATOM   633 C  "C5'" . DA  C 3 5  ? -4.805  -23.046 8.874   1.00 91.40  ? 5   DA  C "C5'" 1 
ATOM   634 C  "C4'" . DA  C 3 5  ? -5.620  -22.496 7.718   1.00 87.61  ? 5   DA  C "C4'" 1 
ATOM   635 O  "O4'" . DA  C 3 5  ? -6.765  -21.761 8.226   1.00 80.42  ? 5   DA  C "O4'" 1 
ATOM   636 C  "C3'" . DA  C 3 5  ? -4.872  -21.527 6.802   1.00 88.91  ? 5   DA  C "C3'" 1 
ATOM   637 O  "O3'" . DA  C 3 5  ? -5.200  -21.802 5.454   1.00 86.61  ? 5   DA  C "O3'" 1 
ATOM   638 C  "C2'" . DA  C 3 5  ? -5.399  -20.166 7.240   1.00 80.21  ? 5   DA  C "C2'" 1 
ATOM   639 C  "C1'" . DA  C 3 5  ? -6.833  -20.517 7.577   1.00 70.60  ? 5   DA  C "C1'" 1 
ATOM   640 N  N9    . DA  C 3 5  ? -7.466  -19.564 8.470   1.00 63.95  ? 5   DA  C N9    1 
ATOM   641 C  C8    . DA  C 3 5  ? -6.950  -19.037 9.620   1.00 67.54  ? 5   DA  C C8    1 
ATOM   642 N  N7    . DA  C 3 5  ? -7.753  -18.189 10.219  1.00 61.78  ? 5   DA  C N7    1 
ATOM   643 C  C5    . DA  C 3 5  ? -8.869  -18.161 9.403   1.00 62.43  ? 5   DA  C C5    1 
ATOM   644 C  C6    . DA  C 3 5  ? -10.084 -17.456 9.483   1.00 58.93  ? 5   DA  C C6    1 
ATOM   645 N  N6    . DA  C 3 5  ? -10.379 -16.611 10.471  1.00 56.55  ? 5   DA  C N6    1 
ATOM   646 N  N1    . DA  C 3 5  ? -10.989 -17.656 8.499   1.00 62.02  ? 5   DA  C N1    1 
ATOM   647 C  C2    . DA  C 3 5  ? -10.686 -18.507 7.510   1.00 63.09  ? 5   DA  C C2    1 
ATOM   648 N  N3    . DA  C 3 5  ? -9.580  -19.227 7.330   1.00 58.25  ? 5   DA  C N3    1 
ATOM   649 C  C4    . DA  C 3 5  ? -8.705  -19.004 8.321   1.00 63.85  ? 5   DA  C C4    1 
ATOM   650 P  P     . DG  C 3 6  ? -4.235  -21.301 4.276   1.00 89.87  ? 6   DG  C P     1 
ATOM   651 O  OP1   . DG  C 3 6  ? -3.763  -22.483 3.519   1.00 84.91  ? 6   DG  C OP1   1 
ATOM   652 O  OP2   . DG  C 3 6  ? -3.266  -20.362 4.888   1.00 86.52  ? 6   DG  C OP2   1 
ATOM   653 O  "O5'" . DG  C 3 6  ? -5.202  -20.445 3.351   1.00 71.64  ? 6   DG  C "O5'" 1 
ATOM   654 C  "C5'" . DG  C 3 6  ? -5.895  -19.366 3.907   1.00 63.27  ? 6   DG  C "C5'" 1 
ATOM   655 C  "C4'" . DG  C 3 6  ? -7.239  -19.211 3.250   1.00 60.68  ? 6   DG  C "C4'" 1 
ATOM   656 O  "O4'" . DG  C 3 6  ? -8.197  -18.801 4.248   1.00 63.00  ? 6   DG  C "O4'" 1 
ATOM   657 C  "C3'" . DG  C 3 6  ? -7.281  -18.156 2.158   1.00 65.05  ? 6   DG  C "C3'" 1 
ATOM   658 O  "O3'" . DG  C 3 6  ? -8.182  -18.532 1.121   1.00 77.84  ? 6   DG  C "O3'" 1 
ATOM   659 C  "C2'" . DG  C 3 6  ? -7.746  -16.905 2.895   1.00 58.18  ? 6   DG  C "C2'" 1 
ATOM   660 C  "C1'" . DG  C 3 6  ? -8.597  -17.466 4.033   1.00 53.14  ? 6   DG  C "C1'" 1 
ATOM   661 N  N9    . DG  C 3 6  ? -8.442  -16.718 5.279   1.00 53.16  ? 6   DG  C N9    1 
ATOM   662 C  C8    . DG  C 3 6  ? -7.374  -16.749 6.147   1.00 50.13  ? 6   DG  C C8    1 
ATOM   663 N  N7    . DG  C 3 6  ? -7.517  -15.951 7.169   1.00 44.86  ? 6   DG  C N7    1 
ATOM   664 C  C5    . DG  C 3 6  ? -8.756  -15.353 6.962   1.00 46.57  ? 6   DG  C C5    1 
ATOM   665 C  C6    . DG  C 3 6  ? -9.454  -14.394 7.737   1.00 53.42  ? 6   DG  C C6    1 
ATOM   666 O  O6    . DG  C 3 6  ? -9.108  -13.866 8.798   1.00 56.43  ? 6   DG  C O6    1 
ATOM   667 N  N1    . DG  C 3 6  ? -10.682 -14.056 7.164   1.00 54.23  ? 6   DG  C N1    1 
ATOM   668 C  C2    . DG  C 3 6  ? -11.170 -14.581 5.991   1.00 57.70  ? 6   DG  C C2    1 
ATOM   669 N  N2    . DG  C 3 6  ? -12.370 -14.141 5.584   1.00 58.54  ? 6   DG  C N2    1 
ATOM   670 N  N3    . DG  C 3 6  ? -10.523 -15.477 5.259   1.00 53.20  ? 6   DG  C N3    1 
ATOM   671 C  C4    . DG  C 3 6  ? -9.330  -15.813 5.803   1.00 50.92  ? 6   DG  C C4    1 
ATOM   672 P  P     . DT  C 3 7  ? -8.083  -17.810 -0.313  1.00 73.87  ? 7   DT  C P     1 
ATOM   673 O  OP1   . DT  C 3 7  ? -8.709  -18.673 -1.338  1.00 70.34  ? 7   DT  C OP1   1 
ATOM   674 O  OP2   . DT  C 3 7  ? -6.678  -17.359 -0.458  1.00 60.76  ? 7   DT  C OP2   1 
ATOM   675 O  "O5'" . DT  C 3 7  ? -9.034  -16.547 -0.154  1.00 46.23  ? 7   DT  C "O5'" 1 
ATOM   676 C  "C5'" . DT  C 3 7  ? -10.335 -16.751 0.310   1.00 48.78  ? 7   DT  C "C5'" 1 
ATOM   677 C  "C4'" . DT  C 3 7  ? -11.010 -15.437 0.623   1.00 59.99  ? 7   DT  C "C4'" 1 
ATOM   678 O  "O4'" . DT  C 3 7  ? -10.564 -14.932 1.891   1.00 58.10  ? 7   DT  C "O4'" 1 
ATOM   679 C  "C3'" . DT  C 3 7  ? -10.759 -14.321 -0.382  1.00 63.13  ? 7   DT  C "C3'" 1 
ATOM   680 O  "O3'" . DT  C 3 7  ? -11.985 -14.015 -1.005  1.00 65.06  ? 7   DT  C "O3'" 1 
ATOM   681 C  "C2'" . DT  C 3 7  ? -10.223 -13.144 0.474   1.00 54.75  ? 7   DT  C "C2'" 1 
ATOM   682 C  "C1'" . DT  C 3 7  ? -10.682 -13.539 1.865   1.00 48.78  ? 7   DT  C "C1'" 1 
ATOM   683 N  N1    . DT  C 3 7  ? -9.870  -13.013 2.995   1.00 48.13  ? 7   DT  C N1    1 
ATOM   684 C  C2    . DT  C 3 7  ? -10.410 -12.062 3.830   1.00 51.03  ? 7   DT  C C2    1 
ATOM   685 O  O2    . DT  C 3 7  ? -11.508 -11.572 3.656   1.00 56.05  ? 7   DT  C O2    1 
ATOM   686 N  N3    . DT  C 3 7  ? -9.593  -11.684 4.865   1.00 53.09  ? 7   DT  C N3    1 
ATOM   687 C  C4    . DT  C 3 7  ? -8.337  -12.173 5.158   1.00 51.88  ? 7   DT  C C4    1 
ATOM   688 O  O4    . DT  C 3 7  ? -7.684  -11.773 6.112   1.00 51.83  ? 7   DT  C O4    1 
ATOM   689 C  C5    . DT  C 3 7  ? -7.843  -13.183 4.258   1.00 46.28  ? 7   DT  C C5    1 
ATOM   690 C  C7    . DT  C 3 7  ? -6.490  -13.783 4.474   1.00 46.22  ? 7   DT  C C7    1 
ATOM   691 C  C6    . DT  C 3 7  ? -8.629  -13.559 3.243   1.00 49.62  ? 7   DT  C C6    1 
ATOM   692 P  P     . DG  C 3 8  ? -12.065 -12.891 -2.138  1.00 57.09  ? 8   DG  C P     1 
ATOM   693 O  OP1   . DG  C 3 8  ? -13.234 -13.219 -2.991  1.00 48.66  ? 8   DG  C OP1   1 
ATOM   694 O  OP2   . DG  C 3 8  ? -10.708 -12.752 -2.732  1.00 47.19  ? 8   DG  C OP2   1 
ATOM   695 O  "O5'" . DG  C 3 8  ? -12.394 -11.578 -1.302  1.00 37.32  ? 8   DG  C "O5'" 1 
ATOM   696 C  "C5'" . DG  C 3 8  ? -12.766 -10.411 -1.960  1.00 45.77  ? 8   DG  C "C5'" 1 
ATOM   697 C  "C4'" . DG  C 3 8  ? -12.714 -9.245  -1.008  1.00 44.67  ? 8   DG  C "C4'" 1 
ATOM   698 O  "O4'" . DG  C 3 8  ? -11.910 -9.601  0.151   1.00 47.23  ? 8   DG  C "O4'" 1 
ATOM   699 C  "C3'" . DG  C 3 8  ? -12.063 -7.993  -1.585  1.00 36.58  ? 8   DG  C "C3'" 1 
ATOM   700 O  "O3'" . DG  C 3 8  ? -12.731 -6.856  -1.111  1.00 29.77  ? 8   DG  C "O3'" 1 
ATOM   701 C  "C2'" . DG  C 3 8  ? -10.662 -8.071  -1.013  1.00 47.69  ? 8   DG  C "C2'" 1 
ATOM   702 C  "C1'" . DG  C 3 8  ? -10.994 -8.565  0.371   1.00 47.22  ? 8   DG  C "C1'" 1 
ATOM   703 N  N9    . DG  C 3 8  ? -9.842  -9.055  1.106   1.00 47.80  ? 8   DG  C N9    1 
ATOM   704 C  C8    . DG  C 3 8  ? -8.883  -9.931  0.666   1.00 49.49  ? 8   DG  C C8    1 
ATOM   705 N  N7    . DG  C 3 8  ? -7.956  -10.165 1.552   1.00 51.15  ? 8   DG  C N7    1 
ATOM   706 C  C5    . DG  C 3 8  ? -8.324  -9.383  2.639   1.00 51.35  ? 8   DG  C C5    1 
ATOM   707 C  C6    . DG  C 3 8  ? -7.703  -9.227  3.891   1.00 50.89  ? 8   DG  C C6    1 
ATOM   708 O  O6    . DG  C 3 8  ? -6.670  -9.771  4.291   1.00 50.81  ? 8   DG  C O6    1 
ATOM   709 N  N1    . DG  C 3 8  ? -8.404  -8.336  4.715   1.00 54.23  ? 8   DG  C N1    1 
ATOM   710 C  C2    . DG  C 3 8  ? -9.564  -7.686  4.345   1.00 52.86  ? 8   DG  C C2    1 
ATOM   711 N  N2    . DG  C 3 8  ? -10.119 -6.859  5.247   1.00 59.45  ? 8   DG  C N2    1 
ATOM   712 N  N3    . DG  C 3 8  ? -10.147 -7.832  3.170   1.00 46.45  ? 8   DG  C N3    1 
ATOM   713 C  C4    . DG  C 3 8  ? -9.475  -8.690  2.374   1.00 48.29  ? 8   DG  C C4    1 
ATOM   714 P  P     . DT  D 4 1  ? 15.252  7.776   -0.944  1.00 65.32  ? 10  DT  D P     1 
ATOM   715 O  OP1   . DT  D 4 1  ? 16.564  8.454   -0.802  1.00 56.20  ? 10  DT  D OP1   1 
ATOM   716 O  OP2   . DT  D 4 1  ? 14.029  8.342   -0.335  1.00 43.16  ? 10  DT  D OP2   1 
ATOM   717 O  "O5'" . DT  D 4 1  ? 15.385  6.280   -0.396  1.00 50.79  ? 10  DT  D "O5'" 1 
ATOM   718 C  "C5'" . DT  D 4 1  ? 14.222  5.517   -0.179  1.00 49.30  ? 10  DT  D "C5'" 1 
ATOM   719 C  "C4'" . DT  D 4 1  ? 14.079  4.391   -1.194  1.00 51.78  ? 10  DT  D "C4'" 1 
ATOM   720 O  "O4'" . DT  D 4 1  ? 12.796  3.759   -0.972  1.00 45.27  ? 10  DT  D "O4'" 1 
ATOM   721 C  "C3'" . DT  D 4 1  ? 14.098  4.820   -2.664  1.00 59.64  ? 10  DT  D "C3'" 1 
ATOM   722 O  "O3'" . DT  D 4 1  ? 15.370  4.518   -3.252  1.00 57.09  ? 10  DT  D "O3'" 1 
ATOM   723 C  "C2'" . DT  D 4 1  ? 12.995  3.985   -3.303  1.00 53.92  ? 10  DT  D "C2'" 1 
ATOM   724 C  "C1'" . DT  D 4 1  ? 12.039  3.730   -2.151  1.00 44.96  ? 10  DT  D "C1'" 1 
ATOM   725 N  N1    . DT  D 4 1  ? 10.947  4.720   -2.042  1.00 40.25  ? 10  DT  D N1    1 
ATOM   726 C  C2    . DT  D 4 1  ? 9.967   4.735   -3.002  1.00 51.93  ? 10  DT  D C2    1 
ATOM   727 O  O2    . DT  D 4 1  ? 9.955   3.975   -3.955  1.00 59.64  ? 10  DT  D O2    1 
ATOM   728 N  N3    . DT  D 4 1  ? 8.996   5.680   -2.809  1.00 48.36  ? 10  DT  D N3    1 
ATOM   729 C  C4    . DT  D 4 1  ? 8.906   6.580   -1.775  1.00 40.14  ? 10  DT  D C4    1 
ATOM   730 O  O4    . DT  D 4 1  ? 7.993   7.386   -1.689  1.00 43.47  ? 10  DT  D O4    1 
ATOM   731 C  C5    . DT  D 4 1  ? 9.958   6.504   -0.799  1.00 41.76  ? 10  DT  D C5    1 
ATOM   732 C  C7    . DT  D 4 1  ? 9.957   7.436   0.376   1.00 36.64  ? 10  DT  D C7    1 
ATOM   733 C  C6    . DT  D 4 1  ? 10.913  5.583   -0.974  1.00 43.79  ? 10  DT  D C6    1 
ATOM   734 P  P     . DG  D 4 2  ? 15.902  5.356   -4.520  1.00 71.93  ? 11  DG  D P     1 
ATOM   735 O  OP1   . DG  D 4 2  ? 17.048  4.603   -5.074  1.00 70.22  ? 11  DG  D OP1   1 
ATOM   736 O  OP2   . DG  D 4 2  ? 16.074  6.767   -4.103  1.00 70.06  ? 11  DG  D OP2   1 
ATOM   737 O  "O5'" . DG  D 4 2  ? 14.691  5.311   -5.570  1.00 62.10  ? 11  DG  D "O5'" 1 
ATOM   738 C  "C5'" . DG  D 4 2  ? 14.545  4.194   -6.451  1.00 60.67  ? 11  DG  D "C5'" 1 
ATOM   739 C  "C4'" . DG  D 4 2  ? 13.357  4.390   -7.369  1.00 59.56  ? 11  DG  D "C4'" 1 
ATOM   740 O  "O4'" . DG  D 4 2  ? 12.221  4.789   -6.583  1.00 54.48  ? 11  DG  D "O4'" 1 
ATOM   741 C  "C3'" . DG  D 4 2  ? 13.545  5.475   -8.424  1.00 70.30  ? 11  DG  D "C3'" 1 
ATOM   742 O  "O3'" . DG  D 4 2  ? 13.627  4.895   -9.711  1.00 79.30  ? 11  DG  D "O3'" 1 
ATOM   743 C  "C2'" . DG  D 4 2  ? 12.312  6.378   -8.301  1.00 66.59  ? 11  DG  D "C2'" 1 
ATOM   744 C  "C1'" . DG  D 4 2  ? 11.405  5.649   -7.324  1.00 51.47  ? 11  DG  D "C1'" 1 
ATOM   745 N  N9    . DG  D 4 2  ? 10.762  6.543   -6.382  1.00 51.84  ? 11  DG  D N9    1 
ATOM   746 C  C8    . DG  D 4 2  ? 11.324  7.078   -5.247  1.00 57.76  ? 11  DG  D C8    1 
ATOM   747 N  N7    . DG  D 4 2  ? 10.513  7.847   -4.579  1.00 51.63  ? 11  DG  D N7    1 
ATOM   748 C  C5    . DG  D 4 2  ? 9.339   7.817   -5.318  1.00 57.16  ? 11  DG  D C5    1 
ATOM   749 C  C6    . DG  D 4 2  ? 8.109   8.462   -5.082  1.00 59.71  ? 11  DG  D C6    1 
ATOM   750 O  O6    . DG  D 4 2  ? 7.811   9.209   -4.145  1.00 59.52  ? 11  DG  D O6    1 
ATOM   751 N  N1    . DG  D 4 2  ? 7.178   8.166   -6.069  1.00 59.90  ? 11  DG  D N1    1 
ATOM   752 C  C2    . DG  D 4 2  ? 7.409   7.350   -7.154  1.00 62.89  ? 11  DG  D C2    1 
ATOM   753 N  N2    . DG  D 4 2  ? 6.387   7.183   -8.003  1.00 67.28  ? 11  DG  D N2    1 
ATOM   754 N  N3    . DG  D 4 2  ? 8.562   6.735   -7.385  1.00 56.67  ? 11  DG  D N3    1 
ATOM   755 C  C4    . DG  D 4 2  ? 9.478   7.016   -6.430  1.00 56.69  ? 11  DG  D C4    1 
ATOM   756 P  P     . DT  D 4 3  ? 13.991  5.813   -10.978 1.00 95.57  ? 12  DT  D P     1 
ATOM   757 O  OP1   . DT  D 4 3  ? 14.510  4.911   -12.031 1.00 90.49  ? 12  DT  D OP1   1 
ATOM   758 O  OP2   . DT  D 4 3  ? 14.799  6.963   -10.506 1.00 81.77  ? 12  DT  D OP2   1 
ATOM   759 O  "O5'" . DT  D 4 3  ? 12.579  6.389   -11.443 1.00 79.64  ? 12  DT  D "O5'" 1 
ATOM   760 C  "C5'" . DT  D 4 3  ? 11.549  5.496   -11.801 1.00 79.18  ? 12  DT  D "C5'" 1 
ATOM   761 C  "C4'" . DT  D 4 3  ? 10.364  6.251   -12.362 1.00 83.86  ? 12  DT  D "C4'" 1 
ATOM   762 O  "O4'" . DT  D 4 3  ? 9.666   6.936   -11.287 1.00 75.29  ? 12  DT  D "O4'" 1 
ATOM   763 C  "C3'" . DT  D 4 3  ? 10.710  7.322   -13.388 1.00 87.66  ? 12  DT  D "C3'" 1 
ATOM   764 O  "O3'" . DT  D 4 3  ? 9.730   7.307   -14.421 1.00 92.96  ? 12  DT  D "O3'" 1 
ATOM   765 C  "C2'" . DT  D 4 3  ? 10.653  8.610   -12.560 1.00 81.27  ? 12  DT  D "C2'" 1 
ATOM   766 C  "C1'" . DT  D 4 3  ? 9.508   8.297   -11.616 1.00 69.46  ? 12  DT  D "C1'" 1 
ATOM   767 N  N1    . DT  D 4 3  ? 9.545   9.056   -10.354 1.00 63.93  ? 12  DT  D N1    1 
ATOM   768 C  C2    . DT  D 4 3  ? 8.394   9.648   -9.881  1.00 71.32  ? 12  DT  D C2    1 
ATOM   769 O  O2    . DT  D 4 3  ? 7.331   9.603   -10.469 1.00 75.59  ? 12  DT  D O2    1 
ATOM   770 N  N3    . DT  D 4 3  ? 8.543   10.301  -8.683  1.00 67.49  ? 12  DT  D N3    1 
ATOM   771 C  C4    . DT  D 4 3  ? 9.694   10.412  -7.932  1.00 65.54  ? 12  DT  D C4    1 
ATOM   772 O  O4    . DT  D 4 3  ? 9.733   11.021  -6.872  1.00 67.14  ? 12  DT  D O4    1 
ATOM   773 C  C5    . DT  D 4 3  ? 10.852  9.762   -8.482  1.00 63.44  ? 12  DT  D C5    1 
ATOM   774 C  C7    . DT  D 4 3  ? 12.158  9.822   -7.754  1.00 66.20  ? 12  DT  D C7    1 
ATOM   775 C  C6    . DT  D 4 3  ? 10.723  9.120   -9.649  1.00 66.03  ? 12  DT  D C6    1 
ATOM   776 P  P     . DC  D 4 4  ? 9.994   8.054   -15.818 1.00 98.44  ? 13  DC  D P     1 
ATOM   777 O  OP1   . DC  D 4 4  ? 9.885   7.039   -16.888 1.00 85.67  ? 13  DC  D OP1   1 
ATOM   778 O  OP2   . DC  D 4 4  ? 11.227  8.861   -15.692 1.00 103.04 ? 13  DC  D OP2   1 
ATOM   779 O  "O5'" . DC  D 4 4  ? 8.765   9.062   -15.921 1.00 86.34  ? 13  DC  D "O5'" 1 
ATOM   780 C  "C5'" . DC  D 4 4  ? 8.164   9.539   -14.734 1.00 82.13  ? 13  DC  D "C5'" 1 
ATOM   781 C  "C4'" . DC  D 4 4  ? 6.881   10.268  -15.038 1.00 92.86  ? 13  DC  D "C4'" 1 
ATOM   782 O  "O4'" . DC  D 4 4  ? 6.410   10.936  -13.845 1.00 91.99  ? 13  DC  D "O4'" 1 
ATOM   783 C  "C3'" . DC  D 4 4  ? 7.017   11.358  -16.074 1.00 104.67 ? 13  DC  D "C3'" 1 
ATOM   784 O  "O3'" . DC  D 4 4  ? 5.773   11.561  -16.719 1.00 110.59 ? 13  DC  D "O3'" 1 
ATOM   785 C  "C2'" . DC  D 4 4  ? 7.435   12.569  -15.237 1.00 105.94 ? 13  DC  D "C2'" 1 
ATOM   786 C  "C1'" . DC  D 4 4  ? 6.763   12.307  -13.883 1.00 93.57  ? 13  DC  D "C1'" 1 
ATOM   787 N  N1    . DC  D 4 4  ? 7.656   12.587  -12.721 1.00 83.68  ? 13  DC  D N1    1 
ATOM   788 C  C2    . DC  D 4 4  ? 7.149   13.230  -11.579 1.00 80.99  ? 13  DC  D C2    1 
ATOM   789 O  O2    . DC  D 4 4  ? 5.956   13.562  -11.547 1.00 80.09  ? 13  DC  D O2    1 
ATOM   790 N  N3    . DC  D 4 4  ? 7.988   13.466  -10.538 1.00 78.86  ? 13  DC  D N3    1 
ATOM   791 C  C4    . DC  D 4 4  ? 9.269   13.092  -10.614 1.00 82.32  ? 13  DC  D C4    1 
ATOM   792 N  N4    . DC  D 4 4  ? 10.061  13.343  -9.569  1.00 84.84  ? 13  DC  D N4    1 
ATOM   793 C  C5    . DC  D 4 4  ? 9.797   12.440  -11.764 1.00 79.30  ? 13  DC  D C5    1 
ATOM   794 C  C6    . DC  D 4 4  ? 8.967   12.211  -12.781 1.00 82.10  ? 13  DC  D C6    1 
ATOM   795 P  P     . DT  D 4 5  ? 5.659   12.618  -17.919 1.00 108.70 ? 14  DT  D P     1 
ATOM   796 O  OP1   . DT  D 4 5  ? 4.552   12.181  -18.799 1.00 108.71 ? 14  DT  D OP1   1 
ATOM   797 O  OP2   . DT  D 4 5  ? 7.026   12.784  -18.469 1.00 102.19 ? 14  DT  D OP2   1 
ATOM   798 O  "O5'" . DT  D 4 5  ? 5.237   13.975  -17.178 1.00 109.70 ? 14  DT  D "O5'" 1 
ATOM   799 C  "C5'" . DT  D 4 5  ? 4.208   13.954  -16.186 1.00 106.13 ? 14  DT  D "C5'" 1 
ATOM   800 C  "C4'" . DT  D 4 5  ? 3.960   15.346  -15.627 1.00 110.01 ? 14  DT  D "C4'" 1 
ATOM   801 O  "O4'" . DT  D 4 5  ? 4.769   15.556  -14.440 1.00 105.72 ? 14  DT  D "O4'" 1 
ATOM   802 C  "C3'" . DT  D 4 5  ? 4.294   16.493  -16.582 1.00 119.31 ? 14  DT  D "C3'" 1 
ATOM   803 O  "O3'" . DT  D 4 5  ? 3.265   17.466  -16.544 1.00 124.71 ? 14  DT  D "O3'" 1 
ATOM   804 C  "C2'" . DT  D 4 5  ? 5.606   17.047  -16.028 1.00 109.80 ? 14  DT  D "C2'" 1 
ATOM   805 C  "C1'" . DT  D 4 5  ? 5.442   16.794  -14.538 1.00 101.09 ? 14  DT  D "C1'" 1 
ATOM   806 N  N1    . DT  D 4 5  ? 6.743   16.673  -13.818 1.00 94.91  ? 14  DT  D N1    1 
ATOM   807 C  C2    . DT  D 4 5  ? 6.847   17.104  -12.508 1.00 94.39  ? 14  DT  D C2    1 
ATOM   808 O  O2    . DT  D 4 5  ? 5.916   17.596  -11.890 1.00 92.06  ? 14  DT  D O2    1 
ATOM   809 N  N3    . DT  D 4 5  ? 8.097   16.928  -11.949 1.00 92.75  ? 14  DT  D N3    1 
ATOM   810 C  C4    . DT  D 4 5  ? 9.216   16.380  -12.560 1.00 92.42  ? 14  DT  D C4    1 
ATOM   811 O  O4    . DT  D 4 5  ? 10.295  16.262  -11.985 1.00 90.04  ? 14  DT  D O4    1 
ATOM   812 C  C5    . DT  D 4 5  ? 9.027   15.955  -13.926 1.00 87.12  ? 14  DT  D C5    1 
ATOM   813 C  C7    . DT  D 4 5  ? 10.166  15.348  -14.688 1.00 81.98  ? 14  DT  D C7    1 
ATOM   814 C  C6    . DT  D 4 5  ? 7.818   16.120  -14.479 1.00 89.12  ? 14  DT  D C6    1 
ATOM   815 P  P     . DG  D 4 6  ? 2.932   18.334  -17.852 1.00 128.28 ? 15  DG  D P     1 
ATOM   816 O  OP1   . DG  D 4 6  ? 1.555   17.995  -18.278 1.00 133.76 ? 15  DG  D OP1   1 
ATOM   817 O  OP2   . DG  D 4 6  ? 4.067   18.175  -18.791 1.00 112.65 ? 15  DG  D OP2   1 
ATOM   818 O  "O5'" . DG  D 4 6  ? 2.900   19.836  -17.314 1.00 119.19 ? 15  DG  D "O5'" 1 
ATOM   819 C  "C5'" . DG  D 4 6  ? 2.091   20.176  -16.200 1.00 107.37 ? 15  DG  D "C5'" 1 
ATOM   820 C  "C4'" . DG  D 4 6  ? 2.844   21.112  -15.283 1.00 104.27 ? 15  DG  D "C4'" 1 
ATOM   821 O  "O4'" . DG  D 4 6  ? 4.005   20.433  -14.783 1.00 107.41 ? 15  DG  D "O4'" 1 
ATOM   822 C  "C3'" . DG  D 4 6  ? 3.389   22.354  -15.967 1.00 111.14 ? 15  DG  D "C3'" 1 
ATOM   823 O  "O3'" . DG  D 4 6  ? 2.442   23.436  -15.880 1.00 122.09 ? 15  DG  D "O3'" 1 
ATOM   824 C  "C2'" . DG  D 4 6  ? 4.698   22.656  -15.223 1.00 104.45 ? 15  DG  D "C2'" 1 
ATOM   825 C  "C1'" . DG  D 4 6  ? 4.975   21.384  -14.417 1.00 102.91 ? 15  DG  D "C1'" 1 
ATOM   826 N  N9    . DG  D 4 6  ? 6.302   20.818  -14.662 1.00 99.29  ? 15  DG  D N9    1 
ATOM   827 C  C8    . DG  D 4 6  ? 6.780   20.309  -15.846 1.00 97.01  ? 15  DG  D C8    1 
ATOM   828 N  N7    . DG  D 4 6  ? 8.010   19.872  -15.764 1.00 95.56  ? 15  DG  D N7    1 
ATOM   829 C  C5    . DG  D 4 6  ? 8.368   20.104  -14.437 1.00 98.05  ? 15  DG  D C5    1 
ATOM   830 C  C6    . DG  D 4 6  ? 9.584   19.834  -13.755 1.00 90.11  ? 15  DG  D C6    1 
ATOM   831 O  O6    . DG  D 4 6  ? 10.617  19.320  -14.208 1.00 82.90  ? 15  DG  D O6    1 
ATOM   832 N  N1    . DG  D 4 6  ? 9.526   20.228  -12.410 1.00 89.14  ? 15  DG  D N1    1 
ATOM   833 C  C2    . DG  D 4 6  ? 8.425   20.810  -11.814 1.00 91.87  ? 15  DG  D C2    1 
ATOM   834 N  N2    . DG  D 4 6  ? 8.537   21.130  -10.512 1.00 87.25  ? 15  DG  D N2    1 
ATOM   835 N  N3    . DG  D 4 6  ? 7.284   21.063  -12.447 1.00 97.51  ? 15  DG  D N3    1 
ATOM   836 C  C4    . DG  D 4 6  ? 7.326   20.687  -13.749 1.00 99.72  ? 15  DG  D C4    1 
ATOM   837 P  P     . DC  D 4 7  ? 2.294   24.337  -14.550 1.00 140.66 ? 16  DC  D P     1 
ATOM   838 O  OP1   . DC  D 4 7  ? 2.412   23.483  -13.348 1.00 129.70 ? 16  DC  D OP1   1 
ATOM   839 O  OP2   . DC  D 4 7  ? 1.069   25.146  -14.742 1.00 125.06 ? 16  DC  D OP2   1 
ATOM   840 O  "O5'" . DC  D 4 7  ? 3.531   25.353  -14.612 1.00 118.65 ? 16  DC  D "O5'" 1 
ATOM   841 C  "C5'" . DC  D 4 7  ? 3.681   26.366  -13.617 1.00 108.79 ? 16  DC  D "C5'" 1 
ATOM   842 C  "C4'" . DC  D 4 7  ? 4.523   25.870  -12.451 1.00 102.23 ? 16  DC  D "C4'" 1 
ATOM   843 O  "O4'" . DC  D 4 7  ? 5.446   24.853  -12.909 1.00 102.38 ? 16  DC  D "O4'" 1 
ATOM   844 C  "C3'" . DC  D 4 7  ? 5.369   26.947  -11.764 1.00 93.30  ? 16  DC  D "C3'" 1 
ATOM   845 O  "O3'" . DC  D 4 7  ? 5.132   26.932  -10.365 1.00 87.85  ? 16  DC  D "O3'" 1 
ATOM   846 C  "C2'" . DC  D 4 7  ? 6.815   26.561  -12.100 1.00 92.85  ? 16  DC  D "C2'" 1 
ATOM   847 C  "C1'" . DC  D 4 7  ? 6.708   25.061  -12.324 1.00 95.45  ? 16  DC  D "C1'" 1 
ATOM   848 N  N1    . DC  D 4 7  ? 7.745   24.516  -13.255 1.00 95.25  ? 16  DC  D N1    1 
ATOM   849 C  C2    . DC  D 4 7  ? 9.001   24.134  -12.764 1.00 92.63  ? 16  DC  D C2    1 
ATOM   850 O  O2    . DC  D 4 7  ? 9.247   24.257  -11.557 1.00 94.20  ? 16  DC  D O2    1 
ATOM   851 N  N3    . DC  D 4 7  ? 9.920   23.640  -13.635 1.00 90.50  ? 16  DC  D N3    1 
ATOM   852 C  C4    . DC  D 4 7  ? 9.622   23.521  -14.932 1.00 92.85  ? 16  DC  D C4    1 
ATOM   853 N  N4    . DC  D 4 7  ? 10.560  23.025  -15.747 1.00 88.42  ? 16  DC  D N4    1 
ATOM   854 C  C5    . DC  D 4 7  ? 8.349   23.900  -15.446 1.00 96.38  ? 16  DC  D C5    1 
ATOM   855 C  C6    . DC  D 4 7  ? 7.454   24.391  -14.583 1.00 94.61  ? 16  DC  D C6    1 
HETATM 856 AS AS    . CAC E 5 .  ? 0.379   -0.909  10.274  1.00 173.34 ? 101 CAC A AS    1 
# 
loop_
_pdbx_poly_seq_scheme.asym_id 
_pdbx_poly_seq_scheme.entity_id 
_pdbx_poly_seq_scheme.seq_id 
_pdbx_poly_seq_scheme.mon_id 
_pdbx_poly_seq_scheme.ndb_seq_num 
_pdbx_poly_seq_scheme.pdb_seq_num 
_pdbx_poly_seq_scheme.auth_seq_num 
_pdbx_poly_seq_scheme.pdb_mon_id 
_pdbx_poly_seq_scheme.auth_mon_id 
_pdbx_poly_seq_scheme.pdb_strand_id 
_pdbx_poly_seq_scheme.pdb_ins_code 
_pdbx_poly_seq_scheme.hetero 
A 1 1  DG 1  1  1  DG DG A . n 
A 1 2  DA 2  2  2  DA DA A . n 
A 1 3  DG 3  3  3  DG DG A . n 
A 1 4  DC 4  4  4  DC DC A . n 
A 1 5  DA 5  5  5  DA DA A . n 
A 1 6  DG 6  6  6  DG DG A . n 
A 1 7  DA 7  7  7  DA DA A . n 
A 1 8  DC 8  8  8  DC DC A . n 
A 1 9  DA 9  9  9  DA DA A . n 
A 1 10 DT 10 10 10 DT DT A . n 
A 1 11 DG 11 11 11 DG DG A . n 
A 1 12 DA 12 12 12 DA DA A . n 
A 1 13 DC 13 13 13 DC DC A . n 
A 1 14 DG 14 14 14 DG DG A . n 
A 1 15 DT 15 15 15 DT DT A . n 
A 1 16 DC 16 16 16 DC DC A . n 
A 1 17 DA 17 17 17 DA DA A . n 
A 1 18 DC 18 18 18 DC DC A . n 
A 1 19 DT 19 19 19 DT DT A . n 
A 1 20 DC 20 20 20 DC DC A . n 
A 1 21 DA 21 21 21 DA DA A . n 
B 2 1  DA 1  0  0  DA DA B . n 
B 2 2  DC 2  1  1  DC DC B . n 
B 2 3  DG 3  2  2  DG DG B . n 
B 2 4  DT 4  3  3  DT DT B . n 
B 2 5  DC 5  4  4  DC DC B . n 
B 2 6  DA 6  5  5  DA DA B . n 
C 3 1  DT 1  1  1  DT DT C . n 
C 3 2  DC 2  2  2  DC DC C . n 
C 3 3  DT 3  3  3  DT DT C . n 
C 3 4  DG 4  4  4  DG DG C . n 
C 3 5  DA 5  5  5  DA DA C . n 
C 3 6  DG 6  6  6  DG DG C . n 
C 3 7  DT 7  7  7  DT DT C . n 
C 3 8  DG 8  8  8  DG DG C . n 
D 4 1  DT 1  10 10 DT DT D . n 
D 4 2  DG 2  11 11 DG DG D . n 
D 4 3  DT 3  12 12 DT DT D . n 
D 4 4  DC 4  13 13 DC DC D . n 
D 4 5  DT 5  14 14 DT DT D . n 
D 4 6  DG 6  15 15 DG DG D . n 
D 4 7  DC 7  16 16 DC DC D . n 
# 
_pdbx_nonpoly_scheme.asym_id         E 
_pdbx_nonpoly_scheme.entity_id       5 
_pdbx_nonpoly_scheme.mon_id          CAC 
_pdbx_nonpoly_scheme.ndb_seq_num     1 
_pdbx_nonpoly_scheme.pdb_seq_num     101 
_pdbx_nonpoly_scheme.auth_seq_num    1 
_pdbx_nonpoly_scheme.pdb_mon_id      CAC 
_pdbx_nonpoly_scheme.auth_mon_id     AS 
_pdbx_nonpoly_scheme.pdb_strand_id   A 
_pdbx_nonpoly_scheme.pdb_ins_code    . 
# 
_pdbx_struct_assembly.id                   1 
_pdbx_struct_assembly.details              author_and_software_defined_assembly 
_pdbx_struct_assembly.method_details       PISA 
_pdbx_struct_assembly.oligomeric_details   tetrameric 
_pdbx_struct_assembly.oligomeric_count     4 
# 
_pdbx_struct_assembly_gen.assembly_id       1 
_pdbx_struct_assembly_gen.oper_expression   1 
_pdbx_struct_assembly_gen.asym_id_list      A,B,C,D,E 
# 
loop_
_pdbx_struct_assembly_prop.biol_id 
_pdbx_struct_assembly_prop.type 
_pdbx_struct_assembly_prop.value 
_pdbx_struct_assembly_prop.details 
1 'ABSA (A^2)' 2410 ? 
1 MORE         -5   ? 
1 'SSA (A^2)'  7790 ? 
# 
_pdbx_struct_oper_list.id                   1 
_pdbx_struct_oper_list.type                 'identity operation' 
_pdbx_struct_oper_list.name                 1_555 
_pdbx_struct_oper_list.symmetry_operation   x,y,z 
_pdbx_struct_oper_list.matrix[1][1]         1.0000000000 
_pdbx_struct_oper_list.matrix[1][2]         0.0000000000 
_pdbx_struct_oper_list.matrix[1][3]         0.0000000000 
_pdbx_struct_oper_list.vector[1]            0.0000000000 
_pdbx_struct_oper_list.matrix[2][1]         0.0000000000 
_pdbx_struct_oper_list.matrix[2][2]         1.0000000000 
_pdbx_struct_oper_list.matrix[2][3]         0.0000000000 
_pdbx_struct_oper_list.vector[2]            0.0000000000 
_pdbx_struct_oper_list.matrix[3][1]         0.0000000000 
_pdbx_struct_oper_list.matrix[3][2]         0.0000000000 
_pdbx_struct_oper_list.matrix[3][3]         1.0000000000 
_pdbx_struct_oper_list.vector[3]            0.0000000000 
# 
loop_
_pdbx_audit_revision_history.ordinal 
_pdbx_audit_revision_history.data_content_type 
_pdbx_audit_revision_history.major_revision 
_pdbx_audit_revision_history.minor_revision 
_pdbx_audit_revision_history.revision_date 
1 'Structure model' 1 0 2021-07-14 
2 'Structure model' 1 1 2022-07-06 
3 'Structure model' 1 2 2023-10-18 
# 
_pdbx_audit_revision_details.ordinal             1 
_pdbx_audit_revision_details.revision_ordinal    1 
_pdbx_audit_revision_details.data_content_type   'Structure model' 
_pdbx_audit_revision_details.provider            repository 
_pdbx_audit_revision_details.type                'Initial release' 
_pdbx_audit_revision_details.description         ? 
_pdbx_audit_revision_details.details             ? 
# 
loop_
_pdbx_audit_revision_group.ordinal 
_pdbx_audit_revision_group.revision_ordinal 
_pdbx_audit_revision_group.data_content_type 
_pdbx_audit_revision_group.group 
1 2 'Structure model' 'Database references'    
2 3 'Structure model' 'Data collection'        
3 3 'Structure model' 'Refinement description' 
# 
loop_
_pdbx_audit_revision_category.ordinal 
_pdbx_audit_revision_category.revision_ordinal 
_pdbx_audit_revision_category.data_content_type 
_pdbx_audit_revision_category.category 
1 2 'Structure model' citation                      
2 2 'Structure model' citation_author               
3 2 'Structure model' database_2                    
4 3 'Structure model' chem_comp_atom                
5 3 'Structure model' chem_comp_bond                
6 3 'Structure model' pdbx_initial_refinement_model 
# 
loop_
_pdbx_audit_revision_item.ordinal 
_pdbx_audit_revision_item.revision_ordinal 
_pdbx_audit_revision_item.data_content_type 
_pdbx_audit_revision_item.item 
1  2 'Structure model' '_citation.country'                   
2  2 'Structure model' '_citation.journal_abbrev'            
3  2 'Structure model' '_citation.journal_id_CSD'            
4  2 'Structure model' '_citation.journal_id_ISSN'           
5  2 'Structure model' '_citation.journal_volume'            
6  2 'Structure model' '_citation.page_first'                
7  2 'Structure model' '_citation.page_last'                 
8  2 'Structure model' '_citation.pdbx_database_id_DOI'      
9  2 'Structure model' '_citation.pdbx_database_id_PubMed'   
10 2 'Structure model' '_citation.title'                     
11 2 'Structure model' '_citation.year'                      
12 2 'Structure model' '_database_2.pdbx_DOI'                
13 2 'Structure model' '_database_2.pdbx_database_accession' 
# 
loop_
_software.citation_id 
_software.classification 
_software.compiler_name 
_software.compiler_version 
_software.contact_author 
_software.contact_author_email 
_software.date 
_software.description 
_software.dependencies 
_software.hardware 
_software.language 
_software.location 
_software.mods 
_software.name 
_software.os 
_software.os_version 
_software.type 
_software.version 
_software.pdbx_ordinal 
? 'data reduction'  ? ? ? ? ? ? ? ? ? ? ? HKL-2000    ? ? ? .           1 
? 'data scaling'    ? ? ? ? ? ? ? ? ? ? ? HKL-2000    ? ? ? .           2 
? refinement        ? ? ? ? ? ? ? ? ? ? ? PHENIX      ? ? ? 1.11.1_2575 3 
? 'data extraction' ? ? ? ? ? ? ? ? ? ? ? PDB_EXTRACT ? ? ? 3.25        4 
? phasing           ? ? ? ? ? ? ? ? ? ? ? PHASER      ? ? ? .           5 
# 
_pdbx_entry_details.entry_id                 7JOJ 
_pdbx_entry_details.has_ligand_of_interest   N 
_pdbx_entry_details.compound_details         ? 
_pdbx_entry_details.source_details           ? 
_pdbx_entry_details.nonpolymer_details       ? 
_pdbx_entry_details.sequence_details         ? 
# 
_pdbx_validate_rmsd_bond.id                        1 
_pdbx_validate_rmsd_bond.PDB_model_num             1 
_pdbx_validate_rmsd_bond.auth_atom_id_1            "O3'" 
_pdbx_validate_rmsd_bond.auth_asym_id_1            B 
_pdbx_validate_rmsd_bond.auth_comp_id_1            DA 
_pdbx_validate_rmsd_bond.auth_seq_id_1             5 
_pdbx_validate_rmsd_bond.PDB_ins_code_1            ? 
_pdbx_validate_rmsd_bond.label_alt_id_1            ? 
_pdbx_validate_rmsd_bond.auth_atom_id_2            "C3'" 
_pdbx_validate_rmsd_bond.auth_asym_id_2            B 
_pdbx_validate_rmsd_bond.auth_comp_id_2            DA 
_pdbx_validate_rmsd_bond.auth_seq_id_2             5 
_pdbx_validate_rmsd_bond.PDB_ins_code_2            ? 
_pdbx_validate_rmsd_bond.label_alt_id_2            ? 
_pdbx_validate_rmsd_bond.bond_value                1.364 
_pdbx_validate_rmsd_bond.bond_target_value         1.419 
_pdbx_validate_rmsd_bond.bond_deviation            -0.055 
_pdbx_validate_rmsd_bond.bond_standard_deviation   0.006 
_pdbx_validate_rmsd_bond.linker_flag               N 
# 
_pdbx_validate_rmsd_angle.id                         1 
_pdbx_validate_rmsd_angle.PDB_model_num              1 
_pdbx_validate_rmsd_angle.auth_atom_id_1             "O4'" 
_pdbx_validate_rmsd_angle.auth_asym_id_1             C 
_pdbx_validate_rmsd_angle.auth_comp_id_1             DG 
_pdbx_validate_rmsd_angle.auth_seq_id_1              8 
_pdbx_validate_rmsd_angle.PDB_ins_code_1             ? 
_pdbx_validate_rmsd_angle.label_alt_id_1             ? 
_pdbx_validate_rmsd_angle.auth_atom_id_2             "C1'" 
_pdbx_validate_rmsd_angle.auth_asym_id_2             C 
_pdbx_validate_rmsd_angle.auth_comp_id_2             DG 
_pdbx_validate_rmsd_angle.auth_seq_id_2              8 
_pdbx_validate_rmsd_angle.PDB_ins_code_2             ? 
_pdbx_validate_rmsd_angle.label_alt_id_2             ? 
_pdbx_validate_rmsd_angle.auth_atom_id_3             N9 
_pdbx_validate_rmsd_angle.auth_asym_id_3             C 
_pdbx_validate_rmsd_angle.auth_comp_id_3             DG 
_pdbx_validate_rmsd_angle.auth_seq_id_3              8 
_pdbx_validate_rmsd_angle.PDB_ins_code_3             ? 
_pdbx_validate_rmsd_angle.label_alt_id_3             ? 
_pdbx_validate_rmsd_angle.angle_value                110.40 
_pdbx_validate_rmsd_angle.angle_target_value         108.30 
_pdbx_validate_rmsd_angle.angle_deviation            2.10 
_pdbx_validate_rmsd_angle.angle_standard_deviation   0.30 
_pdbx_validate_rmsd_angle.linker_flag                N 
# 
loop_
_pdbx_unobs_or_zero_occ_atoms.id 
_pdbx_unobs_or_zero_occ_atoms.PDB_model_num 
_pdbx_unobs_or_zero_occ_atoms.polymer_flag 
_pdbx_unobs_or_zero_occ_atoms.occupancy_flag 
_pdbx_unobs_or_zero_occ_atoms.auth_asym_id 
_pdbx_unobs_or_zero_occ_atoms.auth_comp_id 
_pdbx_unobs_or_zero_occ_atoms.auth_seq_id 
_pdbx_unobs_or_zero_occ_atoms.PDB_ins_code 
_pdbx_unobs_or_zero_occ_atoms.auth_atom_id 
_pdbx_unobs_or_zero_occ_atoms.label_alt_id 
_pdbx_unobs_or_zero_occ_atoms.label_asym_id 
_pdbx_unobs_or_zero_occ_atoms.label_comp_id 
_pdbx_unobs_or_zero_occ_atoms.label_seq_id 
_pdbx_unobs_or_zero_occ_atoms.label_atom_id 
1 1 N 1 A CAC 101 ? O1 ? E CAC 1 O1 
2 1 N 1 A CAC 101 ? O2 ? E CAC 1 O2 
3 1 N 1 A CAC 101 ? C1 ? E CAC 1 C1 
4 1 N 1 A CAC 101 ? C2 ? E CAC 1 C2 
# 
loop_
_chem_comp_atom.comp_id 
_chem_comp_atom.atom_id 
_chem_comp_atom.type_symbol 
_chem_comp_atom.pdbx_aromatic_flag 
_chem_comp_atom.pdbx_stereo_config 
_chem_comp_atom.pdbx_ordinal 
CAC AS     AS N N 1   
CAC O1     O  N N 2   
CAC O2     O  N N 3   
CAC C1     C  N N 4   
CAC C2     C  N N 5   
CAC H11    H  N N 6   
CAC H12    H  N N 7   
CAC H13    H  N N 8   
CAC H21    H  N N 9   
CAC H22    H  N N 10  
CAC H23    H  N N 11  
DA  OP3    O  N N 12  
DA  P      P  N N 13  
DA  OP1    O  N N 14  
DA  OP2    O  N N 15  
DA  "O5'"  O  N N 16  
DA  "C5'"  C  N N 17  
DA  "C4'"  C  N R 18  
DA  "O4'"  O  N N 19  
DA  "C3'"  C  N S 20  
DA  "O3'"  O  N N 21  
DA  "C2'"  C  N N 22  
DA  "C1'"  C  N R 23  
DA  N9     N  Y N 24  
DA  C8     C  Y N 25  
DA  N7     N  Y N 26  
DA  C5     C  Y N 27  
DA  C6     C  Y N 28  
DA  N6     N  N N 29  
DA  N1     N  Y N 30  
DA  C2     C  Y N 31  
DA  N3     N  Y N 32  
DA  C4     C  Y N 33  
DA  HOP3   H  N N 34  
DA  HOP2   H  N N 35  
DA  "H5'"  H  N N 36  
DA  "H5''" H  N N 37  
DA  "H4'"  H  N N 38  
DA  "H3'"  H  N N 39  
DA  "HO3'" H  N N 40  
DA  "H2'"  H  N N 41  
DA  "H2''" H  N N 42  
DA  "H1'"  H  N N 43  
DA  H8     H  N N 44  
DA  H61    H  N N 45  
DA  H62    H  N N 46  
DA  H2     H  N N 47  
DC  OP3    O  N N 48  
DC  P      P  N N 49  
DC  OP1    O  N N 50  
DC  OP2    O  N N 51  
DC  "O5'"  O  N N 52  
DC  "C5'"  C  N N 53  
DC  "C4'"  C  N R 54  
DC  "O4'"  O  N N 55  
DC  "C3'"  C  N S 56  
DC  "O3'"  O  N N 57  
DC  "C2'"  C  N N 58  
DC  "C1'"  C  N R 59  
DC  N1     N  N N 60  
DC  C2     C  N N 61  
DC  O2     O  N N 62  
DC  N3     N  N N 63  
DC  C4     C  N N 64  
DC  N4     N  N N 65  
DC  C5     C  N N 66  
DC  C6     C  N N 67  
DC  HOP3   H  N N 68  
DC  HOP2   H  N N 69  
DC  "H5'"  H  N N 70  
DC  "H5''" H  N N 71  
DC  "H4'"  H  N N 72  
DC  "H3'"  H  N N 73  
DC  "HO3'" H  N N 74  
DC  "H2'"  H  N N 75  
DC  "H2''" H  N N 76  
DC  "H1'"  H  N N 77  
DC  H41    H  N N 78  
DC  H42    H  N N 79  
DC  H5     H  N N 80  
DC  H6     H  N N 81  
DG  OP3    O  N N 82  
DG  P      P  N N 83  
DG  OP1    O  N N 84  
DG  OP2    O  N N 85  
DG  "O5'"  O  N N 86  
DG  "C5'"  C  N N 87  
DG  "C4'"  C  N R 88  
DG  "O4'"  O  N N 89  
DG  "C3'"  C  N S 90  
DG  "O3'"  O  N N 91  
DG  "C2'"  C  N N 92  
DG  "C1'"  C  N R 93  
DG  N9     N  Y N 94  
DG  C8     C  Y N 95  
DG  N7     N  Y N 96  
DG  C5     C  Y N 97  
DG  C6     C  N N 98  
DG  O6     O  N N 99  
DG  N1     N  N N 100 
DG  C2     C  N N 101 
DG  N2     N  N N 102 
DG  N3     N  N N 103 
DG  C4     C  Y N 104 
DG  HOP3   H  N N 105 
DG  HOP2   H  N N 106 
DG  "H5'"  H  N N 107 
DG  "H5''" H  N N 108 
DG  "H4'"  H  N N 109 
DG  "H3'"  H  N N 110 
DG  "HO3'" H  N N 111 
DG  "H2'"  H  N N 112 
DG  "H2''" H  N N 113 
DG  "H1'"  H  N N 114 
DG  H8     H  N N 115 
DG  H1     H  N N 116 
DG  H21    H  N N 117 
DG  H22    H  N N 118 
DT  OP3    O  N N 119 
DT  P      P  N N 120 
DT  OP1    O  N N 121 
DT  OP2    O  N N 122 
DT  "O5'"  O  N N 123 
DT  "C5'"  C  N N 124 
DT  "C4'"  C  N R 125 
DT  "O4'"  O  N N 126 
DT  "C3'"  C  N S 127 
DT  "O3'"  O  N N 128 
DT  "C2'"  C  N N 129 
DT  "C1'"  C  N R 130 
DT  N1     N  N N 131 
DT  C2     C  N N 132 
DT  O2     O  N N 133 
DT  N3     N  N N 134 
DT  C4     C  N N 135 
DT  O4     O  N N 136 
DT  C5     C  N N 137 
DT  C7     C  N N 138 
DT  C6     C  N N 139 
DT  HOP3   H  N N 140 
DT  HOP2   H  N N 141 
DT  "H5'"  H  N N 142 
DT  "H5''" H  N N 143 
DT  "H4'"  H  N N 144 
DT  "H3'"  H  N N 145 
DT  "HO3'" H  N N 146 
DT  "H2'"  H  N N 147 
DT  "H2''" H  N N 148 
DT  "H1'"  H  N N 149 
DT  H3     H  N N 150 
DT  H71    H  N N 151 
DT  H72    H  N N 152 
DT  H73    H  N N 153 
DT  H6     H  N N 154 
# 
loop_
_chem_comp_bond.comp_id 
_chem_comp_bond.atom_id_1 
_chem_comp_bond.atom_id_2 
_chem_comp_bond.value_order 
_chem_comp_bond.pdbx_aromatic_flag 
_chem_comp_bond.pdbx_stereo_config 
_chem_comp_bond.pdbx_ordinal 
CAC AS    O1     doub N N 1   
CAC AS    O2     sing N N 2   
CAC AS    C1     sing N N 3   
CAC AS    C2     sing N N 4   
CAC C1    H11    sing N N 5   
CAC C1    H12    sing N N 6   
CAC C1    H13    sing N N 7   
CAC C2    H21    sing N N 8   
CAC C2    H22    sing N N 9   
CAC C2    H23    sing N N 10  
DA  OP3   P      sing N N 11  
DA  OP3   HOP3   sing N N 12  
DA  P     OP1    doub N N 13  
DA  P     OP2    sing N N 14  
DA  P     "O5'"  sing N N 15  
DA  OP2   HOP2   sing N N 16  
DA  "O5'" "C5'"  sing N N 17  
DA  "C5'" "C4'"  sing N N 18  
DA  "C5'" "H5'"  sing N N 19  
DA  "C5'" "H5''" sing N N 20  
DA  "C4'" "O4'"  sing N N 21  
DA  "C4'" "C3'"  sing N N 22  
DA  "C4'" "H4'"  sing N N 23  
DA  "O4'" "C1'"  sing N N 24  
DA  "C3'" "O3'"  sing N N 25  
DA  "C3'" "C2'"  sing N N 26  
DA  "C3'" "H3'"  sing N N 27  
DA  "O3'" "HO3'" sing N N 28  
DA  "C2'" "C1'"  sing N N 29  
DA  "C2'" "H2'"  sing N N 30  
DA  "C2'" "H2''" sing N N 31  
DA  "C1'" N9     sing N N 32  
DA  "C1'" "H1'"  sing N N 33  
DA  N9    C8     sing Y N 34  
DA  N9    C4     sing Y N 35  
DA  C8    N7     doub Y N 36  
DA  C8    H8     sing N N 37  
DA  N7    C5     sing Y N 38  
DA  C5    C6     sing Y N 39  
DA  C5    C4     doub Y N 40  
DA  C6    N6     sing N N 41  
DA  C6    N1     doub Y N 42  
DA  N6    H61    sing N N 43  
DA  N6    H62    sing N N 44  
DA  N1    C2     sing Y N 45  
DA  C2    N3     doub Y N 46  
DA  C2    H2     sing N N 47  
DA  N3    C4     sing Y N 48  
DC  OP3   P      sing N N 49  
DC  OP3   HOP3   sing N N 50  
DC  P     OP1    doub N N 51  
DC  P     OP2    sing N N 52  
DC  P     "O5'"  sing N N 53  
DC  OP2   HOP2   sing N N 54  
DC  "O5'" "C5'"  sing N N 55  
DC  "C5'" "C4'"  sing N N 56  
DC  "C5'" "H5'"  sing N N 57  
DC  "C5'" "H5''" sing N N 58  
DC  "C4'" "O4'"  sing N N 59  
DC  "C4'" "C3'"  sing N N 60  
DC  "C4'" "H4'"  sing N N 61  
DC  "O4'" "C1'"  sing N N 62  
DC  "C3'" "O3'"  sing N N 63  
DC  "C3'" "C2'"  sing N N 64  
DC  "C3'" "H3'"  sing N N 65  
DC  "O3'" "HO3'" sing N N 66  
DC  "C2'" "C1'"  sing N N 67  
DC  "C2'" "H2'"  sing N N 68  
DC  "C2'" "H2''" sing N N 69  
DC  "C1'" N1     sing N N 70  
DC  "C1'" "H1'"  sing N N 71  
DC  N1    C2     sing N N 72  
DC  N1    C6     sing N N 73  
DC  C2    O2     doub N N 74  
DC  C2    N3     sing N N 75  
DC  N3    C4     doub N N 76  
DC  C4    N4     sing N N 77  
DC  C4    C5     sing N N 78  
DC  N4    H41    sing N N 79  
DC  N4    H42    sing N N 80  
DC  C5    C6     doub N N 81  
DC  C5    H5     sing N N 82  
DC  C6    H6     sing N N 83  
DG  OP3   P      sing N N 84  
DG  OP3   HOP3   sing N N 85  
DG  P     OP1    doub N N 86  
DG  P     OP2    sing N N 87  
DG  P     "O5'"  sing N N 88  
DG  OP2   HOP2   sing N N 89  
DG  "O5'" "C5'"  sing N N 90  
DG  "C5'" "C4'"  sing N N 91  
DG  "C5'" "H5'"  sing N N 92  
DG  "C5'" "H5''" sing N N 93  
DG  "C4'" "O4'"  sing N N 94  
DG  "C4'" "C3'"  sing N N 95  
DG  "C4'" "H4'"  sing N N 96  
DG  "O4'" "C1'"  sing N N 97  
DG  "C3'" "O3'"  sing N N 98  
DG  "C3'" "C2'"  sing N N 99  
DG  "C3'" "H3'"  sing N N 100 
DG  "O3'" "HO3'" sing N N 101 
DG  "C2'" "C1'"  sing N N 102 
DG  "C2'" "H2'"  sing N N 103 
DG  "C2'" "H2''" sing N N 104 
DG  "C1'" N9     sing N N 105 
DG  "C1'" "H1'"  sing N N 106 
DG  N9    C8     sing Y N 107 
DG  N9    C4     sing Y N 108 
DG  C8    N7     doub Y N 109 
DG  C8    H8     sing N N 110 
DG  N7    C5     sing Y N 111 
DG  C5    C6     sing N N 112 
DG  C5    C4     doub Y N 113 
DG  C6    O6     doub N N 114 
DG  C6    N1     sing N N 115 
DG  N1    C2     sing N N 116 
DG  N1    H1     sing N N 117 
DG  C2    N2     sing N N 118 
DG  C2    N3     doub N N 119 
DG  N2    H21    sing N N 120 
DG  N2    H22    sing N N 121 
DG  N3    C4     sing N N 122 
DT  OP3   P      sing N N 123 
DT  OP3   HOP3   sing N N 124 
DT  P     OP1    doub N N 125 
DT  P     OP2    sing N N 126 
DT  P     "O5'"  sing N N 127 
DT  OP2   HOP2   sing N N 128 
DT  "O5'" "C5'"  sing N N 129 
DT  "C5'" "C4'"  sing N N 130 
DT  "C5'" "H5'"  sing N N 131 
DT  "C5'" "H5''" sing N N 132 
DT  "C4'" "O4'"  sing N N 133 
DT  "C4'" "C3'"  sing N N 134 
DT  "C4'" "H4'"  sing N N 135 
DT  "O4'" "C1'"  sing N N 136 
DT  "C3'" "O3'"  sing N N 137 
DT  "C3'" "C2'"  sing N N 138 
DT  "C3'" "H3'"  sing N N 139 
DT  "O3'" "HO3'" sing N N 140 
DT  "C2'" "C1'"  sing N N 141 
DT  "C2'" "H2'"  sing N N 142 
DT  "C2'" "H2''" sing N N 143 
DT  "C1'" N1     sing N N 144 
DT  "C1'" "H1'"  sing N N 145 
DT  N1    C2     sing N N 146 
DT  N1    C6     sing N N 147 
DT  C2    O2     doub N N 148 
DT  C2    N3     sing N N 149 
DT  N3    C4     sing N N 150 
DT  N3    H3     sing N N 151 
DT  C4    O4     doub N N 152 
DT  C4    C5     sing N N 153 
DT  C5    C7     sing N N 154 
DT  C5    C6     doub N N 155 
DT  C7    H71    sing N N 156 
DT  C7    H72    sing N N 157 
DT  C7    H73    sing N N 158 
DT  C6    H6     sing N N 159 
# 
loop_
_ndb_struct_conf_na.entry_id 
_ndb_struct_conf_na.feature 
7JOJ 'double helix'        
7JOJ 'a-form double helix' 
7JOJ 'b-form double helix' 
# 
loop_
_ndb_struct_na_base_pair.model_number 
_ndb_struct_na_base_pair.i_label_asym_id 
_ndb_struct_na_base_pair.i_label_comp_id 
_ndb_struct_na_base_pair.i_label_seq_id 
_ndb_struct_na_base_pair.i_symmetry 
_ndb_struct_na_base_pair.j_label_asym_id 
_ndb_struct_na_base_pair.j_label_comp_id 
_ndb_struct_na_base_pair.j_label_seq_id 
_ndb_struct_na_base_pair.j_symmetry 
_ndb_struct_na_base_pair.shear 
_ndb_struct_na_base_pair.stretch 
_ndb_struct_na_base_pair.stagger 
_ndb_struct_na_base_pair.buckle 
_ndb_struct_na_base_pair.propeller 
_ndb_struct_na_base_pair.opening 
_ndb_struct_na_base_pair.pair_number 
_ndb_struct_na_base_pair.pair_name 
_ndb_struct_na_base_pair.i_auth_asym_id 
_ndb_struct_na_base_pair.i_auth_seq_id 
_ndb_struct_na_base_pair.i_PDB_ins_code 
_ndb_struct_na_base_pair.j_auth_asym_id 
_ndb_struct_na_base_pair.j_auth_seq_id 
_ndb_struct_na_base_pair.j_PDB_ins_code 
_ndb_struct_na_base_pair.hbond_type_28 
_ndb_struct_na_base_pair.hbond_type_12 
1 A DG 3  1_555 D DC 7 1_555 -0.171 -0.177 0.409  -0.271 -15.846 -1.406 1  A_DG3:DC16_D A 3  ? D 16 ? 19 1 
1 A DC 4  1_555 D DG 6 1_555 0.114  -0.016 0.454  -5.669 -12.414 1.394  2  A_DC4:DG15_D A 4  ? D 15 ? 19 1 
1 A DA 5  1_555 D DT 5 1_555 0.220  0.011  0.065  -9.157 -10.155 -5.301 3  A_DA5:DT14_D A 5  ? D 14 ? 20 1 
1 A DG 6  1_555 D DC 4 1_555 -0.189 -0.143 -0.311 -7.247 -4.927  -1.765 4  A_DG6:DC13_D A 6  ? D 13 ? 19 1 
1 A DA 7  1_555 D DT 3 1_555 0.236  -0.178 -0.393 -1.351 -1.832  -1.784 5  A_DA7:DT12_D A 7  ? D 12 ? 20 1 
1 A DC 8  1_555 D DG 2 1_555 0.219  -0.247 -0.416 3.052  -1.712  -0.952 6  A_DC8:DG11_D A 8  ? D 11 ? 19 1 
1 A DA 9  1_555 D DT 1 1_555 0.211  -0.136 0.632  6.164  -4.897  -3.676 7  A_DA9:DT10_D A 9  ? D 10 ? 20 1 
1 A DT 10 1_555 B DA 6 1_555 -1.965 0.239  0.535  6.846  -10.287 4.703  8  A_DT10:DA5_B A 10 ? B 5  ? ?  ? 
1 A DG 11 1_555 B DC 5 1_555 -0.132 -0.188 0.519  2.963  -3.863  -0.808 9  A_DG11:DC4_B A 11 ? B 4  ? 19 1 
1 A DA 12 1_555 B DT 4 1_555 0.302  -0.115 0.446  3.281  1.827   -6.480 10 A_DA12:DT3_B A 12 ? B 3  ? 20 1 
1 A DC 13 1_555 B DG 3 1_555 0.161  -0.256 0.570  0.050  -2.586  -2.075 11 A_DC13:DG2_B A 13 ? B 2  ? 19 1 
1 A DG 14 1_555 B DC 2 1_555 -0.213 -0.187 0.239  2.141  -4.044  0.261  12 A_DG14:DC1_B A 14 ? B 1  ? 19 1 
1 A DT 15 1_555 B DA 1 1_555 -0.239 -0.056 0.233  -1.102 -3.828  -3.727 13 A_DT15:DA0_B A 15 ? B 0  ? 20 1 
1 A DC 16 1_555 C DG 8 1_555 0.135  -0.022 0.354  -3.813 -4.045  2.357  14 A_DC16:DG8_C A 16 ? C 8  ? 19 1 
1 A DA 17 1_555 C DT 7 1_555 0.347  -0.296 0.978  4.094  -9.320  -6.078 15 A_DA17:DT7_C A 17 ? C 7  ? 20 1 
1 A DC 18 1_555 C DG 6 1_555 0.113  -0.218 0.579  -1.717 -5.865  -0.353 16 A_DC18:DG6_C A 18 ? C 6  ? 19 1 
1 A DT 19 1_555 C DA 5 1_555 -0.191 -0.145 0.018  -2.820 -9.140  -0.329 17 A_DT19:DA5_C A 19 ? C 5  ? 20 1 
1 A DC 20 1_555 C DG 4 1_555 0.210  -0.131 0.077  -1.164 -6.884  1.569  18 A_DC20:DG4_C A 20 ? C 4  ? 19 1 
1 A DA 21 1_555 C DT 3 1_555 0.104  -0.077 -0.275 -4.325 -11.683 2.726  19 A_DA21:DT3_C A 21 ? C 3  ? 20 1 
# 
loop_
_ndb_struct_na_base_pair_step.model_number 
_ndb_struct_na_base_pair_step.i_label_asym_id_1 
_ndb_struct_na_base_pair_step.i_label_comp_id_1 
_ndb_struct_na_base_pair_step.i_label_seq_id_1 
_ndb_struct_na_base_pair_step.i_symmetry_1 
_ndb_struct_na_base_pair_step.j_label_asym_id_1 
_ndb_struct_na_base_pair_step.j_label_comp_id_1 
_ndb_struct_na_base_pair_step.j_label_seq_id_1 
_ndb_struct_na_base_pair_step.j_symmetry_1 
_ndb_struct_na_base_pair_step.i_label_asym_id_2 
_ndb_struct_na_base_pair_step.i_label_comp_id_2 
_ndb_struct_na_base_pair_step.i_label_seq_id_2 
_ndb_struct_na_base_pair_step.i_symmetry_2 
_ndb_struct_na_base_pair_step.j_label_asym_id_2 
_ndb_struct_na_base_pair_step.j_label_comp_id_2 
_ndb_struct_na_base_pair_step.j_label_seq_id_2 
_ndb_struct_na_base_pair_step.j_symmetry_2 
_ndb_struct_na_base_pair_step.shift 
_ndb_struct_na_base_pair_step.slide 
_ndb_struct_na_base_pair_step.rise 
_ndb_struct_na_base_pair_step.tilt 
_ndb_struct_na_base_pair_step.roll 
_ndb_struct_na_base_pair_step.twist 
_ndb_struct_na_base_pair_step.x_displacement 
_ndb_struct_na_base_pair_step.y_displacement 
_ndb_struct_na_base_pair_step.helical_rise 
_ndb_struct_na_base_pair_step.inclination 
_ndb_struct_na_base_pair_step.tip 
_ndb_struct_na_base_pair_step.helical_twist 
_ndb_struct_na_base_pair_step.step_number 
_ndb_struct_na_base_pair_step.step_name 
_ndb_struct_na_base_pair_step.i_auth_asym_id_1 
_ndb_struct_na_base_pair_step.i_auth_seq_id_1 
_ndb_struct_na_base_pair_step.i_PDB_ins_code_1 
_ndb_struct_na_base_pair_step.j_auth_asym_id_1 
_ndb_struct_na_base_pair_step.j_auth_seq_id_1 
_ndb_struct_na_base_pair_step.j_PDB_ins_code_1 
_ndb_struct_na_base_pair_step.i_auth_asym_id_2 
_ndb_struct_na_base_pair_step.i_auth_seq_id_2 
_ndb_struct_na_base_pair_step.i_PDB_ins_code_2 
_ndb_struct_na_base_pair_step.j_auth_asym_id_2 
_ndb_struct_na_base_pair_step.j_auth_seq_id_2 
_ndb_struct_na_base_pair_step.j_PDB_ins_code_2 
1 A DG 3  1_555 D DC 7 1_555 A DC 4  1_555 D DG 6 1_555 0.036  -0.420 3.565 -0.853  -3.765 32.949 -0.042 -0.220 3.588 -6.610 1.497 
33.168 1  AA_DG3DC4:DG15DC16_DD A 3  ? D 16 ? A 4  ? D 15 ? 
1 A DC 4  1_555 D DG 6 1_555 A DA 5  1_555 D DT 5 1_555 -1.055 1.174  3.444 -3.497  0.273  37.292 1.790  1.153  3.533 0.425  5.453 
37.450 2  AA_DC4DA5:DT14DG15_DD A 4  ? D 15 ? A 5  ? D 14 ? 
1 A DA 5  1_555 D DT 5 1_555 A DG 6  1_555 D DC 4 1_555 -0.149 -0.214 3.272 -1.585  2.380  29.144 -0.938 -0.048 3.248 4.716  3.139 
29.281 3  AA_DA5DG6:DC13DT14_DD A 5  ? D 14 ? A 6  ? D 13 ? 
1 A DG 6  1_555 D DC 4 1_555 A DA 7  1_555 D DT 3 1_555 -0.074 -0.432 3.162 -1.213  3.056  39.569 -0.979 -0.027 3.122 4.505  1.789 
39.700 4  AA_DG6DA7:DT12DC13_DD A 6  ? D 13 ? A 7  ? D 12 ? 
1 A DA 7  1_555 D DT 3 1_555 A DC 8  1_555 D DG 2 1_555 0.480  -0.560 3.272 -2.864  1.839  31.331 -1.370 -1.412 3.180 3.393  5.283 
31.510 5  AA_DA7DC8:DG11DT12_DD A 7  ? D 12 ? A 8  ? D 11 ? 
1 A DC 8  1_555 D DG 2 1_555 A DA 9  1_555 D DT 1 1_555 -0.516 -1.268 3.033 -11.071 5.851  34.498 -2.758 -0.582 2.817 9.487  
17.951 36.635 6  AA_DC8DA9:DT10DG11_DD A 8  ? D 11 ? A 9  ? D 10 ? 
1 A DA 9  1_555 D DT 1 1_555 A DT 10 1_555 B DA 6 1_555 -0.647 -2.224 3.102 -1.372  0.530  15.709 -8.477 1.384  3.070 1.933  5.006 
15.777 7  AA_DA9DT10:DA5DT10_BD A 9  ? D 10 ? A 10 ? B 5  ? 
1 A DT 10 1_555 B DA 6 1_555 A DG 11 1_555 B DC 5 1_555 -0.242 0.564  3.507 -1.374  4.188  42.808 0.321  0.183  3.550 5.720  1.876 
43.024 8  AA_DT10DG11:DC4DA5_BB A 10 ? B 5  ? A 11 ? B 4  ? 
1 A DG 11 1_555 B DC 5 1_555 A DA 12 1_555 B DT 4 1_555 -0.095 -0.426 3.271 -2.060  -0.677 41.629 -0.527 -0.083 3.278 -0.951 2.896 
41.683 9  AA_DG11DA12:DT3DC4_BB A 11 ? B 4  ? A 12 ? B 3  ? 
1 A DA 12 1_555 B DT 4 1_555 A DC 13 1_555 B DG 3 1_555 0.745  -1.255 3.387 -2.083  1.447  29.617 -2.756 -1.897 3.264 2.824  4.066 
29.723 10 AA_DA12DC13:DG2DT3_BB A 12 ? B 3  ? A 13 ? B 2  ? 
1 A DC 13 1_555 B DG 3 1_555 A DG 14 1_555 B DC 2 1_555 -0.033 -1.168 3.040 1.446   6.414  30.377 -3.280 0.309  2.737 12.063 
-2.720 31.064 11 AA_DC13DG14:DC1DG2_BB A 13 ? B 2  ? A 14 ? B 1  ? 
1 A DG 14 1_555 B DC 2 1_555 A DT 15 1_555 B DA 1 1_555 0.013  -1.485 3.375 -0.906  -0.842 33.220 -2.451 -0.180 3.410 -1.473 1.584 
33.243 12 AA_DG14DT15:DA0DC1_BB A 14 ? B 1  ? A 15 ? B 0  ? 
1 A DT 15 1_555 B DA 1 1_555 A DC 16 1_555 C DG 8 1_555 -0.470 -1.035 3.297 -1.272  -0.509 30.314 -1.874 0.640  3.330 -0.972 2.431 
30.344 13 AA_DT15DC16:DG8DA0_CB A 15 ? B 0  ? A 16 ? C 8  ? 
1 A DC 16 1_555 C DG 8 1_555 A DA 17 1_555 C DT 7 1_555 -0.794 0.318  3.177 -5.825  5.771  37.006 -0.249 0.478  3.271 8.957  9.041 
37.872 14 AA_DC16DA17:DT7DG8_CC A 16 ? C 8  ? A 17 ? C 7  ? 
1 A DA 17 1_555 C DT 7 1_555 A DC 18 1_555 C DG 6 1_555 0.448  -1.224 3.302 1.251   -1.570 31.193 -1.969 -0.589 3.373 -2.915 
-2.323 31.256 15 AA_DA17DC18:DG6DT7_CC A 17 ? C 7  ? A 18 ? C 6  ? 
1 A DC 18 1_555 C DG 6 1_555 A DT 19 1_555 C DA 5 1_555 -0.584 -1.302 3.240 3.983   -1.178 34.858 -1.984 1.557  3.197 -1.958 
-6.619 35.097 16 AA_DC18DT19:DA5DG6_CC A 18 ? C 6  ? A 19 ? C 5  ? 
1 A DT 19 1_555 C DA 5 1_555 A DC 20 1_555 C DG 4 1_555 0.209  0.411  3.228 0.400   4.401  35.061 0.031  -0.285 3.256 7.270  
-0.661 35.330 17 AA_DT19DC20:DG4DA5_CC A 19 ? C 5  ? A 20 ? C 4  ? 
1 A DC 20 1_555 C DG 4 1_555 A DA 21 1_555 C DT 3 1_555 -0.497 2.190  3.589 -0.268  -1.951 40.256 3.417  0.689  3.487 -2.833 0.389 
40.303 18 AA_DC20DA21:DT3DG4_CC A 20 ? C 4  ? A 21 ? C 3  ? 
# 
loop_
_pdbx_audit_support.funding_organization 
_pdbx_audit_support.country 
_pdbx_audit_support.grant_number 
_pdbx_audit_support.ordinal 
'National Science Foundation (NSF, United States)'                                         'United States' 1360635     1 
'National Institutes of Health/National Institute of General Medical Sciences (NIH/NIGMS)' 'United States' R01GM104960 2 
'National Science Foundation (NSF, United States)'                                         'United States' NSF2004250  3 
# 
_pdbx_entity_nonpoly.entity_id   5 
_pdbx_entity_nonpoly.name        'CACODYLATE ION' 
_pdbx_entity_nonpoly.comp_id     CAC 
# 
_pdbx_initial_refinement_model.id               1 
_pdbx_initial_refinement_model.entity_id_list   ? 
_pdbx_initial_refinement_model.type             'experimental model' 
_pdbx_initial_refinement_model.source_name      PDB 
_pdbx_initial_refinement_model.accession_code   5VY6 
_pdbx_initial_refinement_model.details          ? 
# 
_pdbx_struct_assembly_auth_evidence.id                     1 
_pdbx_struct_assembly_auth_evidence.assembly_id            1 
_pdbx_struct_assembly_auth_evidence.experimental_support   none 
_pdbx_struct_assembly_auth_evidence.details                ? 
# 
